data_9HLS
#
_entry.id   9HLS
#
_cell.length_a   150.435
_cell.length_b   194.282
_cell.length_c   94.866
_cell.angle_alpha   90.000
_cell.angle_beta   91.263
_cell.angle_gamma   90.000
#
_symmetry.space_group_name_H-M   'C 1 2 1'
#
loop_
_entity.id
_entity.type
_entity.pdbx_description
1 polymer 'Virion membrane protein OPG143'
2 polymer 'Entry-fusion complex protein OPG094'
3 polymer 'VHH D07'
4 polymer 'VHH B01'
5 polymer 'VHH C05'
6 non-polymer 'POTASSIUM ION'
7 non-polymer 'PHOSPHATE ION'
8 water water
#
loop_
_entity_poly.entity_id
_entity_poly.type
_entity_poly.pdbx_seq_one_letter_code
_entity_poly.pdbx_strand_id
1 'polypeptide(L)'
;MKLCILLAVVAFVGLSLGRSAAAVTLNRIKIAPGIADIRDKYMELGFNYPEYNRAVKFAEESYTYYYETSPGEIKPKFCL
IDGMSIDHCSSFIVPEFAKQYVLIHGEPCSSFKFRPGSLIYYQNEVTPEYIKDLKHATDYIASGQRCHFIKKDYLLGDSD
SVAKCCSKTNTKHCPKIFNNNYKTEHCDDFMTGFCRNDPGNPNCLEWLRAKRKPAMSTYSDICSKHMDARYCSEFIRIIR
PDYFTFGDTALYVFCNDHKGNRNCWCANYPKSNSGDKYLGPRVCWLHECTDESRDRKWLYYNQDVQRTRCKYVGGSGLVP
RGSGGSGGSHHHHHHHHGGSGTGGLNDIFEAQKIEWHE
;
A,F
2 'polypeptide(L)'
;MKLCILLAVVAFVGLSLGAGGVSVELPKRDPPPGVPTDEMLLNVDKMHDVIAPAKLLEYVHIGPLAKDKEDKVKKRYPEF
RLVNTGPGGLSALLRQSYAGTAPNCCRTFQRTHYWKKDGKISDKYEEGAVLESCWPDVHDTGKCDVDLFDWCQGDTFDRN
ICHQWIGSAFNRADRTVEGQQSLINLYNKMQTLCSKDASVPICESFLHHLRAHNTEDSKEMIDYILRQQSADFKQKYMRC
SYPTRDKLEESLKYAEPRECWDPECSNANVNFLLTRNYNNLGLCNIVRGSGLVPRGSLEDDDDKAGWSHPQFEKGGGSGG
GSGGGSWSHPQFEK
;
B,G
3 'polypeptide(L)'
;MGEVQLQASGGGLVQPGGSLRLSCAASGIVFSNNRMSWYRQAPGKQREVVATITSGGATDYQDSVEGRFTISRDMAKNTV
YLQMNSLKPEDTAVYFCNARRDNFATAIYWGQGTQVTVSSLEHHHHHHHHGSGLVPRGSGLNDIFEAQKIEWHE
;
C,H
4 'polypeptide(L)'
;MGEVQLAESGGGLVEPGGSLRLSCAASGRIFSINYMGWGRQAPGKQRELVATITSGGSTNYVDSVKGRFTISRDNAKNTV
YLQMNSLKPEDTAVYYCNANIRSTPWSSEDSWGQGTQVTVSSLEHHHHHHHHGSGLVPRGSGLNDIFEAQKIEWHE
;
D,I
5 'polypeptide(L)'
;MGDVQLVESGGGLVQAGGSLGLSCAASGTIFAVNTMGWYRQAPGKQREMVATSSYYGRTNYADSAKGRFTISRDNAKNTV
YLQMNSLKPEDTAVYYCNYERVAFGSARETYWGQGTQVTVSSLEHHHHHHHHGSGLVPRGSGLNDIFEAQKIEWHE
;
J,E
#
loop_
_chem_comp.id
_chem_comp.type
_chem_comp.name
_chem_comp.formula
K non-polymer 'POTASSIUM ION' 'K 1'
PO4 non-polymer 'PHOSPHATE ION' 'O4 P -3'
#
# COMPACT_ATOMS: atom_id res chain seq x y z
N VAL A 24 21.42 -65.82 27.46
CA VAL A 24 22.78 -65.50 27.88
C VAL A 24 23.73 -65.55 26.70
N THR A 25 23.75 -66.69 26.01
CA THR A 25 24.63 -66.90 24.87
C THR A 25 23.87 -67.60 23.76
N LEU A 26 24.07 -67.14 22.53
CA LEU A 26 23.40 -67.69 21.36
C LEU A 26 24.34 -68.63 20.62
N ASN A 27 23.79 -69.74 20.13
CA ASN A 27 24.58 -70.69 19.37
C ASN A 27 23.82 -71.34 18.22
N ARG A 28 22.55 -71.01 18.00
CA ARG A 28 21.80 -71.56 16.88
C ARG A 28 20.81 -70.51 16.41
N ILE A 29 21.03 -69.95 15.23
CA ILE A 29 20.09 -68.99 14.65
C ILE A 29 19.80 -69.42 13.22
N LYS A 30 18.54 -69.35 12.82
CA LYS A 30 18.15 -69.78 11.49
C LYS A 30 16.90 -69.03 11.06
N ILE A 31 16.71 -68.88 9.76
CA ILE A 31 15.50 -68.31 9.20
C ILE A 31 14.80 -69.40 8.40
N ALA A 32 13.66 -69.88 8.91
CA ALA A 32 12.80 -70.87 8.28
C ALA A 32 11.66 -70.20 7.53
N PRO A 33 11.26 -70.77 6.39
CA PRO A 33 10.19 -70.15 5.59
C PRO A 33 8.85 -70.14 6.31
N GLY A 34 7.84 -69.52 5.69
CA GLY A 34 6.53 -69.39 6.28
C GLY A 34 5.44 -69.93 5.37
N ILE A 35 4.22 -69.84 5.87
CA ILE A 35 3.04 -70.33 5.16
C ILE A 35 2.19 -69.14 4.74
N ALA A 36 1.54 -69.26 3.57
CA ALA A 36 0.59 -68.28 3.05
C ALA A 36 1.25 -66.97 2.65
N ASP A 37 1.93 -66.31 3.59
CA ASP A 37 2.56 -65.01 3.33
C ASP A 37 4.06 -65.16 3.16
N ILE A 38 4.58 -64.58 2.08
CA ILE A 38 6.03 -64.57 1.87
C ILE A 38 6.71 -63.70 2.91
N ARG A 39 6.02 -62.67 3.39
CA ARG A 39 6.60 -61.79 4.41
C ARG A 39 6.78 -62.53 5.73
N ASP A 40 5.85 -63.42 6.06
CA ASP A 40 5.94 -64.15 7.33
C ASP A 40 7.03 -65.21 7.25
N LYS A 41 8.06 -65.08 8.09
CA LYS A 41 9.12 -66.05 8.24
C LYS A 41 9.21 -66.42 9.71
N TYR A 42 10.07 -67.39 10.04
CA TYR A 42 10.23 -67.84 11.40
C TYR A 42 11.71 -67.79 11.76
N MET A 43 12.05 -66.96 12.75
CA MET A 43 13.42 -66.86 13.25
C MET A 43 13.57 -67.93 14.32
N GLU A 44 14.23 -69.02 13.96
CA GLU A 44 14.54 -70.10 14.90
C GLU A 44 15.72 -69.70 15.77
N LEU A 45 15.48 -69.60 17.08
CA LEU A 45 16.46 -69.20 18.08
C LEU A 45 16.69 -70.36 19.04
N GLY A 46 17.95 -70.73 19.20
CA GLY A 46 18.38 -71.72 20.16
C GLY A 46 19.63 -71.25 20.87
N PHE A 47 19.56 -71.13 22.20
CA PHE A 47 20.63 -70.59 23.00
C PHE A 47 21.32 -71.69 23.78
N ASN A 48 22.40 -71.33 24.48
CA ASN A 48 23.10 -72.28 25.33
C ASN A 48 22.18 -72.83 26.40
N TYR A 49 21.35 -71.97 26.98
CA TYR A 49 20.31 -72.40 27.90
C TYR A 49 19.03 -72.64 27.11
N PRO A 50 18.52 -73.87 27.05
CA PRO A 50 17.28 -74.11 26.28
C PRO A 50 16.08 -73.39 26.85
N GLU A 51 16.28 -72.70 27.97
CA GLU A 51 15.21 -71.90 28.56
C GLU A 51 14.70 -70.86 27.56
N TYR A 52 15.61 -70.10 26.95
CA TYR A 52 15.28 -69.22 25.85
C TYR A 52 15.56 -69.98 24.55
N ASN A 53 14.49 -70.45 23.90
CA ASN A 53 14.64 -71.27 22.71
C ASN A 53 13.31 -71.40 21.98
N ARG A 54 13.08 -70.54 20.97
CA ARG A 54 11.79 -70.49 20.32
C ARG A 54 11.95 -70.20 18.84
N ALA A 55 10.92 -70.52 18.06
CA ALA A 55 10.86 -70.17 16.65
C ALA A 55 9.90 -68.98 16.53
N VAL A 56 10.44 -67.79 16.72
CA VAL A 56 9.62 -66.58 16.78
C VAL A 56 9.17 -66.20 15.38
N LYS A 57 7.86 -66.09 15.17
CA LYS A 57 7.32 -65.69 13.89
C LYS A 57 7.51 -64.19 13.70
N PHE A 58 8.17 -63.79 12.61
CA PHE A 58 8.40 -62.38 12.34
C PHE A 58 8.07 -62.08 10.88
N ALA A 59 7.56 -60.88 10.64
CA ALA A 59 7.19 -60.46 9.30
C ALA A 59 8.10 -59.33 8.85
N GLU A 60 8.39 -59.32 7.54
CA GLU A 60 9.18 -58.26 6.92
C GLU A 60 8.37 -57.73 5.74
N GLU A 61 7.85 -56.51 5.88
CA GLU A 61 7.00 -55.94 4.86
C GLU A 61 7.75 -55.79 3.54
N SER A 62 7.14 -56.29 2.46
CA SER A 62 7.73 -56.19 1.14
C SER A 62 6.75 -55.63 0.11
N TYR A 63 5.58 -55.16 0.55
CA TYR A 63 4.60 -54.60 -0.37
C TYR A 63 4.83 -53.10 -0.54
N THR A 64 4.39 -52.58 -1.68
CA THR A 64 4.31 -51.15 -1.94
C THR A 64 2.81 -50.85 -2.02
N TYR A 65 2.24 -50.44 -0.89
CA TYR A 65 0.79 -50.34 -0.77
C TYR A 65 0.23 -49.27 -1.68
N TYR A 66 -0.68 -49.68 -2.57
CA TYR A 66 -1.50 -48.78 -3.36
C TYR A 66 -2.95 -48.82 -2.92
N TYR A 67 -3.25 -49.53 -1.85
CA TYR A 67 -4.61 -49.70 -1.34
C TYR A 67 -4.58 -49.65 0.18
N GLU A 68 -5.76 -49.69 0.78
CA GLU A 68 -5.89 -49.70 2.24
C GLU A 68 -6.01 -51.14 2.73
N THR A 69 -5.22 -51.46 3.76
CA THR A 69 -5.32 -52.77 4.40
C THR A 69 -6.69 -52.94 5.01
N SER A 70 -6.98 -52.19 6.07
CA SER A 70 -8.30 -52.08 6.67
C SER A 70 -8.97 -50.80 6.20
N PRO A 71 -10.31 -50.71 6.30
CA PRO A 71 -11.01 -49.54 5.78
C PRO A 71 -10.54 -48.24 6.44
N GLY A 72 -9.95 -47.37 5.63
CA GLY A 72 -9.53 -46.06 6.08
C GLY A 72 -8.11 -45.95 6.58
N GLU A 73 -7.37 -47.05 6.64
CA GLU A 73 -6.04 -47.01 7.22
C GLU A 73 -5.13 -48.01 6.53
N ILE A 74 -3.82 -47.80 6.71
CA ILE A 74 -2.77 -48.67 6.17
C ILE A 74 -1.84 -49.06 7.31
N LYS A 75 -1.65 -50.36 7.50
CA LYS A 75 -0.77 -50.87 8.55
C LYS A 75 0.27 -51.80 7.95
N PRO A 76 1.38 -51.25 7.48
CA PRO A 76 2.46 -52.12 6.97
C PRO A 76 3.06 -52.96 8.08
N LYS A 77 3.44 -54.20 7.74
CA LYS A 77 4.04 -55.10 8.71
C LYS A 77 5.47 -54.66 9.01
N PHE A 78 5.62 -53.58 9.76
CA PHE A 78 6.92 -52.99 10.06
C PHE A 78 6.86 -52.40 11.46
N CYS A 79 7.83 -52.75 12.30
CA CYS A 79 7.89 -52.26 13.67
C CYS A 79 8.90 -51.12 13.73
N LEU A 80 8.39 -49.89 13.72
CA LEU A 80 9.23 -48.71 13.83
C LEU A 80 9.87 -48.68 15.22
N ILE A 81 11.18 -48.95 15.27
CA ILE A 81 11.89 -48.99 16.53
C ILE A 81 12.04 -47.57 17.07
N ASP A 82 12.07 -47.45 18.40
CA ASP A 82 12.31 -46.16 19.04
C ASP A 82 13.66 -45.61 18.59
N GLY A 83 13.68 -44.33 18.22
CA GLY A 83 14.86 -43.69 17.70
C GLY A 83 15.04 -43.81 16.20
N MET A 84 14.40 -44.79 15.57
CA MET A 84 14.46 -44.94 14.14
C MET A 84 13.62 -43.85 13.46
N SER A 85 14.11 -43.35 12.33
CA SER A 85 13.38 -42.32 11.60
C SER A 85 12.04 -42.85 11.11
N ILE A 86 11.07 -41.94 11.03
CA ILE A 86 9.69 -42.33 10.75
C ILE A 86 9.44 -42.44 9.25
N ASP A 87 10.51 -42.33 8.45
CA ASP A 87 10.37 -42.49 7.01
C ASP A 87 10.39 -43.95 6.58
N HIS A 88 10.82 -44.86 7.45
CA HIS A 88 10.82 -46.27 7.08
C HIS A 88 9.42 -46.84 7.08
N CYS A 89 8.49 -46.26 7.84
CA CYS A 89 7.11 -46.70 7.80
C CYS A 89 6.46 -46.38 6.46
N SER A 90 6.73 -45.18 5.93
CA SER A 90 6.14 -44.74 4.68
C SER A 90 6.90 -45.22 3.46
N SER A 91 7.93 -46.05 3.63
CA SER A 91 8.65 -46.63 2.50
C SER A 91 7.95 -47.84 1.91
N PHE A 92 6.70 -48.09 2.28
CA PHE A 92 5.93 -49.21 1.77
C PHE A 92 4.62 -48.76 1.12
N ILE A 93 4.51 -47.48 0.79
CA ILE A 93 3.30 -46.93 0.19
C ILE A 93 3.69 -46.23 -1.11
N VAL A 94 2.77 -46.28 -2.08
CA VAL A 94 2.98 -45.53 -3.32
C VAL A 94 3.06 -44.03 -2.99
N PRO A 95 4.04 -43.30 -3.51
CA PRO A 95 4.17 -41.88 -3.13
C PRO A 95 2.93 -41.07 -3.42
N GLU A 96 2.34 -41.22 -4.61
CA GLU A 96 1.10 -40.51 -4.93
C GLU A 96 -0.03 -40.93 -4.00
N PHE A 97 -0.02 -42.19 -3.56
CA PHE A 97 -1.07 -42.68 -2.66
C PHE A 97 -0.84 -42.24 -1.22
N ALA A 98 0.41 -42.08 -0.81
CA ALA A 98 0.76 -41.78 0.57
C ALA A 98 0.70 -40.29 0.89
N LYS A 99 0.01 -39.49 0.07
CA LYS A 99 -0.04 -38.06 0.33
C LYS A 99 -1.19 -37.66 1.25
N GLN A 100 -2.34 -38.32 1.13
CA GLN A 100 -3.49 -38.01 1.95
C GLN A 100 -3.51 -38.79 3.25
N TYR A 101 -2.42 -39.48 3.60
CA TYR A 101 -2.37 -40.33 4.77
C TYR A 101 -1.38 -39.77 5.80
N VAL A 102 -1.79 -39.79 7.06
CA VAL A 102 -0.96 -39.31 8.16
C VAL A 102 -0.58 -40.49 9.04
N LEU A 103 0.63 -40.42 9.61
CA LEU A 103 1.14 -41.47 10.47
C LEU A 103 0.80 -41.14 11.92
N ILE A 104 0.13 -42.07 12.61
CA ILE A 104 -0.24 -41.87 14.00
C ILE A 104 0.51 -42.90 14.85
N HIS A 105 0.27 -42.89 16.16
CA HIS A 105 0.92 -43.85 17.04
C HIS A 105 0.36 -45.25 16.81
N GLY A 106 1.22 -46.25 16.99
CA GLY A 106 0.87 -47.63 16.76
C GLY A 106 1.01 -48.48 18.02
N GLU A 107 0.61 -49.74 17.86
CA GLU A 107 0.65 -50.67 18.99
C GLU A 107 2.10 -51.04 19.31
N PRO A 108 2.43 -51.24 20.59
CA PRO A 108 3.80 -51.61 20.95
C PRO A 108 4.19 -52.95 20.35
N CYS A 109 5.33 -52.98 19.66
CA CYS A 109 5.86 -54.16 19.02
C CYS A 109 7.34 -54.29 19.32
N SER A 110 7.94 -55.38 18.84
CA SER A 110 9.35 -55.66 19.04
C SER A 110 9.97 -56.11 17.73
N SER A 111 11.24 -55.75 17.55
CA SER A 111 11.98 -56.05 16.34
C SER A 111 13.34 -56.61 16.72
N PHE A 112 13.93 -57.38 15.81
CA PHE A 112 15.29 -57.84 16.02
C PHE A 112 16.26 -56.69 15.83
N LYS A 113 17.20 -56.54 16.77
CA LYS A 113 18.13 -55.42 16.69
C LYS A 113 19.12 -55.60 15.54
N PHE A 114 19.53 -56.83 15.28
CA PHE A 114 20.38 -57.12 14.13
C PHE A 114 19.61 -57.09 12.82
N ARG A 115 18.28 -57.12 12.87
CA ARG A 115 17.44 -57.04 11.67
C ARG A 115 16.31 -56.05 11.97
N PRO A 116 16.64 -54.76 12.04
CA PRO A 116 15.65 -53.78 12.51
C PRO A 116 14.50 -53.62 11.53
N GLY A 117 13.35 -53.24 12.09
CA GLY A 117 12.13 -53.09 11.32
C GLY A 117 11.28 -54.33 11.23
N SER A 118 11.79 -55.49 11.62
CA SER A 118 11.01 -56.71 11.59
C SER A 118 9.87 -56.64 12.60
N LEU A 119 8.76 -57.28 12.28
CA LEU A 119 7.57 -57.27 13.12
C LEU A 119 7.44 -58.65 13.76
N ILE A 120 7.85 -58.74 15.03
CA ILE A 120 7.78 -60.01 15.76
C ILE A 120 6.34 -60.26 16.18
N TYR A 121 5.79 -61.40 15.77
CA TYR A 121 4.43 -61.77 16.12
C TYR A 121 4.41 -62.57 17.41
N TYR A 122 3.42 -62.28 18.25
CA TYR A 122 3.24 -62.99 19.52
C TYR A 122 2.31 -64.16 19.26
N GLN A 123 2.87 -65.33 19.01
CA GLN A 123 2.11 -66.53 18.74
C GLN A 123 2.70 -67.69 19.52
N ASN A 124 1.89 -68.73 19.71
CA ASN A 124 2.31 -69.93 20.42
C ASN A 124 2.87 -69.58 21.80
N GLU A 125 4.13 -69.94 22.04
CA GLU A 125 4.80 -69.62 23.30
C GLU A 125 5.60 -68.32 23.24
N VAL A 126 5.47 -67.55 22.17
CA VAL A 126 6.14 -66.26 22.07
C VAL A 126 5.31 -65.21 22.79
N THR A 127 5.34 -65.25 24.10
CA THR A 127 4.61 -64.31 24.95
C THR A 127 5.42 -63.04 25.15
N PRO A 128 4.76 -61.90 25.38
CA PRO A 128 5.51 -60.68 25.71
C PRO A 128 6.44 -60.83 26.90
N GLU A 129 6.13 -61.72 27.85
CA GLU A 129 7.06 -61.99 28.94
C GLU A 129 8.37 -62.56 28.40
N TYR A 130 8.29 -63.44 27.40
CA TYR A 130 9.51 -63.94 26.77
C TYR A 130 10.27 -62.84 26.04
N ILE A 131 9.56 -61.87 25.47
CA ILE A 131 10.23 -60.73 24.84
C ILE A 131 10.97 -59.92 25.88
N LYS A 132 10.36 -59.68 27.05
CA LYS A 132 11.04 -58.98 28.12
C LYS A 132 12.26 -59.75 28.61
N ASP A 133 12.14 -61.07 28.68
CA ASP A 133 13.28 -61.90 29.09
C ASP A 133 14.42 -61.79 28.08
N LEU A 134 14.09 -61.82 26.79
CA LEU A 134 15.12 -61.66 25.76
C LEU A 134 15.78 -60.30 25.85
N LYS A 135 14.99 -59.26 26.11
CA LYS A 135 15.57 -57.92 26.25
C LYS A 135 16.53 -57.86 27.43
N HIS A 136 16.10 -58.36 28.59
CA HIS A 136 16.94 -58.27 29.77
C HIS A 136 18.12 -59.24 29.74
N ALA A 137 18.11 -60.22 28.83
CA ALA A 137 19.21 -61.17 28.74
C ALA A 137 20.15 -60.90 27.58
N THR A 138 19.65 -60.42 26.45
CA THR A 138 20.47 -60.13 25.28
C THR A 138 20.00 -58.84 24.63
N ASP A 139 20.88 -58.24 23.83
CA ASP A 139 20.54 -57.08 23.02
C ASP A 139 20.06 -57.46 21.64
N TYR A 140 19.51 -58.66 21.47
CA TYR A 140 19.02 -59.13 20.19
C TYR A 140 17.66 -58.55 19.82
N ILE A 141 17.09 -57.67 20.62
CA ILE A 141 15.74 -57.16 20.39
C ILE A 141 15.69 -55.68 20.77
N ALA A 142 14.74 -54.98 20.15
CA ALA A 142 14.51 -53.57 20.42
C ALA A 142 13.02 -53.28 20.27
N SER A 143 12.49 -52.45 21.17
CA SER A 143 11.07 -52.17 21.21
C SER A 143 10.72 -51.02 20.27
N GLY A 144 9.44 -50.91 19.97
CA GLY A 144 8.97 -49.83 19.11
C GLY A 144 7.47 -49.88 18.97
N GLN A 145 6.96 -49.24 17.92
CA GLN A 145 5.53 -49.18 17.67
C GLN A 145 5.22 -49.53 16.22
N ARG A 146 4.03 -50.06 16.00
CA ARG A 146 3.61 -50.50 14.67
C ARG A 146 3.33 -49.30 13.78
N CYS A 147 3.73 -49.40 12.52
CA CYS A 147 3.39 -48.37 11.54
C CYS A 147 1.89 -48.32 11.34
N HIS A 148 1.30 -47.15 11.54
CA HIS A 148 -0.16 -47.00 11.48
C HIS A 148 -0.49 -45.69 10.75
N PHE A 149 -0.80 -45.78 9.47
CA PHE A 149 -1.24 -44.64 8.69
C PHE A 149 -2.76 -44.66 8.58
N ILE A 150 -3.36 -43.47 8.64
CA ILE A 150 -4.79 -43.31 8.46
C ILE A 150 -5.04 -42.19 7.46
N LYS A 151 -6.08 -42.35 6.65
CA LYS A 151 -6.38 -41.39 5.60
C LYS A 151 -7.01 -40.13 6.18
N LYS A 152 -6.58 -38.98 5.68
CA LYS A 152 -7.19 -37.71 6.04
C LYS A 152 -7.53 -36.91 4.79
N ASP A 153 -6.57 -36.14 4.29
CA ASP A 153 -6.74 -35.34 3.08
C ASP A 153 -5.39 -34.74 2.72
N TYR A 154 -5.36 -33.99 1.62
CA TYR A 154 -4.13 -33.34 1.20
C TYR A 154 -3.67 -32.32 2.23
N LEU A 155 -2.36 -32.29 2.49
CA LEU A 155 -1.78 -31.48 3.55
C LEU A 155 -0.94 -30.37 2.93
N LEU A 156 -1.38 -29.13 3.12
CA LEU A 156 -0.61 -27.98 2.68
C LEU A 156 0.51 -27.68 3.66
N GLY A 157 1.57 -27.05 3.16
CA GLY A 157 2.75 -26.84 3.97
C GLY A 157 3.43 -25.50 3.85
N ASP A 158 2.94 -24.65 2.95
CA ASP A 158 3.51 -23.33 2.76
C ASP A 158 2.49 -22.43 2.08
N SER A 159 2.83 -21.15 1.97
CA SER A 159 1.91 -20.19 1.37
C SER A 159 1.72 -20.45 -0.12
N ASP A 160 2.74 -21.01 -0.78
CA ASP A 160 2.64 -21.26 -2.22
C ASP A 160 1.59 -22.32 -2.52
N SER A 161 1.47 -23.34 -1.65
CA SER A 161 0.46 -24.36 -1.85
C SER A 161 -0.95 -23.77 -1.73
N VAL A 162 -1.17 -22.92 -0.73
CA VAL A 162 -2.47 -22.26 -0.59
C VAL A 162 -2.73 -21.36 -1.79
N ALA A 163 -1.69 -20.70 -2.30
CA ALA A 163 -1.85 -19.84 -3.47
C ALA A 163 -2.27 -20.64 -4.68
N LYS A 164 -1.61 -21.79 -4.90
CA LYS A 164 -1.93 -22.61 -6.07
C LYS A 164 -3.31 -23.26 -5.94
N CYS A 165 -3.72 -23.64 -4.73
CA CYS A 165 -5.02 -24.26 -4.55
C CYS A 165 -6.15 -23.24 -4.70
N CYS A 166 -6.03 -22.09 -4.04
CA CYS A 166 -7.13 -21.14 -4.01
C CYS A 166 -7.31 -20.45 -5.36
N SER A 167 -6.22 -20.17 -6.06
CA SER A 167 -6.30 -19.50 -7.36
C SER A 167 -6.73 -20.44 -8.48
N LYS A 168 -7.02 -21.70 -8.18
CA LYS A 168 -7.44 -22.70 -9.17
C LYS A 168 -6.40 -22.87 -10.29
N THR A 169 -5.13 -22.63 -9.98
CA THR A 169 -4.07 -22.79 -10.97
C THR A 169 -3.35 -24.12 -10.87
N ASN A 170 -3.48 -24.82 -9.74
CA ASN A 170 -2.86 -26.13 -9.58
C ASN A 170 -3.60 -26.94 -8.53
N THR A 171 -4.86 -27.27 -8.81
CA THR A 171 -5.68 -28.00 -7.85
C THR A 171 -5.43 -29.50 -7.94
N LYS A 172 -4.16 -29.90 -7.85
CA LYS A 172 -3.80 -31.32 -7.91
C LYS A 172 -3.84 -31.90 -6.50
N HIS A 173 -2.89 -31.49 -5.66
CA HIS A 173 -2.84 -31.91 -4.26
C HIS A 173 -3.41 -30.77 -3.43
N CYS A 174 -4.73 -30.76 -3.28
CA CYS A 174 -5.44 -29.69 -2.59
C CYS A 174 -6.62 -30.28 -1.81
N PRO A 175 -6.67 -30.08 -0.50
CA PRO A 175 -7.81 -30.59 0.27
C PRO A 175 -9.09 -29.87 -0.09
N LYS A 176 -10.21 -30.44 0.37
CA LYS A 176 -11.51 -29.88 0.05
C LYS A 176 -11.69 -28.49 0.64
N ILE A 177 -11.05 -28.22 1.78
CA ILE A 177 -11.22 -26.91 2.43
C ILE A 177 -10.62 -25.79 1.59
N PHE A 178 -9.59 -26.09 0.80
CA PHE A 178 -8.98 -25.11 -0.09
C PHE A 178 -9.29 -25.37 -1.55
N ASN A 179 -10.33 -26.15 -1.84
CA ASN A 179 -10.69 -26.52 -3.20
C ASN A 179 -12.18 -26.86 -3.23
N ASN A 180 -13.02 -25.81 -3.11
CA ASN A 180 -14.46 -26.00 -3.13
C ASN A 180 -15.18 -24.82 -3.77
N ASN A 181 -14.56 -24.17 -4.76
CA ASN A 181 -15.15 -23.05 -5.48
C ASN A 181 -15.57 -21.92 -4.54
N TYR A 182 -14.75 -21.68 -3.51
CA TYR A 182 -14.95 -20.60 -2.55
C TYR A 182 -16.32 -20.69 -1.89
N LYS A 183 -16.54 -21.82 -1.20
CA LYS A 183 -17.76 -22.01 -0.41
C LYS A 183 -17.45 -22.14 1.08
N THR A 184 -16.20 -21.95 1.48
CA THR A 184 -15.81 -21.94 2.89
C THR A 184 -14.91 -20.74 3.14
N GLU A 185 -14.82 -20.35 4.41
CA GLU A 185 -14.01 -19.20 4.80
C GLU A 185 -12.55 -19.59 5.06
N HIS A 186 -11.94 -20.22 4.06
CA HIS A 186 -10.54 -20.62 4.13
C HIS A 186 -9.65 -19.80 3.20
N CYS A 187 -10.00 -19.74 1.91
CA CYS A 187 -9.19 -19.04 0.92
C CYS A 187 -9.35 -17.53 0.95
N ASP A 188 -10.22 -16.99 1.82
CA ASP A 188 -10.53 -15.56 1.77
C ASP A 188 -9.28 -14.71 2.03
N ASP A 189 -8.46 -15.12 3.00
CA ASP A 189 -7.27 -14.34 3.33
C ASP A 189 -6.35 -14.20 2.12
N PHE A 190 -6.13 -15.29 1.38
CA PHE A 190 -5.31 -15.20 0.18
C PHE A 190 -6.00 -14.41 -0.92
N MET A 191 -7.29 -14.67 -1.12
CA MET A 191 -8.00 -14.04 -2.24
C MET A 191 -8.08 -12.53 -2.10
N THR A 192 -8.12 -12.02 -0.86
CA THR A 192 -8.16 -10.57 -0.66
C THR A 192 -6.98 -9.90 -1.33
N GLY A 193 -5.77 -10.39 -1.08
CA GLY A 193 -4.60 -9.83 -1.74
C GLY A 193 -4.43 -10.27 -3.17
N PHE A 194 -4.90 -11.47 -3.51
CA PHE A 194 -4.70 -12.00 -4.86
C PHE A 194 -5.54 -11.24 -5.88
N CYS A 195 -6.77 -10.92 -5.54
CA CYS A 195 -7.66 -10.25 -6.49
C CYS A 195 -7.36 -8.76 -6.64
N ARG A 196 -6.58 -8.18 -5.73
CA ARG A 196 -6.16 -6.79 -5.90
C ARG A 196 -5.16 -6.64 -7.05
N ASN A 197 -4.49 -7.72 -7.44
CA ASN A 197 -3.62 -7.69 -8.60
C ASN A 197 -4.34 -8.11 -9.87
N ASP A 198 -5.40 -8.90 -9.75
CA ASP A 198 -6.23 -9.28 -10.90
C ASP A 198 -7.70 -9.22 -10.48
N PRO A 199 -8.36 -8.09 -10.73
CA PRO A 199 -9.76 -7.96 -10.31
C PRO A 199 -10.72 -8.59 -11.31
N GLY A 200 -10.32 -8.61 -12.58
CA GLY A 200 -11.13 -9.20 -13.63
C GLY A 200 -11.03 -10.71 -13.73
N ASN A 201 -10.36 -11.34 -12.78
CA ASN A 201 -10.20 -12.79 -12.81
C ASN A 201 -11.56 -13.47 -12.65
N PRO A 202 -11.89 -14.45 -13.49
CA PRO A 202 -13.18 -15.15 -13.32
C PRO A 202 -13.31 -15.82 -11.96
N ASN A 203 -12.24 -16.42 -11.44
CA ASN A 203 -12.30 -17.00 -10.11
C ASN A 203 -12.44 -15.94 -9.03
N CYS A 204 -11.85 -14.76 -9.24
CA CYS A 204 -12.04 -13.68 -8.29
C CYS A 204 -13.49 -13.19 -8.29
N LEU A 205 -14.10 -13.10 -9.47
CA LEU A 205 -15.51 -12.72 -9.53
C LEU A 205 -16.40 -13.81 -8.94
N GLU A 206 -16.01 -15.07 -9.07
CA GLU A 206 -16.74 -16.16 -8.43
C GLU A 206 -16.65 -16.07 -6.91
N TRP A 207 -15.45 -15.81 -6.39
CA TRP A 207 -15.26 -15.58 -4.96
C TRP A 207 -16.05 -14.36 -4.49
N LEU A 208 -16.21 -13.36 -5.36
CA LEU A 208 -17.03 -12.20 -5.03
C LEU A 208 -18.51 -12.56 -4.99
N ARG A 209 -18.95 -13.47 -5.86
CA ARG A 209 -20.34 -13.90 -5.82
C ARG A 209 -20.69 -14.70 -4.57
N ALA A 210 -19.69 -15.15 -3.79
CA ALA A 210 -19.97 -15.73 -2.49
C ALA A 210 -20.56 -14.71 -1.53
N LYS A 211 -20.37 -13.41 -1.80
CA LYS A 211 -20.98 -12.33 -1.03
C LYS A 211 -20.58 -12.37 0.44
N ARG A 212 -19.30 -12.66 0.69
CA ARG A 212 -18.76 -12.53 2.04
C ARG A 212 -18.21 -11.13 2.25
N LYS A 213 -18.05 -10.76 3.52
CA LYS A 213 -17.59 -9.41 3.86
C LYS A 213 -16.18 -9.13 3.35
N PRO A 214 -15.18 -10.01 3.52
CA PRO A 214 -13.84 -9.65 3.03
C PRO A 214 -13.80 -9.43 1.53
N ALA A 215 -14.55 -10.21 0.75
CA ALA A 215 -14.52 -10.06 -0.69
C ALA A 215 -15.19 -8.77 -1.12
N MET A 216 -16.33 -8.43 -0.51
CA MET A 216 -17.04 -7.22 -0.90
C MET A 216 -16.28 -5.97 -0.47
N SER A 217 -15.60 -6.01 0.68
CA SER A 217 -14.81 -4.85 1.09
C SER A 217 -13.53 -4.73 0.25
N THR A 218 -12.91 -5.87 -0.10
CA THR A 218 -11.77 -5.84 -0.99
C THR A 218 -12.14 -5.24 -2.34
N TYR A 219 -13.28 -5.66 -2.89
CA TYR A 219 -13.69 -5.11 -4.18
C TYR A 219 -14.18 -3.67 -4.07
N SER A 220 -14.65 -3.25 -2.89
CA SER A 220 -14.93 -1.82 -2.71
C SER A 220 -13.64 -1.01 -2.73
N ASP A 221 -12.59 -1.51 -2.07
CA ASP A 221 -11.28 -0.86 -2.17
C ASP A 221 -10.78 -0.85 -3.61
N ILE A 222 -11.05 -1.93 -4.35
CA ILE A 222 -10.61 -2.00 -5.75
C ILE A 222 -11.34 -0.97 -6.60
N CYS A 223 -12.66 -0.88 -6.45
CA CYS A 223 -13.48 -0.02 -7.28
C CYS A 223 -13.46 1.44 -6.83
N SER A 224 -12.96 1.73 -5.63
CA SER A 224 -12.74 3.12 -5.26
C SER A 224 -11.64 3.75 -6.10
N LYS A 225 -10.75 2.95 -6.68
CA LYS A 225 -9.68 3.44 -7.55
C LYS A 225 -9.87 3.08 -9.01
N HIS A 226 -10.57 2.00 -9.33
CA HIS A 226 -10.73 1.53 -10.70
C HIS A 226 -12.20 1.26 -11.02
N MET A 227 -13.06 2.22 -10.67
CA MET A 227 -14.48 2.09 -10.98
C MET A 227 -14.72 2.09 -12.48
N ASP A 228 -13.84 2.72 -13.25
CA ASP A 228 -14.03 2.84 -14.69
C ASP A 228 -14.04 1.49 -15.39
N ALA A 229 -13.42 0.47 -14.79
CA ALA A 229 -13.34 -0.85 -15.41
C ALA A 229 -14.72 -1.51 -15.44
N ARG A 230 -14.77 -2.68 -16.08
CA ARG A 230 -16.01 -3.43 -16.23
C ARG A 230 -16.19 -4.48 -15.13
N TYR A 231 -15.10 -4.95 -14.52
CA TYR A 231 -15.26 -5.84 -13.38
C TYR A 231 -15.92 -5.13 -12.21
N CYS A 232 -15.81 -3.79 -12.13
CA CYS A 232 -16.56 -3.06 -11.13
C CYS A 232 -18.04 -2.94 -11.51
N SER A 233 -18.35 -2.91 -12.80
CA SER A 233 -19.74 -3.05 -13.21
C SER A 233 -20.31 -4.37 -12.73
N GLU A 234 -19.56 -5.45 -12.90
CA GLU A 234 -20.02 -6.75 -12.42
C GLU A 234 -20.11 -6.78 -10.89
N PHE A 235 -19.16 -6.14 -10.21
CA PHE A 235 -19.21 -6.05 -8.75
C PHE A 235 -20.46 -5.33 -8.27
N ILE A 236 -20.82 -4.24 -8.94
CA ILE A 236 -22.02 -3.48 -8.56
C ILE A 236 -23.27 -4.31 -8.82
N ARG A 237 -23.30 -5.04 -9.94
CA ARG A 237 -24.46 -5.91 -10.17
C ARG A 237 -24.52 -7.06 -9.18
N ILE A 238 -23.38 -7.47 -8.64
CA ILE A 238 -23.37 -8.55 -7.66
C ILE A 238 -23.89 -8.06 -6.31
N ILE A 239 -23.40 -6.91 -5.85
CA ILE A 239 -23.71 -6.49 -4.48
C ILE A 239 -25.13 -5.92 -4.36
N ARG A 240 -25.64 -5.28 -5.41
CA ARG A 240 -26.94 -4.65 -5.29
C ARG A 240 -28.06 -5.68 -5.45
N PRO A 241 -29.18 -5.51 -4.73
CA PRO A 241 -29.47 -4.47 -3.74
C PRO A 241 -29.16 -4.92 -2.32
N ASP A 242 -28.40 -6.01 -2.15
CA ASP A 242 -28.20 -6.59 -0.83
C ASP A 242 -27.07 -5.92 -0.06
N TYR A 243 -26.03 -5.48 -0.74
CA TYR A 243 -24.85 -4.88 -0.10
C TYR A 243 -24.39 -3.68 -0.91
N PHE A 244 -25.31 -2.71 -1.08
CA PHE A 244 -25.02 -1.53 -1.89
C PHE A 244 -24.00 -0.61 -1.25
N THR A 245 -23.78 -0.72 0.07
CA THR A 245 -23.00 0.28 0.78
C THR A 245 -21.54 0.29 0.32
N PHE A 246 -20.98 -0.89 0.06
CA PHE A 246 -19.59 -0.94 -0.40
C PHE A 246 -19.44 -0.25 -1.75
N GLY A 247 -20.38 -0.49 -2.67
CA GLY A 247 -20.34 0.17 -3.95
C GLY A 247 -20.57 1.66 -3.87
N ASP A 248 -21.42 2.09 -2.92
CA ASP A 248 -21.65 3.53 -2.76
C ASP A 248 -20.42 4.24 -2.22
N THR A 249 -19.76 3.64 -1.22
CA THR A 249 -18.53 4.24 -0.70
C THR A 249 -17.43 4.27 -1.76
N ALA A 250 -17.28 3.17 -2.51
CA ALA A 250 -16.28 3.15 -3.58
C ALA A 250 -16.59 4.20 -4.65
N LEU A 251 -17.87 4.35 -4.99
CA LEU A 251 -18.25 5.35 -5.98
C LEU A 251 -17.95 6.75 -5.50
N TYR A 252 -18.26 7.03 -4.22
CA TYR A 252 -17.97 8.36 -3.68
C TYR A 252 -16.47 8.64 -3.72
N VAL A 253 -15.65 7.68 -3.31
CA VAL A 253 -14.20 7.90 -3.32
C VAL A 253 -13.72 8.12 -4.75
N PHE A 254 -14.18 7.29 -5.69
CA PHE A 254 -13.70 7.40 -7.06
C PHE A 254 -14.10 8.73 -7.69
N CYS A 255 -15.34 9.17 -7.47
CA CYS A 255 -15.79 10.43 -8.04
C CYS A 255 -15.28 11.64 -7.28
N ASN A 256 -14.79 11.44 -6.05
CA ASN A 256 -14.10 12.51 -5.35
C ASN A 256 -12.66 12.63 -5.81
N ASP A 257 -12.06 11.54 -6.32
CA ASP A 257 -10.73 11.62 -6.92
C ASP A 257 -10.78 11.98 -8.40
N HIS A 258 -11.70 11.38 -9.14
CA HIS A 258 -11.89 11.67 -10.57
C HIS A 258 -13.16 12.52 -10.70
N LYS A 259 -13.00 13.83 -10.64
CA LYS A 259 -14.14 14.74 -10.72
C LYS A 259 -14.42 15.23 -12.13
N GLY A 260 -13.45 15.10 -13.04
CA GLY A 260 -13.65 15.52 -14.42
C GLY A 260 -14.32 14.50 -15.31
N ASN A 261 -14.55 13.29 -14.82
CA ASN A 261 -15.18 12.26 -15.64
C ASN A 261 -16.64 12.62 -15.93
N ARG A 262 -17.04 12.43 -17.19
CA ARG A 262 -18.44 12.61 -17.56
C ARG A 262 -19.34 11.59 -16.89
N ASN A 263 -18.78 10.47 -16.41
CA ASN A 263 -19.58 9.45 -15.77
C ASN A 263 -19.89 9.79 -14.32
N CYS A 264 -19.02 10.58 -13.68
CA CYS A 264 -19.24 11.03 -12.30
C CYS A 264 -20.14 12.24 -12.22
N TRP A 265 -20.84 12.57 -13.30
CA TRP A 265 -21.63 13.80 -13.33
C TRP A 265 -22.86 13.72 -12.45
N CYS A 266 -23.43 12.54 -12.29
CA CYS A 266 -24.61 12.36 -11.45
C CYS A 266 -24.25 12.12 -9.98
N ALA A 267 -23.19 11.36 -9.72
CA ALA A 267 -22.79 11.05 -8.35
C ALA A 267 -21.97 12.16 -7.71
N ASN A 268 -21.51 13.14 -8.49
CA ASN A 268 -20.68 14.22 -7.96
C ASN A 268 -20.74 15.36 -8.99
N TYR A 269 -21.71 16.25 -8.83
CA TYR A 269 -21.89 17.35 -9.75
C TYR A 269 -20.65 18.25 -9.72
N PRO A 270 -19.91 18.33 -10.84
CA PRO A 270 -18.61 19.05 -10.78
C PRO A 270 -18.76 20.55 -10.66
N LYS A 271 -19.73 21.15 -11.35
CA LYS A 271 -19.87 22.59 -11.34
C LYS A 271 -20.32 23.08 -9.97
N SER A 272 -19.76 24.21 -9.54
CA SER A 272 -20.07 24.83 -8.25
C SER A 272 -19.59 23.95 -7.10
N ASN A 273 -20.09 24.22 -5.90
CA ASN A 273 -19.75 23.42 -4.72
C ASN A 273 -20.90 22.53 -4.28
N SER A 274 -21.88 22.30 -5.16
CA SER A 274 -23.03 21.46 -4.85
C SER A 274 -22.93 20.18 -5.68
N GLY A 275 -22.15 19.23 -5.18
CA GLY A 275 -22.00 17.95 -5.84
C GLY A 275 -23.15 16.99 -5.63
N ASP A 276 -24.12 17.35 -4.78
CA ASP A 276 -25.31 16.55 -4.54
C ASP A 276 -26.52 17.08 -5.31
N LYS A 277 -26.29 17.79 -6.42
CA LYS A 277 -27.38 18.39 -7.16
C LYS A 277 -28.38 17.35 -7.65
N TYR A 278 -27.92 16.13 -7.92
CA TYR A 278 -28.83 15.10 -8.41
C TYR A 278 -28.78 13.86 -7.52
N LEU A 279 -28.87 14.05 -6.21
CA LEU A 279 -28.92 12.94 -5.27
C LEU A 279 -30.37 12.63 -4.90
N GLY A 280 -30.62 11.37 -4.57
CA GLY A 280 -31.94 10.92 -4.20
C GLY A 280 -32.94 11.24 -5.30
N PRO A 281 -34.06 11.87 -4.91
CA PRO A 281 -35.09 12.18 -5.90
C PRO A 281 -34.60 13.08 -7.02
N ARG A 282 -33.69 14.01 -6.71
CA ARG A 282 -33.15 14.90 -7.71
C ARG A 282 -32.34 14.17 -8.78
N VAL A 283 -32.10 12.86 -8.61
CA VAL A 283 -31.45 12.11 -9.69
C VAL A 283 -32.38 11.97 -10.89
N CYS A 284 -33.69 12.11 -10.68
CA CYS A 284 -34.64 11.97 -11.77
C CYS A 284 -34.82 13.25 -12.57
N TRP A 285 -34.09 14.32 -12.24
CA TRP A 285 -34.23 15.58 -12.96
C TRP A 285 -33.43 15.56 -14.26
N LEU A 286 -32.11 15.47 -14.16
CA LEU A 286 -31.26 15.41 -15.34
C LEU A 286 -31.47 14.09 -16.06
N HIS A 287 -31.87 14.16 -17.34
CA HIS A 287 -32.16 12.96 -18.10
C HIS A 287 -30.93 12.08 -18.28
N GLU A 288 -29.73 12.66 -18.16
CA GLU A 288 -28.50 11.87 -18.29
C GLU A 288 -28.36 10.86 -17.16
N CYS A 289 -29.04 11.06 -16.03
CA CYS A 289 -28.94 10.17 -14.89
C CYS A 289 -30.04 9.12 -14.88
N THR A 290 -30.90 9.08 -15.90
CA THR A 290 -31.99 8.09 -15.96
C THR A 290 -31.87 7.25 -17.23
N ASP A 291 -32.17 7.81 -18.40
CA ASP A 291 -32.20 7.05 -19.64
C ASP A 291 -31.00 7.38 -20.52
N GLU A 292 -29.79 7.16 -20.02
CA GLU A 292 -28.57 7.39 -20.78
C GLU A 292 -27.73 6.12 -20.78
N SER A 293 -26.85 6.01 -21.77
CA SER A 293 -25.98 4.84 -21.93
C SER A 293 -24.85 4.91 -20.92
N ARG A 294 -25.22 4.81 -19.65
CA ARG A 294 -24.26 4.79 -18.54
C ARG A 294 -24.66 3.69 -17.57
N ASP A 295 -23.68 2.92 -17.12
CA ASP A 295 -23.94 1.81 -16.22
C ASP A 295 -24.44 2.33 -14.87
N ARG A 296 -25.18 1.46 -14.16
CA ARG A 296 -25.71 1.82 -12.85
C ARG A 296 -24.63 1.98 -11.80
N LYS A 297 -23.40 1.57 -12.08
CA LYS A 297 -22.31 1.71 -11.11
C LYS A 297 -21.98 3.17 -10.84
N TRP A 298 -22.34 4.08 -11.74
CA TRP A 298 -22.04 5.50 -11.58
C TRP A 298 -23.06 6.23 -10.72
N LEU A 299 -24.17 5.59 -10.37
CA LEU A 299 -25.17 6.18 -9.50
C LEU A 299 -25.17 5.49 -8.15
N TYR A 300 -25.47 6.24 -7.11
CA TYR A 300 -25.63 5.67 -5.79
C TYR A 300 -26.88 4.79 -5.75
N TYR A 301 -27.00 3.99 -4.68
CA TYR A 301 -28.11 3.06 -4.58
C TYR A 301 -29.45 3.80 -4.54
N ASN A 302 -29.54 4.86 -3.73
CA ASN A 302 -30.76 5.65 -3.70
C ASN A 302 -31.05 6.26 -5.05
N GLN A 303 -30.01 6.71 -5.76
CA GLN A 303 -30.19 7.21 -7.12
C GLN A 303 -30.71 6.11 -8.04
N ASP A 304 -30.15 4.91 -7.92
CA ASP A 304 -30.55 3.82 -8.80
C ASP A 304 -31.99 3.41 -8.55
N VAL A 305 -32.43 3.45 -7.29
CA VAL A 305 -33.81 3.10 -6.97
C VAL A 305 -34.77 4.20 -7.45
N GLN A 306 -34.43 5.46 -7.17
CA GLN A 306 -35.27 6.57 -7.60
C GLN A 306 -35.33 6.70 -9.12
N ARG A 307 -34.34 6.18 -9.84
CA ARG A 307 -34.38 6.21 -11.30
C ARG A 307 -35.52 5.35 -11.82
N THR A 308 -35.80 4.23 -11.16
CA THR A 308 -36.84 3.33 -11.65
C THR A 308 -38.23 3.80 -11.26
N ARG A 309 -38.42 4.21 -10.01
CA ARG A 309 -39.73 4.65 -9.53
C ARG A 309 -40.14 6.01 -10.08
N CYS A 310 -39.27 6.67 -10.84
CA CYS A 310 -39.60 7.97 -11.40
C CYS A 310 -39.25 8.02 -12.90
N VAL B 24 26.54 -67.53 16.39
CA VAL B 24 27.36 -66.35 16.63
C VAL B 24 27.19 -65.35 15.50
N GLU B 25 26.97 -65.86 14.29
CA GLU B 25 26.80 -65.03 13.10
C GLU B 25 25.33 -64.63 12.99
N LEU B 26 25.04 -63.35 13.16
CA LEU B 26 23.64 -62.95 13.12
C LEU B 26 23.21 -62.65 11.68
N PRO B 27 21.99 -63.06 11.30
CA PRO B 27 21.48 -62.72 9.97
C PRO B 27 21.12 -61.25 9.86
N LYS B 28 22.11 -60.40 9.57
CA LYS B 28 21.87 -58.97 9.50
C LYS B 28 21.12 -58.61 8.23
N ARG B 29 20.24 -57.62 8.32
CA ARG B 29 19.49 -57.13 7.18
C ARG B 29 18.95 -55.74 7.52
N ASP B 30 19.53 -54.72 6.90
CA ASP B 30 19.10 -53.35 7.15
C ASP B 30 17.74 -53.10 6.52
N PRO B 31 16.93 -52.21 7.10
CA PRO B 31 15.60 -51.93 6.56
C PRO B 31 15.69 -51.24 5.21
N PRO B 32 14.63 -51.27 4.41
CA PRO B 32 14.63 -50.56 3.12
C PRO B 32 14.82 -49.07 3.33
N PRO B 33 15.26 -48.35 2.29
CA PRO B 33 15.45 -46.91 2.43
C PRO B 33 14.12 -46.20 2.69
N GLY B 34 14.13 -45.28 3.64
CA GLY B 34 12.91 -44.59 4.02
C GLY B 34 12.52 -43.51 3.02
N VAL B 35 11.21 -43.37 2.81
CA VAL B 35 10.67 -42.36 1.93
C VAL B 35 9.64 -41.54 2.70
N PRO B 36 9.92 -40.28 3.00
CA PRO B 36 8.96 -39.47 3.77
C PRO B 36 7.73 -39.11 2.93
N THR B 37 6.67 -38.73 3.64
CA THR B 37 5.42 -38.30 3.04
C THR B 37 5.28 -36.79 3.19
N ASP B 38 4.21 -36.25 2.59
CA ASP B 38 3.96 -34.81 2.68
C ASP B 38 3.80 -34.36 4.12
N GLU B 39 3.16 -35.19 4.95
CA GLU B 39 3.00 -34.87 6.36
C GLU B 39 4.36 -34.75 7.06
N MET B 40 5.29 -35.64 6.72
CA MET B 40 6.57 -35.70 7.41
C MET B 40 7.54 -34.61 6.96
N LEU B 41 7.27 -33.93 5.86
CA LEU B 41 8.11 -32.84 5.39
C LEU B 41 7.53 -31.47 5.74
N LEU B 42 6.50 -31.44 6.58
CA LEU B 42 5.90 -30.17 6.98
C LEU B 42 6.77 -29.46 8.00
N ASN B 43 6.75 -28.13 7.93
CA ASN B 43 7.46 -27.28 8.90
C ASN B 43 6.48 -26.23 9.40
N VAL B 44 6.21 -26.25 10.71
CA VAL B 44 5.27 -25.29 11.28
C VAL B 44 5.77 -23.86 11.12
N ASP B 45 7.07 -23.68 10.93
CA ASP B 45 7.64 -22.34 10.72
C ASP B 45 7.32 -21.78 9.35
N LYS B 46 6.59 -22.52 8.51
CA LYS B 46 6.23 -22.06 7.17
C LYS B 46 4.73 -22.06 6.94
N MET B 47 3.93 -22.54 7.89
CA MET B 47 2.50 -22.74 7.71
C MET B 47 1.66 -21.67 8.40
N HIS B 48 2.19 -20.46 8.56
CA HIS B 48 1.41 -19.40 9.18
C HIS B 48 0.23 -18.96 8.32
N ASP B 49 0.30 -19.19 7.01
CA ASP B 49 -0.83 -18.94 6.12
C ASP B 49 -1.73 -20.16 5.95
N VAL B 50 -1.43 -21.26 6.64
CA VAL B 50 -2.27 -22.43 6.63
C VAL B 50 -2.95 -22.68 7.96
N ILE B 51 -2.31 -22.33 9.07
CA ILE B 51 -2.91 -22.52 10.38
C ILE B 51 -3.91 -21.41 10.69
N ALA B 52 -3.62 -20.19 10.24
CA ALA B 52 -4.50 -19.06 10.55
C ALA B 52 -5.92 -19.22 10.00
N PRO B 53 -6.14 -19.60 8.74
CA PRO B 53 -7.51 -19.74 8.25
C PRO B 53 -8.23 -20.99 8.74
N ALA B 54 -7.67 -21.74 9.68
CA ALA B 54 -8.32 -22.95 10.17
C ALA B 54 -9.55 -22.59 11.01
N LYS B 55 -10.60 -23.39 10.87
CA LYS B 55 -11.83 -23.18 11.62
C LYS B 55 -11.76 -23.90 12.97
N LEU B 56 -12.81 -23.72 13.77
CA LEU B 56 -12.83 -24.28 15.11
C LEU B 56 -12.91 -25.81 15.03
N LEU B 57 -12.08 -26.47 15.84
CA LEU B 57 -12.03 -27.94 15.90
C LEU B 57 -11.69 -28.54 14.53
N GLU B 58 -10.66 -27.98 13.90
CA GLU B 58 -10.11 -28.51 12.66
C GLU B 58 -8.62 -28.79 12.86
N TYR B 59 -8.23 -30.04 12.69
CA TYR B 59 -6.83 -30.40 12.87
C TYR B 59 -5.97 -29.89 11.71
N VAL B 60 -4.82 -29.33 12.05
CA VAL B 60 -3.86 -28.82 11.08
C VAL B 60 -2.53 -29.51 11.38
N HIS B 61 -2.20 -30.53 10.59
CA HIS B 61 -0.95 -31.24 10.80
C HIS B 61 0.23 -30.34 10.43
N ILE B 62 1.19 -30.23 11.33
CA ILE B 62 2.34 -29.36 11.16
C ILE B 62 3.63 -30.15 10.99
N GLY B 63 3.54 -31.47 10.83
CA GLY B 63 4.71 -32.29 10.63
C GLY B 63 5.42 -32.63 11.93
N PRO B 64 6.66 -33.09 11.83
CA PRO B 64 7.44 -33.37 13.03
C PRO B 64 7.88 -32.07 13.70
N LEU B 65 7.84 -32.08 15.04
CA LEU B 65 8.21 -30.92 15.83
C LEU B 65 9.08 -31.35 17.00
N ALA B 66 10.23 -30.70 17.16
CA ALA B 66 11.12 -31.02 18.25
C ALA B 66 10.59 -30.43 19.55
N LYS B 67 11.00 -31.04 20.68
CA LYS B 67 10.56 -30.55 21.97
C LYS B 67 11.11 -29.15 22.26
N ASP B 68 12.35 -28.88 21.82
CA ASP B 68 12.95 -27.57 22.04
C ASP B 68 12.15 -26.45 21.38
N LYS B 69 11.29 -26.78 20.42
CA LYS B 69 10.45 -25.79 19.74
C LYS B 69 8.99 -25.92 20.11
N GLU B 70 8.66 -26.65 21.17
CA GLU B 70 7.26 -26.79 21.56
C GLU B 70 6.68 -25.45 22.00
N ASP B 71 7.26 -24.86 23.05
CA ASP B 71 6.73 -23.62 23.60
C ASP B 71 6.66 -22.52 22.53
N LYS B 72 7.68 -22.44 21.68
CA LYS B 72 7.69 -21.44 20.62
C LYS B 72 6.44 -21.52 19.76
N VAL B 73 5.95 -22.73 19.50
CA VAL B 73 4.71 -22.87 18.75
C VAL B 73 3.53 -22.48 19.63
N LYS B 74 3.51 -22.97 20.87
CA LYS B 74 2.39 -22.69 21.77
C LYS B 74 2.25 -21.20 22.03
N LYS B 75 3.37 -20.49 22.16
CA LYS B 75 3.32 -19.05 22.34
C LYS B 75 3.01 -18.31 21.04
N ARG B 76 3.23 -18.95 19.89
CA ARG B 76 2.92 -18.29 18.63
C ARG B 76 1.43 -18.39 18.30
N TYR B 77 0.82 -19.54 18.62
CA TYR B 77 -0.59 -19.79 18.36
C TYR B 77 -1.27 -20.13 19.69
N PRO B 78 -1.76 -19.13 20.42
CA PRO B 78 -2.42 -19.42 21.71
C PRO B 78 -3.85 -19.89 21.54
N GLU B 79 -4.47 -19.61 20.39
CA GLU B 79 -5.81 -20.09 20.10
C GLU B 79 -5.84 -21.57 19.75
N PHE B 80 -4.67 -22.20 19.58
CA PHE B 80 -4.58 -23.58 19.14
C PHE B 80 -3.97 -24.45 20.23
N ARG B 81 -4.46 -25.67 20.34
CA ARG B 81 -3.89 -26.69 21.20
C ARG B 81 -2.94 -27.56 20.38
N LEU B 82 -1.75 -27.79 20.92
CA LEU B 82 -0.75 -28.63 20.25
C LEU B 82 -0.94 -30.08 20.67
N VAL B 83 -1.24 -30.94 19.70
CA VAL B 83 -1.48 -32.36 19.96
C VAL B 83 -0.41 -33.17 19.24
N ASN B 84 -0.01 -34.27 19.87
CA ASN B 84 1.01 -35.17 19.32
C ASN B 84 0.30 -36.30 18.59
N THR B 85 0.20 -36.17 17.27
CA THR B 85 -0.58 -37.14 16.48
C THR B 85 0.17 -38.45 16.28
N GLY B 86 1.43 -38.37 15.86
CA GLY B 86 2.19 -39.56 15.57
C GLY B 86 3.57 -39.57 16.21
N PRO B 87 4.35 -40.60 15.94
CA PRO B 87 5.70 -40.71 16.51
C PRO B 87 6.66 -39.75 15.81
N GLY B 88 7.88 -39.70 16.33
CA GLY B 88 8.89 -38.82 15.77
C GLY B 88 8.54 -37.35 15.82
N GLY B 89 7.66 -36.96 16.75
CA GLY B 89 7.29 -35.57 16.89
C GLY B 89 6.18 -35.10 15.97
N LEU B 90 5.54 -36.00 15.24
CA LEU B 90 4.43 -35.62 14.37
C LEU B 90 3.31 -34.99 15.19
N SER B 91 3.10 -33.69 15.01
CA SER B 91 2.15 -32.94 15.81
C SER B 91 1.18 -32.18 14.91
N ALA B 92 0.17 -31.60 15.55
CA ALA B 92 -0.85 -30.83 14.85
C ALA B 92 -1.40 -29.76 15.79
N LEU B 93 -2.07 -28.78 15.20
CA LEU B 93 -2.69 -27.69 15.94
C LEU B 93 -4.20 -27.74 15.75
N LEU B 94 -4.93 -27.77 16.86
CA LEU B 94 -6.39 -27.81 16.84
C LEU B 94 -6.91 -26.51 17.41
N ARG B 95 -7.66 -25.77 16.60
CA ARG B 95 -8.17 -24.47 17.04
C ARG B 95 -9.13 -24.63 18.21
N GLN B 96 -8.93 -23.80 19.24
CA GLN B 96 -9.75 -23.85 20.44
C GLN B 96 -10.35 -22.51 20.83
N SER B 97 -10.05 -21.44 20.10
CA SER B 97 -10.48 -20.10 20.53
C SER B 97 -10.36 -19.13 19.37
N TYR B 98 -11.06 -18.00 19.52
CA TYR B 98 -10.95 -16.84 18.63
C TYR B 98 -10.70 -15.64 19.53
N ALA B 99 -9.44 -15.34 19.80
CA ALA B 99 -9.05 -14.30 20.75
C ALA B 99 -8.97 -12.91 20.11
N GLY B 100 -9.59 -12.72 18.95
CA GLY B 100 -9.56 -11.43 18.29
C GLY B 100 -10.37 -10.40 19.07
N THR B 101 -9.70 -9.34 19.52
CA THR B 101 -10.37 -8.31 20.29
C THR B 101 -11.32 -7.49 19.41
N ALA B 102 -12.32 -6.91 20.05
CA ALA B 102 -13.34 -6.15 19.31
C ALA B 102 -12.77 -4.94 18.57
N PRO B 103 -11.89 -4.11 19.15
CA PRO B 103 -11.38 -2.96 18.38
C PRO B 103 -10.61 -3.35 17.13
N ASN B 104 -9.88 -4.46 17.16
CA ASN B 104 -9.08 -4.88 16.02
C ASN B 104 -9.87 -5.70 14.99
N CYS B 105 -11.11 -6.08 15.31
CA CYS B 105 -11.91 -6.92 14.43
C CYS B 105 -13.16 -6.24 13.91
N CYS B 106 -13.74 -5.30 14.66
CA CYS B 106 -15.02 -4.71 14.29
C CYS B 106 -14.88 -3.49 13.40
N ARG B 107 -13.80 -2.72 13.54
CA ARG B 107 -13.61 -1.51 12.77
C ARG B 107 -13.02 -1.76 11.39
N THR B 108 -12.99 -3.01 10.96
CA THR B 108 -12.55 -3.38 9.61
C THR B 108 -13.52 -4.40 9.04
N PHE B 109 -13.50 -4.52 7.70
CA PHE B 109 -14.39 -5.45 7.01
C PHE B 109 -13.65 -6.52 6.23
N GLN B 110 -12.33 -6.62 6.35
CA GLN B 110 -11.59 -7.64 5.60
C GLN B 110 -10.39 -8.19 6.35
N ARG B 111 -10.07 -7.64 7.51
CA ARG B 111 -8.95 -8.10 8.31
C ARG B 111 -9.48 -9.10 9.33
N THR B 112 -9.41 -10.39 8.99
CA THR B 112 -9.97 -11.45 9.83
C THR B 112 -9.00 -11.97 10.87
N HIS B 113 -7.75 -11.52 10.88
CA HIS B 113 -6.76 -11.97 11.85
C HIS B 113 -5.66 -10.94 11.93
N TYR B 114 -4.81 -11.08 12.94
CA TYR B 114 -3.66 -10.19 13.09
C TYR B 114 -2.65 -10.85 14.01
N TRP B 115 -1.48 -10.21 14.09
CA TRP B 115 -0.41 -10.64 14.97
C TRP B 115 -0.11 -9.52 15.95
N LYS B 116 0.31 -9.89 17.15
CA LYS B 116 0.59 -8.93 18.22
C LYS B 116 1.97 -9.22 18.77
N LYS B 117 2.89 -8.28 18.60
CA LYS B 117 4.22 -8.38 19.17
C LYS B 117 4.40 -7.26 20.19
N ASP B 118 4.98 -7.60 21.34
CA ASP B 118 5.09 -6.67 22.46
C ASP B 118 3.71 -6.13 22.81
N GLY B 119 3.42 -4.90 22.38
CA GLY B 119 2.10 -4.35 22.56
C GLY B 119 1.40 -4.00 21.26
N LYS B 120 2.16 -3.91 20.17
CA LYS B 120 1.63 -3.43 18.91
C LYS B 120 1.07 -4.57 18.07
N ILE B 121 0.13 -4.20 17.18
CA ILE B 121 -0.60 -5.14 16.34
C ILE B 121 -0.25 -4.87 14.88
N SER B 122 0.11 -5.92 14.16
CA SER B 122 0.35 -5.88 12.72
C SER B 122 -0.62 -6.83 12.02
N ASP B 123 -0.83 -6.59 10.73
CA ASP B 123 -1.69 -7.48 9.95
C ASP B 123 -0.92 -8.58 9.23
N LYS B 124 0.38 -8.40 9.03
CA LYS B 124 1.25 -9.43 8.48
C LYS B 124 2.09 -10.04 9.59
N TYR B 125 2.57 -11.26 9.33
CA TYR B 125 3.34 -11.99 10.33
C TYR B 125 4.67 -11.31 10.59
N GLU B 126 5.13 -11.41 11.84
CA GLU B 126 6.46 -10.94 12.23
C GLU B 126 7.04 -11.93 13.24
N GLU B 127 8.37 -11.92 13.35
CA GLU B 127 9.04 -12.82 14.26
C GLU B 127 8.75 -12.43 15.71
N GLY B 128 8.38 -13.41 16.52
CA GLY B 128 8.04 -13.16 17.91
C GLY B 128 6.61 -12.71 18.14
N ALA B 129 5.82 -12.54 17.08
CA ALA B 129 4.45 -12.09 17.23
C ALA B 129 3.53 -13.26 17.58
N VAL B 130 2.33 -12.93 18.06
CA VAL B 130 1.36 -13.89 18.53
C VAL B 130 0.08 -13.75 17.70
N LEU B 131 -0.44 -14.88 17.23
CA LEU B 131 -1.59 -14.86 16.32
C LEU B 131 -2.90 -14.70 17.10
N GLU B 132 -3.75 -13.81 16.63
CA GLU B 132 -5.10 -13.65 17.16
C GLU B 132 -6.08 -13.52 16.00
N SER B 133 -7.09 -14.38 15.98
CA SER B 133 -8.02 -14.47 14.87
C SER B 133 -9.40 -13.94 15.28
N CYS B 134 -10.05 -13.25 14.35
CA CYS B 134 -11.39 -12.72 14.60
C CYS B 134 -12.44 -13.80 14.40
N TRP B 135 -13.64 -13.53 14.90
CA TRP B 135 -14.75 -14.45 14.71
C TRP B 135 -15.05 -14.59 13.22
N PRO B 136 -15.42 -15.81 12.76
CA PRO B 136 -15.64 -16.04 11.33
C PRO B 136 -16.53 -15.01 10.67
N ASP B 137 -17.81 -14.97 11.04
CA ASP B 137 -18.74 -13.93 10.60
C ASP B 137 -19.03 -13.06 11.82
N VAL B 138 -18.21 -12.02 12.00
CA VAL B 138 -18.34 -11.19 13.18
C VAL B 138 -19.28 -10.01 12.91
N HIS B 139 -19.41 -9.60 11.66
CA HIS B 139 -20.37 -8.57 11.27
C HIS B 139 -21.74 -9.14 10.99
N ASP B 140 -21.99 -10.39 11.39
CA ASP B 140 -23.31 -11.02 11.25
C ASP B 140 -23.78 -11.65 12.56
N THR B 141 -23.11 -11.38 13.68
CA THR B 141 -23.49 -11.94 14.96
C THR B 141 -24.03 -10.91 15.95
N GLY B 142 -23.71 -9.64 15.78
CA GLY B 142 -24.06 -8.63 16.74
C GLY B 142 -22.99 -8.35 17.77
N LYS B 143 -21.88 -9.10 17.74
CA LYS B 143 -20.79 -8.86 18.68
C LYS B 143 -20.16 -7.49 18.49
N CYS B 144 -20.29 -6.90 17.30
CA CYS B 144 -19.68 -5.62 17.00
C CYS B 144 -20.62 -4.44 17.20
N ASP B 145 -21.86 -4.67 17.66
CA ASP B 145 -22.79 -3.58 17.82
C ASP B 145 -22.38 -2.66 18.97
N VAL B 146 -21.95 -3.24 20.10
CA VAL B 146 -21.62 -2.43 21.27
C VAL B 146 -20.37 -1.62 21.02
N ASP B 147 -19.34 -2.23 20.42
CA ASP B 147 -18.09 -1.52 20.20
C ASP B 147 -18.25 -0.43 19.14
N LEU B 148 -18.94 -0.75 18.03
CA LEU B 148 -19.09 0.21 16.95
C LEU B 148 -20.14 1.27 17.24
N PHE B 149 -21.04 1.04 18.20
CA PHE B 149 -21.97 2.09 18.59
C PHE B 149 -21.23 3.24 19.26
N ASP B 150 -20.27 2.93 20.13
CA ASP B 150 -19.47 3.98 20.77
C ASP B 150 -18.35 4.48 19.87
N TRP B 151 -17.78 3.60 19.03
CA TRP B 151 -16.68 4.01 18.17
C TRP B 151 -17.15 4.98 17.09
N CYS B 152 -18.36 4.80 16.58
CA CYS B 152 -18.88 5.64 15.53
C CYS B 152 -19.51 6.93 16.06
N GLN B 153 -19.20 7.30 17.30
CA GLN B 153 -19.68 8.54 17.90
C GLN B 153 -18.47 9.38 18.27
N GLY B 154 -18.45 10.63 17.77
CA GLY B 154 -17.38 11.54 18.10
C GLY B 154 -16.31 11.62 17.03
N ASP B 155 -15.06 11.85 17.46
CA ASP B 155 -13.95 12.02 16.55
C ASP B 155 -13.48 10.70 15.93
N THR B 156 -13.91 9.55 16.48
CA THR B 156 -13.52 8.26 15.96
C THR B 156 -14.45 7.75 14.87
N PHE B 157 -15.40 8.56 14.42
CA PHE B 157 -16.31 8.16 13.36
C PHE B 157 -15.54 7.96 12.05
N ASP B 158 -15.92 6.92 11.30
CA ASP B 158 -15.35 6.63 10.00
C ASP B 158 -16.44 6.72 8.95
N ARG B 159 -16.19 7.52 7.91
CA ARG B 159 -17.17 7.71 6.85
C ARG B 159 -17.48 6.42 6.10
N ASN B 160 -16.56 5.47 6.10
CA ASN B 160 -16.71 4.23 5.36
C ASN B 160 -17.10 3.05 6.25
N ILE B 161 -16.36 2.83 7.34
CA ILE B 161 -16.60 1.67 8.18
C ILE B 161 -17.96 1.76 8.86
N CYS B 162 -18.32 2.92 9.39
CA CYS B 162 -19.57 3.04 10.12
C CYS B 162 -20.78 2.98 9.19
N HIS B 163 -20.68 3.60 8.02
CA HIS B 163 -21.75 3.49 7.05
C HIS B 163 -21.97 2.04 6.62
N GLN B 164 -20.88 1.31 6.40
CA GLN B 164 -20.99 -0.09 6.03
C GLN B 164 -21.51 -0.94 7.19
N TRP B 165 -21.23 -0.54 8.43
CA TRP B 165 -21.75 -1.29 9.57
C TRP B 165 -23.25 -1.08 9.72
N ILE B 166 -23.71 0.16 9.56
CA ILE B 166 -25.15 0.42 9.58
C ILE B 166 -25.83 -0.32 8.44
N GLY B 167 -25.16 -0.43 7.29
CA GLY B 167 -25.71 -1.21 6.19
C GLY B 167 -25.75 -2.70 6.49
N SER B 168 -24.73 -3.21 7.19
CA SER B 168 -24.71 -4.62 7.57
C SER B 168 -25.79 -4.92 8.59
N ALA B 169 -26.19 -3.92 9.37
CA ALA B 169 -27.27 -4.13 10.35
C ALA B 169 -28.59 -4.43 9.64
N PHE B 170 -28.85 -3.78 8.51
CA PHE B 170 -30.08 -4.02 7.77
C PHE B 170 -30.07 -5.36 7.05
N ASN B 171 -28.90 -5.95 6.84
CA ASN B 171 -28.76 -7.22 6.14
C ASN B 171 -28.12 -8.27 7.03
N ARG B 172 -28.28 -8.13 8.34
CA ARG B 172 -27.71 -9.08 9.30
C ARG B 172 -28.47 -10.40 9.19
N ALA B 173 -27.85 -11.39 8.53
CA ALA B 173 -28.50 -12.68 8.35
C ALA B 173 -28.33 -13.52 9.60
N ASP B 174 -28.75 -12.98 10.74
CA ASP B 174 -28.66 -13.67 12.03
C ASP B 174 -30.08 -13.87 12.54
N ARG B 175 -30.54 -15.13 12.55
CA ARG B 175 -31.84 -15.45 13.09
C ARG B 175 -31.73 -16.23 14.40
N THR B 176 -30.56 -16.26 15.01
CA THR B 176 -30.43 -16.74 16.38
C THR B 176 -31.02 -15.69 17.32
N VAL B 177 -31.81 -16.15 18.29
CA VAL B 177 -32.58 -15.24 19.14
C VAL B 177 -31.68 -14.14 19.71
N GLU B 178 -30.45 -14.51 20.09
CA GLU B 178 -29.52 -13.53 20.64
C GLU B 178 -29.17 -12.45 19.61
N GLY B 179 -28.97 -12.84 18.36
CA GLY B 179 -28.56 -11.88 17.35
C GLY B 179 -29.66 -10.89 17.00
N GLN B 180 -30.88 -11.39 16.80
CA GLN B 180 -31.99 -10.47 16.51
C GLN B 180 -32.34 -9.63 17.73
N GLN B 181 -32.12 -10.15 18.94
CA GLN B 181 -32.33 -9.34 20.13
C GLN B 181 -31.30 -8.22 20.22
N SER B 182 -30.03 -8.53 19.91
CA SER B 182 -28.99 -7.51 19.93
C SER B 182 -29.25 -6.45 18.88
N LEU B 183 -29.70 -6.84 17.69
CA LEU B 183 -29.95 -5.83 16.67
C LEU B 183 -31.21 -5.03 16.99
N ILE B 184 -32.17 -5.62 17.71
CA ILE B 184 -33.31 -4.83 18.19
C ILE B 184 -32.86 -3.79 19.20
N ASN B 185 -32.00 -4.18 20.15
CA ASN B 185 -31.47 -3.22 21.11
C ASN B 185 -30.68 -2.12 20.40
N LEU B 186 -29.90 -2.48 19.39
CA LEU B 186 -29.17 -1.48 18.62
C LEU B 186 -30.11 -0.53 17.89
N TYR B 187 -31.20 -1.07 17.32
CA TYR B 187 -32.19 -0.24 16.65
C TYR B 187 -32.81 0.75 17.61
N ASN B 188 -33.12 0.29 18.83
CA ASN B 188 -33.71 1.18 19.83
C ASN B 188 -32.73 2.27 20.26
N LYS B 189 -31.47 1.90 20.51
CA LYS B 189 -30.47 2.89 20.88
C LYS B 189 -30.28 3.90 19.76
N MET B 190 -30.30 3.45 18.50
CA MET B 190 -30.17 4.37 17.39
C MET B 190 -31.35 5.32 17.31
N GLN B 191 -32.57 4.81 17.48
CA GLN B 191 -33.74 5.68 17.46
C GLN B 191 -33.62 6.76 18.55
N THR B 192 -33.22 6.36 19.75
CA THR B 192 -33.11 7.33 20.84
C THR B 192 -32.03 8.37 20.54
N LEU B 193 -30.83 7.90 20.18
CA LEU B 193 -29.71 8.81 19.94
C LEU B 193 -30.02 9.80 18.82
N CYS B 194 -30.64 9.32 17.73
CA CYS B 194 -30.96 10.21 16.62
C CYS B 194 -32.18 11.08 16.91
N SER B 195 -33.03 10.68 17.85
CA SER B 195 -34.07 11.60 18.31
C SER B 195 -33.48 12.73 19.13
N LYS B 196 -32.37 12.46 19.84
CA LYS B 196 -31.68 13.54 20.55
C LYS B 196 -31.08 14.54 19.55
N ASP B 197 -30.23 14.06 18.66
CA ASP B 197 -29.55 14.95 17.69
C ASP B 197 -29.29 14.13 16.44
N ALA B 198 -29.98 14.48 15.34
CA ALA B 198 -29.84 13.76 14.08
C ALA B 198 -28.73 14.31 13.19
N SER B 199 -28.10 15.42 13.59
CA SER B 199 -27.06 16.02 12.77
C SER B 199 -25.73 15.27 12.85
N VAL B 200 -25.55 14.43 13.88
CA VAL B 200 -24.31 13.66 14.03
C VAL B 200 -24.14 12.74 12.83
N PRO B 201 -22.92 12.37 12.46
CA PRO B 201 -22.74 11.61 11.21
C PRO B 201 -23.35 10.21 11.25
N ILE B 202 -23.23 9.51 12.38
CA ILE B 202 -23.76 8.14 12.45
C ILE B 202 -25.26 8.15 12.25
N CYS B 203 -25.95 9.18 12.75
CA CYS B 203 -27.39 9.26 12.58
C CYS B 203 -27.78 9.66 11.16
N GLU B 204 -26.97 10.49 10.50
CA GLU B 204 -27.21 10.79 9.10
C GLU B 204 -27.05 9.53 8.24
N SER B 205 -26.06 8.69 8.58
CA SER B 205 -25.92 7.42 7.87
C SER B 205 -27.09 6.50 8.16
N PHE B 206 -27.57 6.50 9.40
CA PHE B 206 -28.74 5.70 9.75
C PHE B 206 -29.96 6.14 8.96
N LEU B 207 -30.17 7.45 8.82
CA LEU B 207 -31.29 7.95 8.03
C LEU B 207 -31.12 7.61 6.56
N HIS B 208 -29.88 7.66 6.06
CA HIS B 208 -29.63 7.29 4.68
C HIS B 208 -29.98 5.84 4.42
N HIS B 209 -29.56 4.95 5.32
CA HIS B 209 -29.89 3.53 5.17
C HIS B 209 -31.38 3.28 5.33
N LEU B 210 -32.04 4.02 6.23
CA LEU B 210 -33.49 3.89 6.36
C LEU B 210 -34.20 4.31 5.07
N ARG B 211 -33.70 5.37 4.42
CA ARG B 211 -34.26 5.76 3.13
C ARG B 211 -34.01 4.67 2.09
N ALA B 212 -32.84 4.04 2.14
CA ALA B 212 -32.54 2.96 1.20
C ALA B 212 -33.43 1.75 1.43
N HIS B 213 -33.91 1.55 2.67
CA HIS B 213 -34.78 0.41 2.95
C HIS B 213 -36.09 0.51 2.18
N ASN B 214 -36.60 1.73 2.00
CA ASN B 214 -37.75 2.00 1.13
C ASN B 214 -39.01 1.27 1.58
N THR B 215 -39.19 1.09 2.89
CA THR B 215 -40.42 0.54 3.43
C THR B 215 -41.08 1.55 4.35
N GLU B 216 -42.38 1.40 4.56
CA GLU B 216 -43.11 2.32 5.43
C GLU B 216 -42.56 2.30 6.85
N ASP B 217 -42.14 1.12 7.33
CA ASP B 217 -41.58 1.02 8.67
C ASP B 217 -40.33 1.88 8.82
N SER B 218 -39.61 2.11 7.71
CA SER B 218 -38.42 2.95 7.73
C SER B 218 -38.73 4.41 7.41
N LYS B 219 -39.65 4.65 6.48
CA LYS B 219 -40.04 6.03 6.16
C LYS B 219 -40.65 6.72 7.36
N GLU B 220 -41.51 6.00 8.12
CA GLU B 220 -42.14 6.62 9.27
C GLU B 220 -41.13 6.89 10.38
N MET B 221 -40.13 6.02 10.55
CA MET B 221 -39.11 6.30 11.55
C MET B 221 -38.23 7.48 11.11
N ILE B 222 -37.97 7.60 9.81
CA ILE B 222 -37.28 8.79 9.31
C ILE B 222 -38.06 10.04 9.67
N ASP B 223 -39.35 10.05 9.35
CA ASP B 223 -40.18 11.22 9.64
C ASP B 223 -40.24 11.51 11.14
N TYR B 224 -40.29 10.45 11.95
CA TYR B 224 -40.34 10.64 13.41
C TYR B 224 -39.04 11.26 13.91
N ILE B 225 -37.91 10.69 13.54
CA ILE B 225 -36.62 11.22 13.98
C ILE B 225 -36.45 12.67 13.53
N LEU B 226 -36.85 12.98 12.29
CA LEU B 226 -36.71 14.34 11.80
C LEU B 226 -37.68 15.29 12.48
N ARG B 227 -38.85 14.82 12.90
CA ARG B 227 -39.82 15.69 13.55
C ARG B 227 -39.52 15.91 15.02
N GLN B 228 -38.70 15.05 15.64
CA GLN B 228 -38.31 15.21 17.03
C GLN B 228 -37.09 16.10 17.20
N GLN B 229 -36.70 16.83 16.16
CA GLN B 229 -35.48 17.64 16.21
C GLN B 229 -35.80 19.05 16.67
N SER B 230 -34.77 19.73 17.17
CA SER B 230 -34.91 21.08 17.68
C SER B 230 -35.21 22.05 16.54
N ALA B 231 -35.64 23.26 16.91
CA ALA B 231 -35.88 24.29 15.90
C ALA B 231 -34.59 24.70 15.21
N ASP B 232 -33.47 24.68 15.93
CA ASP B 232 -32.19 25.02 15.32
C ASP B 232 -31.81 24.01 14.25
N PHE B 233 -32.10 22.73 14.49
CA PHE B 233 -31.82 21.70 13.48
C PHE B 233 -32.66 21.94 12.23
N LYS B 234 -33.93 22.30 12.41
CA LYS B 234 -34.82 22.48 11.27
C LYS B 234 -34.55 23.78 10.53
N GLN B 235 -34.14 24.84 11.22
CA GLN B 235 -33.86 26.11 10.55
C GLN B 235 -32.55 26.07 9.77
N LYS B 236 -31.78 24.99 9.84
CA LYS B 236 -30.51 24.88 9.14
C LYS B 236 -30.45 23.71 8.17
N TYR B 237 -31.10 22.59 8.48
CA TYR B 237 -31.09 21.42 7.62
C TYR B 237 -32.43 21.13 6.96
N MET B 238 -33.53 21.35 7.67
CA MET B 238 -34.86 21.04 7.16
C MET B 238 -35.61 22.34 6.86
N ARG B 239 -35.18 23.02 5.80
CA ARG B 239 -35.86 24.23 5.36
C ARG B 239 -36.77 23.96 4.18
N CYS B 240 -36.68 22.77 3.58
CA CYS B 240 -37.64 22.35 2.57
C CYS B 240 -38.90 21.80 3.22
N SER B 241 -38.73 20.93 4.23
CA SER B 241 -39.89 20.33 4.89
C SER B 241 -40.68 21.36 5.69
N TYR B 242 -40.00 22.33 6.29
CA TYR B 242 -40.62 23.39 7.08
C TYR B 242 -40.38 24.73 6.40
N PRO B 243 -41.21 25.10 5.43
CA PRO B 243 -41.00 26.38 4.74
C PRO B 243 -41.44 27.56 5.59
N THR B 244 -40.98 28.73 5.19
CA THR B 244 -41.39 29.96 5.84
C THR B 244 -42.82 30.31 5.43
N ARG B 245 -43.41 31.27 6.15
CA ARG B 245 -44.77 31.69 5.84
C ARG B 245 -44.85 32.32 4.47
N ASP B 246 -43.82 33.06 4.06
CA ASP B 246 -43.84 33.72 2.77
C ASP B 246 -43.71 32.71 1.63
N LYS B 247 -42.77 31.78 1.75
CA LYS B 247 -42.62 30.76 0.71
C LYS B 247 -43.85 29.86 0.63
N LEU B 248 -44.44 29.52 1.78
CA LEU B 248 -45.66 28.72 1.75
C LEU B 248 -46.82 29.48 1.13
N GLU B 249 -46.92 30.78 1.41
CA GLU B 249 -47.98 31.58 0.83
C GLU B 249 -47.81 31.69 -0.69
N GLU B 250 -46.57 31.89 -1.16
CA GLU B 250 -46.33 32.02 -2.58
C GLU B 250 -46.40 30.70 -3.33
N SER B 251 -46.18 29.57 -2.64
CA SER B 251 -46.27 28.28 -3.32
C SER B 251 -47.69 28.01 -3.81
N LEU B 252 -48.70 28.56 -3.11
CA LEU B 252 -50.08 28.39 -3.56
C LEU B 252 -50.34 29.08 -4.89
N LYS B 253 -49.54 30.09 -5.24
CA LYS B 253 -49.71 30.77 -6.52
C LYS B 253 -49.25 29.93 -7.71
N TYR B 254 -48.65 28.77 -7.47
CA TYR B 254 -48.16 27.90 -8.52
C TYR B 254 -48.84 26.55 -8.43
N ALA B 255 -49.16 25.96 -9.58
CA ALA B 255 -49.83 24.66 -9.60
C ALA B 255 -48.88 23.53 -9.25
N GLU B 256 -47.60 23.67 -9.56
CA GLU B 256 -46.63 22.62 -9.27
C GLU B 256 -46.36 22.54 -7.77
N PRO B 257 -45.83 21.40 -7.31
CA PRO B 257 -45.45 21.29 -5.89
C PRO B 257 -44.36 22.29 -5.54
N ARG B 258 -44.36 22.73 -4.28
CA ARG B 258 -43.37 23.68 -3.82
C ARG B 258 -41.96 23.12 -3.91
N GLU B 259 -41.81 21.80 -3.77
CA GLU B 259 -40.49 21.19 -3.82
C GLU B 259 -39.82 21.41 -5.17
N CYS B 260 -40.60 21.46 -6.25
CA CYS B 260 -40.07 21.75 -7.58
C CYS B 260 -39.88 23.23 -7.82
N TRP B 261 -39.92 24.06 -6.77
CA TRP B 261 -39.95 25.50 -6.92
C TRP B 261 -39.07 26.17 -5.87
N ASP B 262 -39.10 25.64 -4.65
CA ASP B 262 -38.33 26.23 -3.56
C ASP B 262 -36.86 25.91 -3.72
N PRO B 263 -35.98 26.92 -3.77
CA PRO B 263 -34.53 26.61 -3.80
C PRO B 263 -34.05 25.88 -2.55
N GLU B 264 -34.74 26.03 -1.43
CA GLU B 264 -34.36 25.30 -0.22
C GLU B 264 -34.60 23.80 -0.37
N CYS B 265 -35.45 23.38 -1.31
CA CYS B 265 -35.64 21.97 -1.58
C CYS B 265 -34.61 21.45 -2.57
N SER B 266 -34.32 22.23 -3.62
CA SER B 266 -33.32 21.83 -4.59
C SER B 266 -31.93 21.73 -3.99
N ASN B 267 -31.70 22.36 -2.83
CA ASN B 267 -30.39 22.38 -2.20
C ASN B 267 -30.33 21.62 -0.88
N ALA B 268 -31.46 21.20 -0.33
CA ALA B 268 -31.44 20.46 0.93
C ALA B 268 -30.93 19.05 0.69
N ASN B 269 -30.15 18.55 1.66
CA ASN B 269 -29.64 17.18 1.55
C ASN B 269 -30.77 16.18 1.72
N VAL B 270 -30.66 15.07 0.99
CA VAL B 270 -31.74 14.09 0.95
C VAL B 270 -31.91 13.37 2.28
N ASN B 271 -30.86 13.34 3.12
CA ASN B 271 -30.92 12.58 4.35
C ASN B 271 -31.80 13.24 5.41
N PHE B 272 -32.08 14.53 5.28
CA PHE B 272 -32.88 15.26 6.26
C PHE B 272 -34.21 15.72 5.68
N LEU B 273 -34.66 15.11 4.60
CA LEU B 273 -35.96 15.41 4.01
C LEU B 273 -37.02 14.48 4.57
N LEU B 274 -38.20 15.02 4.82
CA LEU B 274 -39.33 14.18 5.18
C LEU B 274 -39.74 13.33 3.98
N THR B 275 -40.40 12.20 4.27
CA THR B 275 -40.84 11.33 3.19
C THR B 275 -41.77 12.04 2.23
N ARG B 276 -42.58 12.97 2.73
CA ARG B 276 -43.47 13.75 1.87
C ARG B 276 -42.68 14.52 0.82
N ASN B 277 -41.71 15.33 1.26
CA ASN B 277 -40.93 16.13 0.33
C ASN B 277 -39.99 15.27 -0.50
N TYR B 278 -39.47 14.18 0.09
CA TYR B 278 -38.64 13.23 -0.66
C TYR B 278 -39.43 12.65 -1.82
N ASN B 279 -40.72 12.41 -1.62
CA ASN B 279 -41.55 11.87 -2.69
C ASN B 279 -41.95 12.95 -3.68
N ASN B 280 -42.25 14.15 -3.19
CA ASN B 280 -42.68 15.24 -4.07
C ASN B 280 -41.55 15.70 -4.98
N LEU B 281 -40.30 15.63 -4.52
CA LEU B 281 -39.18 16.01 -5.39
C LEU B 281 -39.08 15.10 -6.61
N GLY B 282 -39.59 13.88 -6.50
CA GLY B 282 -39.62 12.98 -7.65
C GLY B 282 -40.66 13.34 -8.69
N LEU B 283 -41.59 14.24 -8.36
CA LEU B 283 -42.62 14.65 -9.30
C LEU B 283 -42.15 15.73 -10.27
N CYS B 284 -40.99 16.31 -10.03
CA CYS B 284 -40.48 17.37 -10.90
C CYS B 284 -39.98 16.78 -12.21
N ASN B 285 -40.34 17.42 -13.32
CA ASN B 285 -39.96 16.97 -14.65
C ASN B 285 -40.43 15.53 -14.91
N GLU C 3 -72.95 27.22 -10.62
CA GLU C 3 -72.34 28.18 -9.71
C GLU C 3 -71.30 27.51 -8.81
N VAL C 4 -70.15 28.16 -8.66
CA VAL C 4 -69.09 27.62 -7.82
C VAL C 4 -69.45 27.83 -6.34
N GLN C 5 -69.37 26.76 -5.56
CA GLN C 5 -69.68 26.82 -4.14
C GLN C 5 -68.79 25.86 -3.39
N LEU C 6 -68.33 26.27 -2.21
CA LEU C 6 -67.48 25.45 -1.35
C LEU C 6 -68.06 25.48 0.06
N GLN C 7 -68.80 24.44 0.42
CA GLN C 7 -69.34 24.32 1.76
C GLN C 7 -68.24 23.88 2.73
N ALA C 8 -68.48 24.09 4.01
CA ALA C 8 -67.52 23.73 5.05
C ALA C 8 -68.26 23.23 6.28
N SER C 9 -67.76 22.12 6.84
CA SER C 9 -68.36 21.52 8.03
C SER C 9 -67.34 20.61 8.68
N GLY C 10 -67.69 20.10 9.85
CA GLY C 10 -66.85 19.17 10.59
C GLY C 10 -66.28 19.72 11.87
N GLY C 11 -66.47 21.01 12.15
CA GLY C 11 -65.95 21.60 13.37
C GLY C 11 -66.76 21.24 14.60
N GLY C 12 -66.19 21.57 15.75
CA GLY C 12 -66.85 21.29 17.01
C GLY C 12 -65.99 21.67 18.18
N LEU C 13 -66.38 21.19 19.36
CA LEU C 13 -65.67 21.47 20.60
C LEU C 13 -64.91 20.23 21.04
N VAL C 14 -63.64 20.42 21.42
CA VAL C 14 -62.77 19.35 21.86
C VAL C 14 -61.86 19.89 22.96
N GLN C 15 -61.03 19.01 23.51
CA GLN C 15 -60.08 19.31 24.55
C GLN C 15 -58.65 19.29 24.01
N PRO C 16 -57.68 19.85 24.76
CA PRO C 16 -56.28 19.75 24.32
C PRO C 16 -55.84 18.31 24.08
N GLY C 17 -55.62 17.96 22.81
CA GLY C 17 -55.29 16.61 22.42
C GLY C 17 -56.38 15.87 21.67
N GLY C 18 -57.48 16.54 21.33
CA GLY C 18 -58.56 15.91 20.60
C GLY C 18 -58.29 15.83 19.11
N SER C 19 -59.30 15.40 18.37
CA SER C 19 -59.20 15.23 16.93
C SER C 19 -60.52 15.62 16.28
N LEU C 20 -60.42 16.17 15.07
CA LEU C 20 -61.59 16.55 14.29
C LEU C 20 -61.35 16.21 12.83
N ARG C 21 -62.41 16.33 12.02
CA ARG C 21 -62.29 16.07 10.60
C ARG C 21 -63.23 17.02 9.86
N LEU C 22 -62.64 17.99 9.16
CA LEU C 22 -63.38 18.98 8.39
C LEU C 22 -63.59 18.49 6.97
N SER C 23 -64.75 18.78 6.41
CA SER C 23 -65.12 18.38 5.06
C SER C 23 -65.44 19.62 4.23
N CYS C 24 -65.31 19.46 2.91
CA CYS C 24 -65.68 20.54 1.98
C CYS C 24 -66.04 19.90 0.65
N ALA C 25 -67.32 20.02 0.27
CA ALA C 25 -67.78 19.51 -1.00
C ALA C 25 -67.67 20.61 -2.07
N ALA C 26 -67.52 20.19 -3.31
CA ALA C 26 -67.30 21.10 -4.43
C ALA C 26 -68.45 21.00 -5.41
N SER C 27 -68.68 22.10 -6.13
CA SER C 27 -69.71 22.16 -7.17
C SER C 27 -69.20 23.08 -8.27
N GLY C 28 -69.05 22.53 -9.48
CA GLY C 28 -68.53 23.30 -10.58
C GLY C 28 -67.03 23.53 -10.54
N ILE C 29 -66.31 22.77 -9.73
CA ILE C 29 -64.85 22.88 -9.62
C ILE C 29 -64.28 21.48 -9.61
N VAL C 30 -63.43 21.16 -10.58
CA VAL C 30 -62.80 19.85 -10.69
C VAL C 30 -61.42 19.93 -10.06
N PHE C 31 -61.09 18.94 -9.23
CA PHE C 31 -59.80 18.90 -8.57
C PHE C 31 -58.66 18.57 -9.52
N SER C 32 -58.95 18.27 -10.79
CA SER C 32 -57.91 17.93 -11.75
C SER C 32 -57.13 19.15 -12.24
N ASN C 33 -57.72 20.35 -12.14
CA ASN C 33 -57.05 21.57 -12.58
C ASN C 33 -57.24 22.66 -11.54
N ASN C 34 -57.20 22.28 -10.26
CA ASN C 34 -57.35 23.23 -9.18
C ASN C 34 -56.41 22.85 -8.04
N ARG C 35 -55.95 23.87 -7.33
CA ARG C 35 -55.15 23.72 -6.12
C ARG C 35 -56.05 24.05 -4.95
N MET C 36 -56.28 23.07 -4.09
CA MET C 36 -57.14 23.23 -2.93
C MET C 36 -56.31 23.61 -1.72
N SER C 37 -56.92 24.39 -0.82
CA SER C 37 -56.20 24.84 0.36
C SER C 37 -57.16 24.99 1.52
N TRP C 38 -56.72 24.58 2.71
CA TRP C 38 -57.42 24.81 3.95
C TRP C 38 -56.69 25.93 4.70
N TYR C 39 -57.38 27.05 4.89
CA TYR C 39 -56.92 28.21 5.62
C TYR C 39 -57.60 28.26 6.99
N ARG C 40 -56.94 28.89 7.94
CA ARG C 40 -57.53 29.19 9.23
C ARG C 40 -57.27 30.65 9.56
N GLN C 41 -58.26 31.29 10.17
CA GLN C 41 -58.14 32.68 10.63
C GLN C 41 -58.60 32.77 12.06
N ALA C 42 -57.70 33.16 12.96
CA ALA C 42 -57.99 33.37 14.36
C ALA C 42 -58.82 34.63 14.56
N PRO C 43 -59.64 34.70 15.61
CA PRO C 43 -60.42 35.91 15.87
C PRO C 43 -59.54 37.13 16.05
N GLY C 44 -59.52 38.01 15.05
CA GLY C 44 -58.71 39.21 15.13
C GLY C 44 -57.26 39.02 14.75
N LYS C 45 -56.99 38.22 13.72
CA LYS C 45 -55.61 37.99 13.27
C LYS C 45 -55.62 37.77 11.77
N GLN C 46 -54.44 37.90 11.17
CA GLN C 46 -54.30 37.68 9.74
C GLN C 46 -54.49 36.19 9.41
N ARG C 47 -55.23 35.92 8.33
CA ARG C 47 -55.47 34.55 7.92
C ARG C 47 -54.18 33.89 7.45
N GLU C 48 -54.04 32.61 7.75
CA GLU C 48 -52.87 31.84 7.35
C GLU C 48 -53.33 30.51 6.75
N VAL C 49 -52.56 30.02 5.78
CA VAL C 49 -52.88 28.75 5.14
C VAL C 49 -52.41 27.61 6.04
N VAL C 50 -53.29 26.64 6.27
CA VAL C 50 -52.95 25.47 7.08
C VAL C 50 -52.38 24.36 6.21
N ALA C 51 -53.08 24.03 5.12
CA ALA C 51 -52.64 22.92 4.28
C ALA C 51 -53.00 23.23 2.83
N THR C 52 -52.22 22.67 1.91
CA THR C 52 -52.52 22.82 0.49
C THR C 52 -52.31 21.49 -0.21
N ILE C 53 -53.04 21.29 -1.30
CA ILE C 53 -52.90 20.10 -2.14
C ILE C 53 -53.03 20.51 -3.60
N THR C 54 -52.09 20.05 -4.42
CA THR C 54 -52.05 20.39 -5.83
C THR C 54 -53.07 19.57 -6.61
N SER C 55 -53.10 19.79 -7.93
CA SER C 55 -53.97 18.99 -8.79
C SER C 55 -53.54 17.54 -8.87
N GLY C 56 -52.27 17.25 -8.60
CA GLY C 56 -51.73 15.91 -8.67
C GLY C 56 -51.60 15.19 -7.33
N GLY C 57 -52.19 15.72 -6.27
CA GLY C 57 -52.15 15.07 -4.98
C GLY C 57 -50.93 15.39 -4.13
N ALA C 58 -50.13 16.37 -4.53
CA ALA C 58 -48.99 16.78 -3.72
C ALA C 58 -49.46 17.71 -2.61
N THR C 59 -49.14 17.36 -1.36
CA THR C 59 -49.62 18.09 -0.20
C THR C 59 -48.48 18.84 0.46
N ASP C 60 -48.84 19.92 1.15
CA ASP C 60 -47.88 20.71 1.92
C ASP C 60 -48.60 21.30 3.12
N TYR C 61 -47.84 21.51 4.20
CA TYR C 61 -48.38 21.94 5.47
C TYR C 61 -47.54 23.07 6.05
N GLN C 62 -48.16 23.83 6.96
CA GLN C 62 -47.44 24.86 7.70
C GLN C 62 -46.58 24.21 8.78
N ASP C 63 -45.47 24.87 9.10
CA ASP C 63 -44.49 24.30 10.04
C ASP C 63 -45.12 23.99 11.39
N SER C 64 -46.16 24.73 11.79
CA SER C 64 -46.79 24.50 13.08
C SER C 64 -47.75 23.31 13.02
N VAL C 65 -48.60 23.27 11.99
CA VAL C 65 -49.58 22.19 11.86
C VAL C 65 -49.01 20.94 11.21
N GLU C 66 -47.73 20.95 10.83
CA GLU C 66 -47.14 19.80 10.17
C GLU C 66 -47.00 18.64 11.16
N GLY C 67 -47.18 17.43 10.65
CA GLY C 67 -47.12 16.24 11.47
C GLY C 67 -48.36 15.95 12.27
N ARG C 68 -49.31 16.88 12.33
CA ARG C 68 -50.55 16.69 13.06
C ARG C 68 -51.76 16.73 12.14
N PHE C 69 -51.90 17.77 11.32
CA PHE C 69 -53.00 17.85 10.37
C PHE C 69 -52.62 17.15 9.08
N THR C 70 -53.63 16.58 8.42
CA THR C 70 -53.39 15.87 7.16
C THR C 70 -54.53 16.18 6.18
N ILE C 71 -54.18 16.60 4.98
CA ILE C 71 -55.16 16.98 3.96
C ILE C 71 -55.25 15.87 2.92
N SER C 72 -56.49 15.50 2.58
CA SER C 72 -56.75 14.50 1.56
C SER C 72 -57.88 14.99 0.67
N ARG C 73 -58.10 14.30 -0.45
CA ARG C 73 -59.11 14.72 -1.40
C ARG C 73 -59.80 13.49 -2.00
N ASP C 74 -60.92 13.74 -2.65
CA ASP C 74 -61.64 12.72 -3.41
C ASP C 74 -62.36 13.44 -4.54
N MET C 75 -61.79 13.39 -5.74
CA MET C 75 -62.37 14.08 -6.88
C MET C 75 -63.51 13.29 -7.51
N ALA C 76 -63.59 11.98 -7.26
CA ALA C 76 -64.76 11.22 -7.66
C ALA C 76 -66.00 11.68 -6.93
N LYS C 77 -65.84 12.31 -5.76
CA LYS C 77 -66.95 12.88 -5.01
C LYS C 77 -66.82 14.40 -4.87
N ASN C 78 -65.75 14.99 -5.39
CA ASN C 78 -65.50 16.44 -5.28
C ASN C 78 -65.56 16.90 -3.83
N THR C 79 -64.79 16.24 -2.98
CA THR C 79 -64.79 16.53 -1.55
C THR C 79 -63.36 16.51 -1.04
N VAL C 80 -62.91 17.63 -0.50
CA VAL C 80 -61.60 17.72 0.15
C VAL C 80 -61.81 17.66 1.66
N TYR C 81 -60.86 17.03 2.35
CA TYR C 81 -60.97 16.79 3.78
C TYR C 81 -59.79 17.41 4.51
N LEU C 82 -59.88 17.41 5.83
CA LEU C 82 -58.79 17.81 6.69
C LEU C 82 -58.92 17.05 8.01
N GLN C 83 -57.92 16.25 8.34
CA GLN C 83 -57.92 15.44 9.54
C GLN C 83 -56.99 16.11 10.55
N MET C 84 -57.58 16.65 11.62
CA MET C 84 -56.87 17.43 12.63
C MET C 84 -56.67 16.53 13.84
N ASN C 85 -55.52 15.88 13.90
CA ASN C 85 -55.17 15.00 15.02
C ASN C 85 -54.25 15.74 15.99
N SER C 86 -54.38 15.40 17.27
CA SER C 86 -53.61 16.03 18.34
C SER C 86 -53.81 17.55 18.31
N LEU C 87 -55.06 17.95 18.50
CA LEU C 87 -55.41 19.36 18.43
C LEU C 87 -54.83 20.13 19.61
N LYS C 88 -54.70 21.44 19.43
CA LYS C 88 -54.11 22.35 20.39
C LYS C 88 -54.99 23.57 20.54
N PRO C 89 -54.93 24.25 21.68
CA PRO C 89 -55.74 25.48 21.85
C PRO C 89 -55.33 26.61 20.93
N GLU C 90 -54.15 26.53 20.30
CA GLU C 90 -53.74 27.54 19.34
C GLU C 90 -54.35 27.32 17.96
N ASP C 91 -54.96 26.17 17.73
CA ASP C 91 -55.59 25.87 16.44
C ASP C 91 -57.03 26.34 16.37
N THR C 92 -57.55 26.95 17.42
CA THR C 92 -58.93 27.43 17.44
C THR C 92 -59.04 28.63 16.51
N ALA C 93 -59.77 28.47 15.41
CA ALA C 93 -59.92 29.53 14.42
C ALA C 93 -61.06 29.15 13.49
N VAL C 94 -61.35 30.03 12.54
CA VAL C 94 -62.34 29.77 11.50
C VAL C 94 -61.60 29.12 10.33
N TYR C 95 -61.97 27.89 10.00
CA TYR C 95 -61.32 27.12 8.94
C TYR C 95 -62.18 27.15 7.68
N PHE C 96 -61.57 27.55 6.56
CA PHE C 96 -62.29 27.64 5.30
C PHE C 96 -61.43 27.15 4.15
N CYS C 97 -62.09 26.77 3.07
CA CYS C 97 -61.42 26.19 1.92
C CYS C 97 -61.31 27.22 0.78
N ASN C 98 -60.26 27.07 -0.02
CA ASN C 98 -59.96 27.97 -1.11
C ASN C 98 -59.48 27.16 -2.31
N ALA C 99 -60.05 27.41 -3.48
CA ALA C 99 -59.68 26.70 -4.70
C ALA C 99 -59.15 27.69 -5.73
N ARG C 100 -57.96 27.44 -6.26
CA ARG C 100 -57.36 28.32 -7.25
C ARG C 100 -57.00 27.54 -8.49
N ARG C 101 -57.41 28.04 -9.65
CA ARG C 101 -57.21 27.31 -10.91
C ARG C 101 -55.73 27.21 -11.25
N ASP C 102 -55.36 26.10 -11.87
CA ASP C 102 -53.99 25.92 -12.35
C ASP C 102 -53.75 26.83 -13.55
N ASN C 103 -52.64 27.58 -13.50
CA ASN C 103 -52.21 28.52 -14.53
C ASN C 103 -53.15 29.69 -14.70
N PHE C 104 -54.07 29.91 -13.77
CA PHE C 104 -54.99 31.05 -13.80
C PHE C 104 -55.04 31.64 -12.41
N ALA C 105 -54.18 32.63 -12.15
CA ALA C 105 -54.13 33.27 -10.84
C ALA C 105 -55.34 34.15 -10.58
N THR C 106 -56.00 34.64 -11.63
CA THR C 106 -57.17 35.50 -11.47
C THR C 106 -58.44 34.70 -11.21
N ALA C 107 -58.43 33.38 -11.41
CA ALA C 107 -59.59 32.54 -11.19
C ALA C 107 -59.41 31.81 -9.86
N ILE C 108 -59.81 32.46 -8.78
CA ILE C 108 -59.68 31.94 -7.42
C ILE C 108 -60.99 32.13 -6.70
N TYR C 109 -61.43 31.09 -5.98
CA TYR C 109 -62.73 31.11 -5.31
C TYR C 109 -62.55 30.68 -3.85
N TRP C 110 -63.28 31.35 -2.96
CA TRP C 110 -63.29 31.05 -1.55
C TRP C 110 -64.60 30.41 -1.15
N GLY C 111 -64.60 29.75 0.01
CA GLY C 111 -65.78 29.04 0.46
C GLY C 111 -66.23 29.38 1.86
N GLN C 112 -67.19 28.62 2.38
CA GLN C 112 -67.71 28.87 3.70
C GLN C 112 -66.70 28.47 4.76
N GLY C 113 -66.98 28.85 6.01
CA GLY C 113 -66.09 28.56 7.11
C GLY C 113 -66.74 27.75 8.21
N THR C 114 -65.91 27.13 9.04
CA THR C 114 -66.38 26.32 10.17
C THR C 114 -65.60 26.70 11.42
N GLN C 115 -66.29 26.67 12.56
CA GLN C 115 -65.73 27.04 13.84
C GLN C 115 -65.21 25.81 14.57
N VAL C 116 -64.01 25.92 15.13
CA VAL C 116 -63.43 24.89 15.98
C VAL C 116 -62.92 25.56 17.25
N THR C 117 -62.86 24.78 18.33
CA THR C 117 -62.42 25.30 19.61
C THR C 117 -61.81 24.19 20.45
N VAL C 118 -60.89 24.57 21.32
CA VAL C 118 -60.18 23.64 22.20
C VAL C 118 -60.06 24.27 23.58
N SER C 119 -60.48 23.54 24.60
CA SER C 119 -60.39 24.02 25.98
C SER C 119 -60.35 22.87 26.97
N VAL D 4 -10.11 20.63 3.93
CA VAL D 4 -11.04 21.76 4.00
C VAL D 4 -10.43 22.89 4.81
N GLN D 5 -10.31 24.06 4.19
CA GLN D 5 -9.74 25.25 4.81
C GLN D 5 -10.68 26.42 4.59
N LEU D 6 -10.74 27.31 5.59
CA LEU D 6 -11.59 28.51 5.53
C LEU D 6 -10.68 29.72 5.76
N ALA D 7 -10.38 30.43 4.68
CA ALA D 7 -9.52 31.60 4.74
C ALA D 7 -10.37 32.82 5.08
N GLU D 8 -10.04 33.50 6.18
CA GLU D 8 -10.82 34.61 6.67
C GLU D 8 -10.04 35.92 6.52
N SER D 9 -10.77 37.01 6.30
CA SER D 9 -10.15 38.33 6.21
C SER D 9 -11.21 39.39 6.47
N GLY D 10 -10.74 40.63 6.60
CA GLY D 10 -11.62 41.77 6.83
C GLY D 10 -11.68 42.26 8.26
N GLY D 11 -11.06 41.54 9.20
CA GLY D 11 -11.08 41.98 10.58
C GLY D 11 -10.03 43.02 10.90
N GLY D 12 -10.26 43.74 12.00
CA GLY D 12 -9.33 44.78 12.41
C GLY D 12 -9.88 45.53 13.60
N LEU D 13 -9.41 46.78 13.74
CA LEU D 13 -9.80 47.66 14.83
C LEU D 13 -10.54 48.85 14.25
N VAL D 14 -11.71 49.16 14.80
CA VAL D 14 -12.51 50.30 14.35
C VAL D 14 -13.27 50.87 15.54
N GLU D 15 -13.61 52.15 15.45
CA GLU D 15 -14.38 52.83 16.48
C GLU D 15 -15.85 52.45 16.39
N PRO D 16 -16.61 52.62 17.48
CA PRO D 16 -18.04 52.32 17.43
C PRO D 16 -18.75 53.18 16.41
N GLY D 17 -19.79 52.61 15.81
CA GLY D 17 -20.53 53.27 14.75
C GLY D 17 -19.96 53.11 13.36
N GLY D 18 -18.87 52.35 13.22
CA GLY D 18 -18.24 52.14 11.93
C GLY D 18 -18.85 50.97 11.18
N SER D 19 -18.08 50.46 10.21
CA SER D 19 -18.51 49.35 9.39
C SER D 19 -17.31 48.52 8.97
N LEU D 20 -17.55 47.23 8.80
CA LEU D 20 -16.53 46.29 8.33
C LEU D 20 -17.21 45.25 7.45
N ARG D 21 -16.40 44.53 6.68
CA ARG D 21 -16.89 43.41 5.88
C ARG D 21 -15.94 42.23 6.10
N LEU D 22 -16.45 41.18 6.72
CA LEU D 22 -15.69 39.95 6.85
C LEU D 22 -15.92 39.09 5.61
N SER D 23 -14.88 38.36 5.21
CA SER D 23 -14.95 37.51 4.03
C SER D 23 -14.27 36.19 4.33
N CYS D 24 -14.92 35.10 3.92
CA CYS D 24 -14.41 33.75 4.15
C CYS D 24 -14.48 32.98 2.84
N ALA D 25 -13.33 32.44 2.43
CA ALA D 25 -13.20 31.64 1.22
C ALA D 25 -13.01 30.18 1.63
N ALA D 26 -13.92 29.33 1.17
CA ALA D 26 -13.85 27.89 1.44
C ALA D 26 -13.04 27.22 0.34
N SER D 27 -11.89 26.67 0.71
CA SER D 27 -11.01 25.96 -0.21
C SER D 27 -10.90 24.51 0.20
N GLY D 28 -10.72 23.64 -0.78
CA GLY D 28 -10.56 22.22 -0.55
C GLY D 28 -11.67 21.40 -1.16
N ARG D 29 -11.48 20.09 -1.11
CA ARG D 29 -12.45 19.15 -1.67
C ARG D 29 -13.70 19.14 -0.79
N ILE D 30 -14.74 19.82 -1.25
CA ILE D 30 -16.01 19.89 -0.55
C ILE D 30 -17.08 19.32 -1.47
N PHE D 31 -17.79 18.29 -1.00
CA PHE D 31 -18.84 17.69 -1.82
C PHE D 31 -20.03 18.63 -1.98
N SER D 32 -20.60 19.10 -0.87
CA SER D 32 -21.70 20.05 -0.90
C SER D 32 -21.75 20.76 0.44
N ILE D 33 -22.72 21.66 0.58
CA ILE D 33 -22.83 22.52 1.76
C ILE D 33 -24.24 22.45 2.30
N ASN D 34 -24.37 22.24 3.62
CA ASN D 34 -25.67 22.36 4.28
C ASN D 34 -25.99 23.84 4.51
N TYR D 35 -25.24 24.49 5.39
CA TYR D 35 -25.37 25.91 5.64
C TYR D 35 -23.99 26.52 5.83
N MET D 36 -23.93 27.84 5.70
CA MET D 36 -22.71 28.61 5.92
C MET D 36 -22.99 29.72 6.92
N GLY D 37 -22.11 29.87 7.91
CA GLY D 37 -22.38 30.81 8.98
C GLY D 37 -21.14 31.50 9.50
N TRP D 38 -21.38 32.54 10.30
CA TRP D 38 -20.34 33.28 10.99
C TRP D 38 -20.53 33.14 12.50
N GLY D 39 -19.44 32.94 13.22
CA GLY D 39 -19.49 32.80 14.67
C GLY D 39 -18.42 33.62 15.33
N ARG D 40 -18.77 34.23 16.46
CA ARG D 40 -17.85 35.05 17.23
C ARG D 40 -17.73 34.52 18.64
N GLN D 41 -16.65 34.91 19.33
CA GLN D 41 -16.42 34.46 20.70
C GLN D 41 -15.78 35.58 21.48
N ALA D 42 -16.49 36.08 22.49
CA ALA D 42 -15.97 37.10 23.39
C ALA D 42 -15.01 36.47 24.40
N PRO D 43 -14.05 37.25 24.90
CA PRO D 43 -13.09 36.69 25.87
C PRO D 43 -13.80 36.18 27.12
N GLY D 44 -13.49 34.92 27.48
CA GLY D 44 -14.11 34.28 28.61
C GLY D 44 -15.46 33.65 28.34
N LYS D 45 -16.02 33.83 27.15
CA LYS D 45 -17.32 33.27 26.80
C LYS D 45 -17.13 32.16 25.76
N GLN D 46 -18.24 31.52 25.42
CA GLN D 46 -18.25 30.42 24.46
C GLN D 46 -18.47 30.94 23.04
N ARG D 47 -17.98 30.18 22.08
CA ARG D 47 -18.18 30.51 20.68
C ARG D 47 -19.66 30.41 20.33
N GLU D 48 -20.20 31.45 19.70
CA GLU D 48 -21.62 31.52 19.38
C GLU D 48 -21.80 31.89 17.91
N LEU D 49 -22.78 31.26 17.28
CA LEU D 49 -23.08 31.47 15.86
C LEU D 49 -24.06 32.63 15.74
N VAL D 50 -23.66 33.69 15.05
CA VAL D 50 -24.43 34.93 15.04
C VAL D 50 -25.26 35.07 13.76
N ALA D 51 -24.80 34.46 12.68
CA ALA D 51 -25.50 34.57 11.41
C ALA D 51 -25.21 33.34 10.56
N THR D 52 -26.23 32.86 9.85
CA THR D 52 -26.09 31.68 9.00
C THR D 52 -26.88 31.88 7.71
N ILE D 53 -26.46 31.18 6.67
CA ILE D 53 -27.17 31.15 5.39
C ILE D 53 -27.08 29.74 4.83
N THR D 54 -28.22 29.20 4.41
CA THR D 54 -28.28 27.83 3.91
C THR D 54 -27.89 27.80 2.44
N SER D 55 -27.84 26.58 1.87
CA SER D 55 -27.49 26.43 0.47
C SER D 55 -28.53 27.04 -0.46
N GLY D 56 -29.76 27.22 0.03
CA GLY D 56 -30.81 27.85 -0.75
C GLY D 56 -30.92 29.34 -0.60
N GLY D 57 -30.03 29.95 0.16
CA GLY D 57 -30.03 31.40 0.33
C GLY D 57 -30.93 31.92 1.41
N SER D 58 -31.22 31.12 2.43
CA SER D 58 -32.06 31.53 3.55
C SER D 58 -31.17 31.91 4.72
N THR D 59 -31.36 33.14 5.22
CA THR D 59 -30.51 33.69 6.26
C THR D 59 -31.22 33.67 7.62
N ASN D 60 -30.43 33.53 8.68
CA ASN D 60 -30.92 33.52 10.05
C ASN D 60 -29.91 34.21 10.94
N TYR D 61 -30.37 35.21 11.70
CA TYR D 61 -29.51 36.00 12.57
C TYR D 61 -29.99 35.88 14.02
N VAL D 62 -29.10 36.24 14.94
CA VAL D 62 -29.41 36.31 16.36
C VAL D 62 -29.95 37.69 16.66
N ASP D 63 -30.83 37.78 17.67
CA ASP D 63 -31.51 39.04 17.98
C ASP D 63 -30.53 40.15 18.31
N SER D 64 -29.44 39.82 19.00
CA SER D 64 -28.43 40.81 19.35
C SER D 64 -27.71 41.37 18.13
N VAL D 65 -27.97 40.84 16.94
CA VAL D 65 -27.25 41.22 15.73
C VAL D 65 -28.23 41.70 14.68
N LYS D 66 -29.47 41.21 14.74
CA LYS D 66 -30.48 41.53 13.72
C LYS D 66 -30.62 43.05 13.53
N GLY D 67 -30.53 43.48 12.29
CA GLY D 67 -30.66 44.89 11.97
C GLY D 67 -29.35 45.53 11.54
N ARG D 68 -28.25 45.10 12.14
CA ARG D 68 -26.93 45.66 11.84
C ARG D 68 -26.17 44.83 10.82
N PHE D 69 -25.94 43.55 11.11
CA PHE D 69 -25.13 42.70 10.25
C PHE D 69 -26.00 42.01 9.21
N THR D 70 -25.39 41.73 8.05
CA THR D 70 -26.06 40.99 6.99
C THR D 70 -25.08 39.99 6.39
N ILE D 71 -25.49 38.72 6.34
CA ILE D 71 -24.66 37.66 5.79
C ILE D 71 -25.10 37.38 4.37
N SER D 72 -24.13 37.19 3.47
CA SER D 72 -24.42 36.93 2.06
C SER D 72 -23.37 35.98 1.52
N ARG D 73 -23.60 35.49 0.30
CA ARG D 73 -22.68 34.55 -0.31
C ARG D 73 -22.61 34.79 -1.82
N ASP D 74 -21.39 34.78 -2.35
CA ASP D 74 -21.16 34.83 -3.78
C ASP D 74 -20.88 33.41 -4.26
N ASN D 75 -21.73 32.92 -5.17
CA ASN D 75 -21.57 31.58 -5.72
C ASN D 75 -20.26 31.44 -6.48
N ALA D 76 -19.92 32.44 -7.29
CA ALA D 76 -18.60 32.48 -7.90
C ALA D 76 -17.55 32.69 -6.81
N LYS D 77 -16.46 31.93 -6.90
CA LYS D 77 -15.41 31.87 -5.88
C LYS D 77 -15.93 31.21 -4.59
N ASN D 78 -17.26 31.04 -4.50
CA ASN D 78 -17.91 30.38 -3.37
C ASN D 78 -17.47 30.99 -2.05
N THR D 79 -17.63 32.31 -1.94
CA THR D 79 -17.20 33.04 -0.77
C THR D 79 -18.42 33.49 0.04
N VAL D 80 -18.23 33.65 1.35
CA VAL D 80 -19.29 34.10 2.23
C VAL D 80 -18.85 35.39 2.93
N TYR D 81 -19.70 36.40 2.88
CA TYR D 81 -19.40 37.71 3.44
C TYR D 81 -20.34 38.02 4.61
N LEU D 82 -19.84 38.84 5.53
CA LEU D 82 -20.59 39.34 6.67
C LEU D 82 -20.39 40.86 6.70
N GLN D 83 -21.39 41.59 6.22
CA GLN D 83 -21.37 43.04 6.24
C GLN D 83 -21.82 43.49 7.62
N MET D 84 -20.86 43.90 8.46
CA MET D 84 -21.14 44.39 9.80
C MET D 84 -21.26 45.91 9.75
N ASN D 85 -22.46 46.42 10.01
CA ASN D 85 -22.70 47.85 10.02
C ASN D 85 -23.15 48.30 11.41
N SER D 86 -22.94 49.59 11.68
CA SER D 86 -23.32 50.21 12.96
C SER D 86 -22.74 49.44 14.14
N LEU D 87 -21.41 49.31 14.13
CA LEU D 87 -20.74 48.52 15.15
C LEU D 87 -20.83 49.19 16.51
N LYS D 88 -20.73 48.37 17.55
CA LYS D 88 -20.84 48.79 18.94
C LYS D 88 -19.75 48.10 19.75
N PRO D 89 -19.27 48.75 20.81
CA PRO D 89 -18.18 48.15 21.60
C PRO D 89 -18.50 46.79 22.19
N GLU D 90 -19.76 46.36 22.17
CA GLU D 90 -20.10 45.02 22.63
C GLU D 90 -19.76 43.94 21.61
N ASP D 91 -19.42 44.32 20.39
CA ASP D 91 -19.09 43.37 19.33
C ASP D 91 -17.64 42.89 19.38
N THR D 92 -16.87 43.30 20.38
CA THR D 92 -15.48 42.90 20.51
C THR D 92 -15.35 41.38 20.66
N ALA D 93 -14.88 40.70 19.61
CA ALA D 93 -14.78 39.25 19.67
C ALA D 93 -13.86 38.75 18.57
N VAL D 94 -13.49 37.48 18.68
CA VAL D 94 -12.78 36.77 17.62
C VAL D 94 -13.84 36.11 16.75
N TYR D 95 -13.99 36.60 15.53
CA TYR D 95 -14.99 36.10 14.61
C TYR D 95 -14.41 34.94 13.81
N TYR D 96 -15.06 33.79 13.87
CA TYR D 96 -14.67 32.60 13.15
C TYR D 96 -15.61 32.37 11.98
N CYS D 97 -15.13 31.61 11.00
CA CYS D 97 -15.92 31.25 9.83
C CYS D 97 -16.43 29.83 10.01
N ASN D 98 -17.75 29.67 9.97
CA ASN D 98 -18.38 28.36 10.14
C ASN D 98 -18.82 27.82 8.79
N ALA D 99 -18.40 26.60 8.48
CA ALA D 99 -18.78 25.92 7.24
C ALA D 99 -19.29 24.54 7.60
N ASN D 100 -20.60 24.34 7.48
CA ASN D 100 -21.20 23.02 7.68
C ASN D 100 -21.29 22.36 6.31
N ILE D 101 -20.28 21.57 5.98
CA ILE D 101 -20.22 20.89 4.69
C ILE D 101 -20.87 19.51 4.81
N ARG D 102 -21.13 18.89 3.68
CA ARG D 102 -21.58 17.51 3.59
C ARG D 102 -20.41 16.72 3.06
N SER D 103 -19.64 16.10 3.97
CA SER D 103 -18.43 15.40 3.58
C SER D 103 -18.74 14.29 2.59
N THR D 104 -19.70 13.43 2.92
CA THR D 104 -20.14 12.35 2.05
C THR D 104 -21.63 12.50 1.77
N PRO D 105 -22.18 11.79 0.78
CA PRO D 105 -23.64 11.82 0.58
C PRO D 105 -24.42 11.27 1.77
N TRP D 106 -23.75 10.75 2.80
CA TRP D 106 -24.41 10.21 3.97
C TRP D 106 -23.91 10.81 5.28
N SER D 107 -23.02 11.79 5.23
CA SER D 107 -22.48 12.38 6.45
C SER D 107 -22.18 13.86 6.20
N SER D 108 -22.03 14.60 7.30
CA SER D 108 -21.71 16.02 7.26
C SER D 108 -20.56 16.30 8.22
N GLU D 109 -19.98 17.49 8.07
CA GLU D 109 -18.87 17.93 8.90
C GLU D 109 -19.03 19.40 9.22
N ASP D 110 -18.68 19.78 10.44
CA ASP D 110 -18.78 21.17 10.91
C ASP D 110 -17.36 21.69 11.04
N SER D 111 -16.84 22.27 9.96
CA SER D 111 -15.48 22.81 9.94
C SER D 111 -15.49 24.29 10.25
N TRP D 112 -14.56 24.71 11.10
CA TRP D 112 -14.40 26.11 11.48
C TRP D 112 -13.09 26.66 10.93
N GLY D 113 -12.86 27.95 11.17
CA GLY D 113 -11.66 28.62 10.73
C GLY D 113 -10.74 28.98 11.89
N GLN D 114 -9.65 29.65 11.53
CA GLN D 114 -8.68 30.07 12.55
C GLN D 114 -9.23 31.20 13.40
N GLY D 115 -9.90 32.17 12.77
CA GLY D 115 -10.50 33.26 13.51
C GLY D 115 -9.76 34.58 13.36
N THR D 116 -10.50 35.65 13.09
CA THR D 116 -9.93 36.99 12.96
C THR D 116 -10.45 37.88 14.08
N GLN D 117 -9.56 38.67 14.66
CA GLN D 117 -9.92 39.53 15.79
C GLN D 117 -10.63 40.78 15.31
N VAL D 118 -11.73 41.14 15.98
CA VAL D 118 -12.45 42.37 15.70
C VAL D 118 -12.73 43.05 17.03
N THR D 119 -12.04 44.15 17.30
CA THR D 119 -12.24 44.92 18.51
C THR D 119 -12.85 46.28 18.18
N VAL D 120 -13.79 46.71 19.00
CA VAL D 120 -14.50 47.97 18.79
C VAL D 120 -14.44 48.83 20.05
N ASP E 3 42.20 19.04 -22.01
CA ASP E 3 42.74 17.72 -21.74
C ASP E 3 43.91 17.79 -20.78
N VAL E 4 44.72 16.73 -20.75
CA VAL E 4 45.89 16.65 -19.89
C VAL E 4 47.13 16.46 -20.74
N GLN E 5 48.19 17.20 -20.43
CA GLN E 5 49.46 17.10 -21.13
C GLN E 5 50.56 16.78 -20.12
N LEU E 6 51.33 15.74 -20.40
CA LEU E 6 52.48 15.38 -19.59
C LEU E 6 53.76 15.63 -20.38
N VAL E 7 54.75 16.23 -19.73
CA VAL E 7 56.04 16.50 -20.36
C VAL E 7 57.12 15.84 -19.51
N GLU E 8 57.88 14.94 -20.13
CA GLU E 8 59.01 14.26 -19.49
C GLU E 8 60.31 14.99 -19.81
N SER E 9 61.28 14.81 -18.92
CA SER E 9 62.61 15.39 -19.12
C SER E 9 63.60 14.75 -18.15
N GLY E 10 64.81 14.50 -18.64
CA GLY E 10 65.89 14.05 -17.78
C GLY E 10 66.56 12.76 -18.19
N GLY E 11 66.11 12.07 -19.23
CA GLY E 11 66.72 10.82 -19.64
C GLY E 11 67.86 11.03 -20.63
N GLY E 12 68.79 10.09 -20.64
CA GLY E 12 69.92 10.18 -21.54
C GLY E 12 70.88 9.01 -21.46
N LEU E 13 72.17 9.30 -21.49
CA LEU E 13 73.23 8.30 -21.45
C LEU E 13 73.87 8.29 -20.07
N VAL E 14 74.00 7.11 -19.49
CA VAL E 14 74.64 6.94 -18.18
C VAL E 14 75.46 5.67 -18.19
N GLN E 15 76.51 5.66 -17.36
CA GLN E 15 77.36 4.50 -17.24
C GLN E 15 76.74 3.48 -16.29
N ALA E 16 77.38 2.32 -16.19
CA ALA E 16 76.92 1.28 -15.28
C ALA E 16 77.11 1.74 -13.84
N GLY E 17 76.11 1.47 -13.00
CA GLY E 17 76.13 1.92 -11.63
C GLY E 17 75.95 3.41 -11.43
N GLY E 18 75.56 4.14 -12.48
CA GLY E 18 75.37 5.57 -12.39
C GLY E 18 74.01 5.93 -11.81
N SER E 19 73.59 7.16 -12.10
CA SER E 19 72.33 7.67 -11.60
C SER E 19 71.75 8.63 -12.63
N LEU E 20 70.43 8.83 -12.54
CA LEU E 20 69.73 9.70 -13.47
C LEU E 20 68.38 10.08 -12.88
N GLY E 21 67.94 11.31 -13.14
CA GLY E 21 66.67 11.77 -12.62
C GLY E 21 65.68 12.11 -13.71
N LEU E 22 64.45 11.62 -13.58
CA LEU E 22 63.39 11.93 -14.53
C LEU E 22 62.34 12.81 -13.87
N SER E 23 61.74 13.68 -14.68
CA SER E 23 60.72 14.60 -14.21
C SER E 23 59.57 14.60 -15.21
N CYS E 24 58.35 14.64 -14.69
CA CYS E 24 57.13 14.67 -15.50
C CYS E 24 56.23 15.75 -14.95
N ALA E 25 55.86 16.70 -15.81
CA ALA E 25 55.01 17.82 -15.43
C ALA E 25 53.66 17.66 -16.09
N ALA E 26 52.60 17.69 -15.28
CA ALA E 26 51.22 17.58 -15.73
C ALA E 26 50.60 18.97 -15.82
N SER E 27 49.89 19.22 -16.92
CA SER E 27 49.23 20.50 -17.13
C SER E 27 47.88 20.27 -17.79
N GLY E 28 46.86 20.96 -17.29
CA GLY E 28 45.54 20.85 -17.89
C GLY E 28 44.43 20.71 -16.88
N THR E 29 43.53 19.75 -17.10
CA THR E 29 42.36 19.54 -16.25
C THR E 29 42.68 18.51 -15.17
N ILE E 30 43.48 18.96 -14.19
CA ILE E 30 43.75 18.14 -13.03
C ILE E 30 42.57 18.20 -12.07
N PHE E 31 42.42 17.17 -11.24
CA PHE E 31 41.34 17.08 -10.28
C PHE E 31 41.85 16.51 -8.96
N ALA E 32 42.87 17.16 -8.41
CA ALA E 32 43.42 16.83 -7.10
C ALA E 32 43.85 15.36 -7.02
N VAL E 33 43.10 14.56 -6.27
CA VAL E 33 43.41 13.14 -6.05
C VAL E 33 43.62 12.43 -7.38
N ASN E 34 44.80 11.83 -7.54
CA ASN E 34 45.22 11.21 -8.80
C ASN E 34 46.31 10.20 -8.48
N THR E 35 46.74 9.47 -9.49
CA THR E 35 47.87 8.54 -9.37
C THR E 35 48.82 8.82 -10.51
N MET E 36 50.05 9.24 -10.19
CA MET E 36 51.02 9.55 -11.22
C MET E 36 52.19 8.59 -11.10
N GLY E 37 52.71 8.14 -12.24
CA GLY E 37 53.77 7.16 -12.14
C GLY E 37 54.64 7.09 -13.37
N TRP E 38 55.68 6.28 -13.27
CA TRP E 38 56.62 6.01 -14.34
C TRP E 38 56.55 4.54 -14.74
N TYR E 39 56.53 4.31 -16.05
CA TYR E 39 56.50 3.00 -16.68
C TYR E 39 57.61 2.94 -17.71
N ARG E 40 58.20 1.76 -17.87
CA ARG E 40 59.27 1.57 -18.85
C ARG E 40 58.79 0.66 -19.98
N GLN E 41 59.43 0.81 -21.14
CA GLN E 41 59.23 -0.10 -22.26
C GLN E 41 60.59 -0.35 -22.91
N ALA E 42 61.06 -1.59 -22.82
CA ALA E 42 62.28 -2.05 -23.46
C ALA E 42 61.99 -2.47 -24.89
N PRO E 43 63.01 -2.55 -25.74
CA PRO E 43 62.79 -3.02 -27.12
C PRO E 43 62.20 -4.42 -27.14
N GLY E 44 61.10 -4.57 -27.87
CA GLY E 44 60.44 -5.85 -28.03
C GLY E 44 59.60 -6.31 -26.87
N LYS E 45 59.63 -5.61 -25.74
CA LYS E 45 58.81 -5.96 -24.59
C LYS E 45 57.62 -5.02 -24.47
N GLN E 46 56.73 -5.34 -23.55
CA GLN E 46 55.55 -4.53 -23.32
C GLN E 46 55.82 -3.49 -22.22
N ARG E 47 55.02 -2.43 -22.24
CA ARG E 47 55.14 -1.37 -21.24
C ARG E 47 54.81 -1.90 -19.86
N GLU E 48 55.80 -1.94 -18.98
CA GLU E 48 55.64 -2.47 -17.64
C GLU E 48 55.81 -1.35 -16.61
N MET E 49 55.46 -1.66 -15.37
CA MET E 49 55.43 -0.66 -14.31
C MET E 49 56.80 -0.48 -13.69
N VAL E 50 57.17 0.78 -13.46
CA VAL E 50 58.39 1.10 -12.72
C VAL E 50 58.01 1.50 -11.31
N ALA E 51 57.28 2.62 -11.18
CA ALA E 51 56.90 3.08 -9.84
C ALA E 51 55.76 4.08 -9.94
N THR E 52 54.72 3.88 -9.15
CA THR E 52 53.58 4.78 -9.11
C THR E 52 53.44 5.38 -7.73
N SER E 53 52.82 6.57 -7.65
CA SER E 53 52.60 7.27 -6.40
C SER E 53 51.23 7.93 -6.43
N SER E 54 50.56 7.93 -5.29
CA SER E 54 49.24 8.53 -5.16
C SER E 54 49.37 10.02 -4.84
N TYR E 55 48.22 10.68 -4.66
CA TYR E 55 48.21 12.09 -4.35
C TYR E 55 48.80 12.40 -2.99
N TYR E 56 48.80 11.43 -2.07
CA TYR E 56 49.34 11.61 -0.73
C TYR E 56 50.59 10.78 -0.48
N GLY E 57 51.19 10.22 -1.54
CA GLY E 57 52.46 9.56 -1.43
C GLY E 57 52.44 8.06 -1.22
N ARG E 58 51.32 7.39 -1.50
CA ARG E 58 51.32 5.94 -1.44
C ARG E 58 52.14 5.38 -2.59
N THR E 59 53.42 5.13 -2.35
CA THR E 59 54.33 4.71 -3.41
C THR E 59 54.23 3.20 -3.63
N ASN E 60 54.31 2.80 -4.90
CA ASN E 60 54.29 1.40 -5.29
C ASN E 60 55.42 1.16 -6.29
N TYR E 61 56.46 0.48 -5.84
CA TYR E 61 57.64 0.22 -6.65
C TYR E 61 57.61 -1.18 -7.22
N ALA E 62 58.08 -1.33 -8.46
CA ALA E 62 58.30 -2.65 -9.02
C ALA E 62 59.50 -3.30 -8.34
N ASP E 63 59.54 -4.64 -8.41
CA ASP E 63 60.62 -5.37 -7.76
C ASP E 63 61.98 -4.98 -8.31
N SER E 64 62.05 -4.65 -9.60
CA SER E 64 63.30 -4.18 -10.19
C SER E 64 63.68 -2.79 -9.70
N ALA E 65 62.71 -2.00 -9.26
CA ALA E 65 62.96 -0.63 -8.84
C ALA E 65 63.20 -0.50 -7.34
N LYS E 66 62.76 -1.47 -6.54
CA LYS E 66 62.92 -1.37 -5.09
C LYS E 66 64.38 -1.38 -4.71
N GLY E 67 64.74 -0.48 -3.79
CA GLY E 67 66.10 -0.35 -3.32
C GLY E 67 66.98 0.56 -4.15
N ARG E 68 66.64 0.79 -5.41
CA ARG E 68 67.43 1.63 -6.30
C ARG E 68 66.71 2.93 -6.65
N PHE E 69 65.46 2.85 -7.08
CA PHE E 69 64.71 4.01 -7.55
C PHE E 69 63.89 4.59 -6.41
N THR E 70 63.54 5.87 -6.56
CA THR E 70 62.73 6.56 -5.56
C THR E 70 61.84 7.57 -6.26
N ILE E 71 60.52 7.42 -6.10
CA ILE E 71 59.56 8.32 -6.71
C ILE E 71 59.17 9.40 -5.70
N SER E 72 59.04 10.62 -6.18
CA SER E 72 58.64 11.78 -5.39
C SER E 72 57.57 12.55 -6.15
N ARG E 73 56.92 13.47 -5.46
CA ARG E 73 55.80 14.20 -6.06
C ARG E 73 55.70 15.59 -5.43
N ASP E 74 55.44 16.57 -6.27
CA ASP E 74 55.20 17.96 -5.86
C ASP E 74 53.84 18.36 -6.42
N ASN E 75 52.82 18.30 -5.56
CA ASN E 75 51.47 18.61 -6.00
C ASN E 75 51.27 20.10 -6.25
N ALA E 76 52.12 20.96 -5.69
CA ALA E 76 52.01 22.39 -5.94
C ALA E 76 52.24 22.72 -7.41
N LYS E 77 53.18 22.01 -8.04
CA LYS E 77 53.47 22.18 -9.45
C LYS E 77 52.97 21.02 -10.30
N ASN E 78 52.26 20.06 -9.70
CA ASN E 78 51.73 18.89 -10.41
C ASN E 78 52.85 18.15 -11.15
N THR E 79 53.91 17.84 -10.42
CA THR E 79 55.09 17.19 -10.99
C THR E 79 55.40 15.91 -10.24
N VAL E 80 55.85 14.89 -10.98
CA VAL E 80 56.29 13.63 -10.42
C VAL E 80 57.73 13.38 -10.85
N TYR E 81 58.58 13.02 -9.90
CA TYR E 81 59.99 12.81 -10.15
C TYR E 81 60.38 11.39 -9.82
N LEU E 82 61.40 10.89 -10.51
CA LEU E 82 61.93 9.55 -10.26
C LEU E 82 63.44 9.61 -10.26
N GLN E 83 64.04 9.41 -9.09
CA GLN E 83 65.49 9.37 -8.94
C GLN E 83 65.94 7.92 -9.06
N MET E 84 66.63 7.59 -10.15
CA MET E 84 67.14 6.25 -10.40
C MET E 84 68.61 6.21 -10.02
N ASN E 85 68.97 5.33 -9.10
CA ASN E 85 70.34 5.19 -8.64
C ASN E 85 70.83 3.77 -8.91
N SER E 86 72.14 3.63 -9.03
CA SER E 86 72.79 2.36 -9.30
C SER E 86 72.21 1.69 -10.54
N LEU E 87 72.20 2.44 -11.65
CA LEU E 87 71.62 1.94 -12.88
C LEU E 87 72.48 0.84 -13.50
N LYS E 88 71.83 -0.03 -14.25
CA LYS E 88 72.44 -1.15 -14.94
C LYS E 88 71.94 -1.18 -16.38
N PRO E 89 72.66 -1.87 -17.27
CA PRO E 89 72.24 -1.88 -18.69
C PRO E 89 70.84 -2.41 -18.92
N GLU E 90 70.31 -3.25 -18.03
CA GLU E 90 68.96 -3.79 -18.21
C GLU E 90 67.89 -2.71 -18.09
N ASP E 91 68.21 -1.56 -17.50
CA ASP E 91 67.26 -0.46 -17.36
C ASP E 91 67.11 0.36 -18.64
N THR E 92 67.85 0.04 -19.69
CA THR E 92 67.78 0.79 -20.95
C THR E 92 66.40 0.63 -21.56
N ALA E 93 65.62 1.71 -21.59
CA ALA E 93 64.25 1.64 -22.06
C ALA E 93 63.73 3.05 -22.30
N VAL E 94 62.55 3.12 -22.91
CA VAL E 94 61.82 4.38 -23.03
C VAL E 94 60.88 4.48 -21.84
N TYR E 95 61.07 5.51 -21.02
CA TYR E 95 60.29 5.70 -19.79
C TYR E 95 59.24 6.76 -20.03
N TYR E 96 57.97 6.38 -19.85
CA TYR E 96 56.83 7.27 -19.95
C TYR E 96 56.28 7.53 -18.55
N CYS E 97 55.57 8.65 -18.41
CA CYS E 97 54.82 8.91 -17.19
C CYS E 97 53.32 8.86 -17.48
N ASN E 98 52.57 8.39 -16.51
CA ASN E 98 51.13 8.26 -16.63
C ASN E 98 50.43 9.04 -15.52
N TYR E 99 49.22 9.49 -15.86
CA TYR E 99 48.34 10.25 -14.98
C TYR E 99 47.00 9.50 -14.98
N GLU E 100 46.70 8.86 -13.86
CA GLU E 100 45.52 8.01 -13.71
C GLU E 100 44.49 8.68 -12.81
N ARG E 101 43.24 8.59 -13.24
CA ARG E 101 42.09 9.16 -12.51
C ARG E 101 40.99 8.10 -12.52
N VAL E 102 40.68 7.58 -11.33
CA VAL E 102 39.67 6.52 -11.20
C VAL E 102 38.38 7.14 -10.67
N ALA E 103 37.30 6.97 -11.43
CA ALA E 103 35.98 7.47 -11.07
C ALA E 103 35.12 6.29 -10.63
N PHE E 104 34.62 6.36 -9.40
CA PHE E 104 33.71 5.37 -8.81
C PHE E 104 34.28 3.96 -8.83
N GLY E 105 35.61 3.83 -8.89
CA GLY E 105 36.25 2.53 -8.95
C GLY E 105 35.86 1.73 -10.16
N SER E 106 35.23 2.39 -11.13
CA SER E 106 34.70 1.74 -12.33
C SER E 106 35.33 2.29 -13.60
N ALA E 107 35.32 3.61 -13.79
CA ALA E 107 35.89 4.23 -14.98
C ALA E 107 37.30 4.69 -14.70
N ARG E 108 38.18 4.57 -15.70
CA ARG E 108 39.56 5.01 -15.57
C ARG E 108 39.92 5.97 -16.69
N GLU E 109 40.68 7.00 -16.35
CA GLU E 109 41.17 7.99 -17.30
C GLU E 109 42.69 8.04 -17.16
N THR E 110 43.39 7.53 -18.17
CA THR E 110 44.85 7.45 -18.16
C THR E 110 45.41 8.32 -19.28
N TYR E 111 46.32 9.23 -18.91
CA TYR E 111 47.01 10.09 -19.86
C TYR E 111 48.50 9.77 -19.81
N TRP E 112 49.09 9.55 -20.98
CA TRP E 112 50.50 9.18 -21.09
C TRP E 112 51.31 10.33 -21.70
N GLY E 113 52.61 10.30 -21.46
CA GLY E 113 53.53 11.23 -22.05
C GLY E 113 54.28 10.64 -23.25
N GLN E 114 55.01 11.52 -23.94
CA GLN E 114 55.73 11.07 -25.13
C GLN E 114 56.88 10.14 -24.77
N GLY E 115 57.47 10.30 -23.60
CA GLY E 115 58.48 9.38 -23.13
C GLY E 115 59.91 9.85 -23.35
N THR E 116 60.78 9.58 -22.40
CA THR E 116 62.18 9.94 -22.47
C THR E 116 63.04 8.68 -22.53
N GLN E 117 64.10 8.73 -23.33
CA GLN E 117 64.95 7.58 -23.56
C GLN E 117 66.04 7.50 -22.50
N VAL E 118 66.15 6.35 -21.83
CA VAL E 118 67.21 6.10 -20.86
C VAL E 118 68.08 4.98 -21.42
N THR E 119 69.37 5.27 -21.57
CA THR E 119 70.32 4.34 -22.19
C THR E 119 71.50 4.15 -21.23
N VAL E 120 71.53 3.02 -20.54
CA VAL E 120 72.58 2.71 -19.58
C VAL E 120 73.60 1.82 -20.27
N SER E 121 74.84 2.27 -20.31
CA SER E 121 75.94 1.50 -20.89
C SER E 121 76.78 0.86 -19.80
N SER E 122 77.71 0.00 -20.21
CA SER E 122 78.58 -0.71 -19.28
C SER E 122 79.87 0.09 -19.10
N LEU E 123 80.08 0.61 -17.90
CA LEU E 123 81.27 1.39 -17.59
C LEU E 123 82.51 0.49 -17.52
N VAL F 24 -20.64 -16.15 -69.97
CA VAL F 24 -21.96 -15.52 -69.94
C VAL F 24 -22.98 -16.43 -69.26
N THR F 25 -23.09 -17.67 -69.77
CA THR F 25 -24.03 -18.64 -69.24
C THR F 25 -23.36 -20.00 -69.17
N LEU F 26 -23.60 -20.71 -68.07
CA LEU F 26 -23.01 -22.02 -67.84
C LEU F 26 -24.02 -23.12 -68.15
N ASN F 27 -23.54 -24.20 -68.77
CA ASN F 27 -24.40 -25.34 -69.07
C ASN F 27 -23.71 -26.69 -68.92
N ARG F 28 -22.45 -26.73 -68.50
CA ARG F 28 -21.76 -28.00 -68.27
C ARG F 28 -20.79 -27.80 -67.11
N ILE F 29 -21.07 -28.43 -65.98
CA ILE F 29 -20.17 -28.35 -64.83
C ILE F 29 -19.90 -29.76 -64.33
N LYS F 30 -18.64 -30.04 -64.00
CA LYS F 30 -18.26 -31.37 -63.53
C LYS F 30 -17.05 -31.24 -62.62
N ILE F 31 -16.91 -32.20 -61.70
CA ILE F 31 -15.71 -32.31 -60.86
C ILE F 31 -15.04 -33.63 -61.21
N ALA F 32 -13.88 -33.56 -61.87
CA ALA F 32 -13.05 -34.69 -62.22
C ALA F 32 -11.94 -34.89 -61.19
N PRO F 33 -11.58 -36.14 -60.92
CA PRO F 33 -10.52 -36.41 -59.93
C PRO F 33 -9.16 -35.86 -60.37
N GLY F 34 -8.16 -35.98 -59.49
CA GLY F 34 -6.85 -35.44 -59.75
C GLY F 34 -5.76 -36.48 -59.65
N ILE F 35 -4.53 -36.02 -59.87
CA ILE F 35 -3.34 -36.87 -59.87
C ILE F 35 -2.52 -36.53 -58.65
N ALA F 36 -1.87 -37.54 -58.07
CA ALA F 36 -0.93 -37.41 -56.95
C ALA F 36 -1.63 -36.99 -55.66
N ASP F 37 -2.33 -35.86 -55.67
CA ASP F 37 -2.99 -35.33 -54.49
C ASP F 37 -4.49 -35.56 -54.59
N ILE F 38 -5.07 -36.16 -53.55
CA ILE F 38 -6.52 -36.32 -53.50
C ILE F 38 -7.21 -34.98 -53.39
N ARG F 39 -6.55 -34.00 -52.75
CA ARG F 39 -7.14 -32.66 -52.62
C ARG F 39 -7.26 -31.98 -53.97
N ASP F 40 -6.30 -32.20 -54.86
CA ASP F 40 -6.32 -31.59 -56.19
C ASP F 40 -7.38 -32.25 -57.05
N LYS F 41 -8.38 -31.48 -57.46
CA LYS F 41 -9.42 -31.90 -58.39
C LYS F 41 -9.45 -30.92 -59.56
N TYR F 42 -10.29 -31.22 -60.56
CA TYR F 42 -10.41 -30.38 -61.73
C TYR F 42 -11.88 -30.05 -61.96
N MET F 43 -12.21 -28.76 -61.91
CA MET F 43 -13.56 -28.29 -62.18
C MET F 43 -13.68 -28.08 -63.68
N GLU F 44 -14.35 -29.02 -64.34
CA GLU F 44 -14.62 -28.95 -65.77
C GLU F 44 -15.76 -27.97 -66.03
N LEU F 45 -15.45 -26.90 -66.76
CA LEU F 45 -16.37 -25.83 -67.09
C LEU F 45 -16.66 -25.80 -68.58
N GLY F 46 -17.93 -25.79 -68.94
CA GLY F 46 -18.37 -25.63 -70.31
C GLY F 46 -19.54 -24.66 -70.39
N PHE F 47 -19.35 -23.57 -71.12
CA PHE F 47 -20.33 -22.50 -71.20
C PHE F 47 -21.02 -22.51 -72.56
N ASN F 48 -22.04 -21.66 -72.69
CA ASN F 48 -22.72 -21.50 -73.97
C ASN F 48 -21.76 -20.98 -75.03
N TYR F 49 -20.89 -20.03 -74.65
CA TYR F 49 -19.82 -19.57 -75.52
C TYR F 49 -18.57 -20.39 -75.23
N PRO F 50 -18.07 -21.18 -76.18
CA PRO F 50 -16.88 -21.99 -75.91
C PRO F 50 -15.63 -21.16 -75.66
N GLU F 51 -15.74 -19.83 -75.77
CA GLU F 51 -14.62 -18.96 -75.48
C GLU F 51 -14.12 -19.17 -74.05
N TYR F 52 -15.03 -19.17 -73.08
CA TYR F 52 -14.71 -19.53 -71.70
C TYR F 52 -15.01 -21.02 -71.56
N ASN F 53 -13.96 -21.84 -71.53
CA ASN F 53 -14.14 -23.29 -71.51
C ASN F 53 -12.81 -23.93 -71.10
N ARG F 54 -12.66 -24.19 -69.80
CA ARG F 54 -11.40 -24.69 -69.25
C ARG F 54 -11.71 -25.67 -68.13
N ALA F 55 -10.73 -26.53 -67.84
CA ALA F 55 -10.79 -27.46 -66.71
C ALA F 55 -9.89 -26.89 -65.62
N VAL F 56 -10.47 -26.03 -64.78
CA VAL F 56 -9.67 -25.28 -63.81
C VAL F 56 -9.27 -26.21 -62.66
N LYS F 57 -7.96 -26.29 -62.40
CA LYS F 57 -7.44 -27.11 -61.31
C LYS F 57 -7.69 -26.39 -59.99
N PHE F 58 -8.36 -27.06 -59.06
CA PHE F 58 -8.64 -26.48 -57.76
C PHE F 58 -8.37 -27.48 -56.66
N ALA F 59 -7.87 -27.00 -55.53
CA ALA F 59 -7.55 -27.85 -54.39
C ALA F 59 -8.46 -27.51 -53.21
N GLU F 60 -8.81 -28.54 -52.44
CA GLU F 60 -9.60 -28.38 -51.23
C GLU F 60 -8.86 -29.06 -50.07
N GLU F 61 -8.34 -28.25 -49.15
CA GLU F 61 -7.54 -28.78 -48.05
C GLU F 61 -8.37 -29.72 -47.19
N SER F 62 -7.83 -30.91 -46.93
CA SER F 62 -8.49 -31.89 -46.07
C SER F 62 -7.56 -32.43 -44.98
N TYR F 63 -6.38 -31.85 -44.82
CA TYR F 63 -5.43 -32.30 -43.82
C TYR F 63 -5.65 -31.55 -42.51
N THR F 64 -5.26 -32.19 -41.41
CA THR F 64 -5.15 -31.56 -40.10
C THR F 64 -3.67 -31.50 -39.77
N TYR F 65 -3.04 -30.37 -40.08
CA TYR F 65 -1.58 -30.26 -40.04
C TYR F 65 -1.06 -30.39 -38.62
N TYR F 66 -0.17 -31.36 -38.41
CA TYR F 66 0.62 -31.47 -37.19
C TYR F 66 2.09 -31.13 -37.44
N TYR F 67 2.42 -30.68 -38.64
CA TYR F 67 3.78 -30.38 -39.03
C TYR F 67 3.78 -29.12 -39.89
N GLU F 68 4.98 -28.65 -40.23
CA GLU F 68 5.14 -27.49 -41.09
C GLU F 68 5.27 -27.93 -42.53
N THR F 69 4.52 -27.28 -43.42
CA THR F 69 4.66 -27.53 -44.86
C THR F 69 6.06 -27.14 -45.31
N SER F 70 6.35 -25.84 -45.29
CA SER F 70 7.68 -25.30 -45.51
C SER F 70 8.33 -24.95 -44.18
N PRO F 71 9.66 -24.83 -44.14
CA PRO F 71 10.34 -24.56 -42.86
C PRO F 71 9.87 -23.27 -42.20
N GLY F 72 9.25 -23.41 -41.04
CA GLY F 72 8.82 -22.28 -40.25
C GLY F 72 7.41 -21.80 -40.49
N GLU F 73 6.69 -22.38 -41.44
CA GLU F 73 5.36 -21.88 -41.78
C GLU F 73 4.47 -23.04 -42.23
N ILE F 74 3.17 -22.78 -42.19
CA ILE F 74 2.14 -23.72 -42.63
C ILE F 74 1.24 -23.01 -43.61
N LYS F 75 1.06 -23.59 -44.79
CA LYS F 75 0.22 -23.01 -45.85
C LYS F 75 -0.85 -24.02 -46.26
N PRO F 76 -1.99 -24.04 -45.57
CA PRO F 76 -3.08 -24.92 -45.99
C PRO F 76 -3.63 -24.50 -47.35
N LYS F 77 -3.98 -25.49 -48.16
CA LYS F 77 -4.54 -25.21 -49.48
C LYS F 77 -5.97 -24.70 -49.35
N PHE F 78 -6.12 -23.45 -48.92
CA PHE F 78 -7.42 -22.86 -48.67
C PHE F 78 -7.34 -21.38 -49.00
N CYS F 79 -8.29 -20.90 -49.82
CA CYS F 79 -8.32 -19.50 -50.23
C CYS F 79 -9.36 -18.78 -49.37
N LEU F 80 -8.90 -18.09 -48.34
CA LEU F 80 -9.78 -17.31 -47.48
C LEU F 80 -10.38 -16.16 -48.29
N ILE F 81 -11.68 -16.28 -48.60
CA ILE F 81 -12.36 -15.26 -49.38
C ILE F 81 -12.56 -14.00 -48.53
N ASP F 82 -12.57 -12.85 -49.19
CA ASP F 82 -12.85 -11.60 -48.50
C ASP F 82 -14.21 -11.66 -47.82
N GLY F 83 -14.24 -11.23 -46.55
CA GLY F 83 -15.44 -11.30 -45.75
C GLY F 83 -15.62 -12.59 -44.99
N MET F 84 -14.97 -13.66 -45.41
CA MET F 84 -15.04 -14.92 -44.69
C MET F 84 -14.24 -14.83 -43.40
N SER F 85 -14.76 -15.47 -42.34
CA SER F 85 -14.08 -15.43 -41.05
C SER F 85 -12.73 -16.12 -41.15
N ILE F 86 -11.78 -15.65 -40.33
CA ILE F 86 -10.39 -16.08 -40.42
C ILE F 86 -10.17 -17.37 -39.62
N ASP F 87 -11.24 -17.96 -39.09
CA ASP F 87 -11.11 -19.23 -38.39
C ASP F 87 -11.13 -20.43 -39.33
N HIS F 88 -11.54 -20.24 -40.58
CA HIS F 88 -11.54 -21.35 -41.53
C HIS F 88 -10.13 -21.72 -41.96
N CYS F 89 -9.19 -20.77 -41.90
CA CYS F 89 -7.80 -21.09 -42.21
C CYS F 89 -7.20 -21.99 -41.14
N SER F 90 -7.51 -21.73 -39.87
CA SER F 90 -6.96 -22.50 -38.75
C SER F 90 -7.74 -23.77 -38.46
N SER F 91 -8.74 -24.11 -39.28
CA SER F 91 -9.48 -25.35 -39.10
C SER F 91 -8.77 -26.54 -39.73
N PHE F 92 -7.49 -26.39 -40.10
CA PHE F 92 -6.71 -27.48 -40.69
C PHE F 92 -5.43 -27.75 -39.90
N ILE F 93 -5.35 -27.28 -38.66
CA ILE F 93 -4.16 -27.46 -37.83
C ILE F 93 -4.58 -28.10 -36.51
N VAL F 94 -3.71 -28.95 -35.97
CA VAL F 94 -3.95 -29.54 -34.65
C VAL F 94 -4.04 -28.41 -33.62
N PRO F 95 -5.04 -28.43 -32.72
CA PRO F 95 -5.19 -27.30 -31.79
C PRO F 95 -3.96 -27.06 -30.92
N GLU F 96 -3.39 -28.11 -30.35
CA GLU F 96 -2.17 -27.94 -29.56
C GLU F 96 -1.03 -27.42 -30.43
N PHE F 97 -1.01 -27.79 -31.71
CA PHE F 97 0.06 -27.37 -32.61
C PHE F 97 -0.15 -25.94 -33.11
N ALA F 98 -1.41 -25.50 -33.23
CA ALA F 98 -1.73 -24.20 -33.81
C ALA F 98 -1.65 -23.06 -32.80
N LYS F 99 -0.98 -23.23 -31.67
CA LYS F 99 -0.92 -22.17 -30.67
C LYS F 99 0.26 -21.23 -30.87
N GLN F 100 1.40 -21.75 -31.32
CA GLN F 100 2.59 -20.94 -31.54
C GLN F 100 2.63 -20.33 -32.94
N TYR F 101 1.54 -20.40 -33.70
CA TYR F 101 1.51 -19.95 -35.08
C TYR F 101 0.55 -18.77 -35.22
N VAL F 102 0.98 -17.76 -35.97
CA VAL F 102 0.18 -16.59 -36.23
C VAL F 102 -0.18 -16.56 -37.71
N LEU F 103 -1.38 -16.07 -38.00
CA LEU F 103 -1.88 -15.97 -39.36
C LEU F 103 -1.54 -14.59 -39.92
N ILE F 104 -0.84 -14.58 -41.06
CA ILE F 104 -0.46 -13.32 -41.71
C ILE F 104 -1.17 -13.23 -43.05
N HIS F 105 -0.90 -12.16 -43.79
CA HIS F 105 -1.51 -11.99 -45.11
C HIS F 105 -0.92 -13.01 -46.09
N GLY F 106 -1.75 -13.43 -47.04
CA GLY F 106 -1.38 -14.43 -48.01
C GLY F 106 -1.42 -13.92 -49.44
N GLU F 107 -1.00 -14.79 -50.35
CA GLU F 107 -0.96 -14.43 -51.75
C GLU F 107 -2.37 -14.33 -52.31
N PRO F 108 -2.62 -13.39 -53.23
CA PRO F 108 -3.97 -13.27 -53.81
C PRO F 108 -4.36 -14.52 -54.57
N CYS F 109 -5.52 -15.07 -54.24
CA CYS F 109 -6.06 -16.27 -54.85
C CYS F 109 -7.53 -16.07 -55.19
N SER F 110 -8.11 -17.08 -55.82
CA SER F 110 -9.50 -17.06 -56.23
C SER F 110 -10.17 -18.37 -55.85
N SER F 111 -11.45 -18.30 -55.50
CA SER F 111 -12.21 -19.46 -55.07
C SER F 111 -13.54 -19.46 -55.79
N PHE F 112 -14.13 -20.65 -55.92
CA PHE F 112 -15.48 -20.74 -56.47
C PHE F 112 -16.49 -20.21 -55.46
N LYS F 113 -17.39 -19.35 -55.91
CA LYS F 113 -18.36 -18.76 -54.98
C LYS F 113 -19.36 -19.82 -54.51
N PHE F 114 -19.73 -20.74 -55.40
CA PHE F 114 -20.59 -21.85 -54.99
C PHE F 114 -19.85 -22.90 -54.18
N ARG F 115 -18.52 -22.87 -54.17
CA ARG F 115 -17.70 -23.79 -53.38
C ARG F 115 -16.60 -22.99 -52.70
N PRO F 116 -16.96 -22.19 -51.69
CA PRO F 116 -16.00 -21.27 -51.10
C PRO F 116 -14.88 -22.00 -50.37
N GLY F 117 -13.71 -21.35 -50.33
CA GLY F 117 -12.54 -21.93 -49.72
C GLY F 117 -11.65 -22.73 -50.65
N SER F 118 -12.14 -23.06 -51.85
CA SER F 118 -11.33 -23.79 -52.81
C SER F 118 -10.17 -22.92 -53.29
N LEU F 119 -9.05 -23.58 -53.59
CA LEU F 119 -7.84 -22.91 -54.03
C LEU F 119 -7.65 -23.15 -55.52
N ILE F 120 -7.98 -22.15 -56.33
CA ILE F 120 -7.87 -22.27 -57.79
C ILE F 120 -6.41 -22.13 -58.18
N TYR F 121 -5.87 -23.15 -58.85
CA TYR F 121 -4.49 -23.15 -59.31
C TYR F 121 -4.42 -22.58 -60.73
N TYR F 122 -3.40 -21.75 -60.96
CA TYR F 122 -3.16 -21.15 -62.27
C TYR F 122 -2.21 -22.05 -63.05
N GLN F 123 -2.77 -22.93 -63.88
CA GLN F 123 -1.97 -23.85 -64.69
C GLN F 123 -2.52 -23.87 -66.10
N ASN F 124 -1.68 -24.35 -67.03
CA ASN F 124 -2.04 -24.45 -68.44
C ASN F 124 -2.56 -23.12 -68.98
N GLU F 125 -3.80 -23.10 -69.48
CA GLU F 125 -4.42 -21.90 -69.99
C GLU F 125 -5.28 -21.18 -68.95
N VAL F 126 -5.23 -21.59 -67.69
CA VAL F 126 -5.96 -20.91 -66.63
C VAL F 126 -5.14 -19.70 -66.17
N THR F 127 -5.14 -18.65 -66.99
CA THR F 127 -4.41 -17.44 -66.68
C THR F 127 -5.24 -16.53 -65.77
N PRO F 128 -4.58 -15.70 -64.95
CA PRO F 128 -5.34 -14.73 -64.14
C PRO F 128 -6.25 -13.83 -64.96
N GLU F 129 -5.90 -13.55 -66.21
CA GLU F 129 -6.81 -12.81 -67.08
C GLU F 129 -8.11 -13.56 -67.30
N TYR F 130 -8.03 -14.88 -67.48
CA TYR F 130 -9.24 -15.68 -67.60
C TYR F 130 -10.04 -15.68 -66.31
N ILE F 131 -9.36 -15.63 -65.16
CA ILE F 131 -10.06 -15.52 -63.88
C ILE F 131 -10.79 -14.19 -63.78
N LYS F 132 -10.14 -13.10 -64.21
CA LYS F 132 -10.81 -11.80 -64.22
C LYS F 132 -12.00 -11.80 -65.18
N ASP F 133 -11.87 -12.48 -66.32
CA ASP F 133 -12.99 -12.58 -67.26
C ASP F 133 -14.15 -13.35 -66.64
N LEU F 134 -13.85 -14.44 -65.93
CA LEU F 134 -14.91 -15.19 -65.25
C LEU F 134 -15.59 -14.33 -64.19
N LYS F 135 -14.80 -13.54 -63.45
CA LYS F 135 -15.38 -12.65 -62.45
C LYS F 135 -16.31 -11.64 -63.09
N HIS F 136 -15.83 -10.96 -64.14
CA HIS F 136 -16.62 -9.91 -64.79
C HIS F 136 -17.77 -10.46 -65.61
N ALA F 137 -17.80 -11.76 -65.90
CA ALA F 137 -18.87 -12.35 -66.68
C ALA F 137 -19.88 -13.12 -65.83
N THR F 138 -19.43 -13.77 -64.76
CA THR F 138 -20.31 -14.52 -63.88
C THR F 138 -19.89 -14.29 -62.44
N ASP F 139 -20.83 -14.55 -61.52
CA ASP F 139 -20.54 -14.51 -60.09
C ASP F 139 -20.11 -15.86 -59.55
N TYR F 140 -19.55 -16.72 -60.39
CA TYR F 140 -19.11 -18.05 -60.00
C TYR F 140 -17.77 -18.04 -59.27
N ILE F 141 -17.19 -16.86 -59.01
CA ILE F 141 -15.86 -16.78 -58.42
C ILE F 141 -15.80 -15.60 -57.46
N ALA F 142 -14.89 -15.70 -56.49
CA ALA F 142 -14.68 -14.66 -55.50
C ALA F 142 -13.21 -14.63 -55.13
N SER F 143 -12.67 -13.43 -54.95
CA SER F 143 -11.25 -13.25 -54.67
C SER F 143 -10.96 -13.38 -53.18
N GLY F 144 -9.69 -13.59 -52.85
CA GLY F 144 -9.28 -13.67 -51.47
C GLY F 144 -7.79 -13.85 -51.35
N GLN F 145 -7.35 -14.35 -50.21
CA GLN F 145 -5.93 -14.53 -49.95
C GLN F 145 -5.66 -15.92 -49.39
N ARG F 146 -4.46 -16.42 -49.66
CA ARG F 146 -4.08 -17.75 -49.23
C ARG F 146 -3.83 -17.80 -47.72
N CYS F 147 -4.28 -18.87 -47.08
CA CYS F 147 -4.01 -19.07 -45.67
C CYS F 147 -2.51 -19.24 -45.46
N HIS F 148 -1.93 -18.39 -44.60
CA HIS F 148 -0.48 -18.40 -44.39
C HIS F 148 -0.20 -18.22 -42.90
N PHE F 149 0.09 -19.33 -42.22
CA PHE F 149 0.50 -19.31 -40.83
C PHE F 149 2.01 -19.41 -40.75
N ILE F 150 2.61 -18.67 -39.82
CA ILE F 150 4.04 -18.73 -39.57
C ILE F 150 4.26 -18.89 -38.07
N LYS F 151 5.29 -19.65 -37.71
CA LYS F 151 5.55 -19.94 -36.31
C LYS F 151 6.20 -18.75 -35.62
N LYS F 152 5.74 -18.47 -34.40
CA LYS F 152 6.36 -17.44 -33.58
C LYS F 152 6.68 -18.00 -32.19
N ASP F 153 5.70 -17.93 -31.28
CA ASP F 153 5.85 -18.46 -29.93
C ASP F 153 4.49 -18.36 -29.25
N TYR F 154 4.42 -18.82 -28.01
CA TYR F 154 3.18 -18.78 -27.25
C TYR F 154 2.75 -17.34 -27.02
N LEU F 155 1.45 -17.08 -27.15
CA LEU F 155 0.90 -15.74 -27.10
C LEU F 155 0.06 -15.57 -25.83
N LEU F 156 0.53 -14.71 -24.93
CA LEU F 156 -0.22 -14.39 -23.73
C LEU F 156 -1.31 -13.38 -24.05
N GLY F 157 -2.37 -13.38 -23.23
CA GLY F 157 -3.53 -12.55 -23.52
C GLY F 157 -4.18 -11.87 -22.34
N ASP F 158 -3.70 -12.14 -21.13
CA ASP F 158 -4.26 -11.52 -19.94
C ASP F 158 -3.25 -11.57 -18.80
N SER F 159 -3.60 -10.93 -17.70
CA SER F 159 -2.70 -10.87 -16.55
C SER F 159 -2.53 -12.23 -15.89
N ASP F 160 -3.54 -13.10 -15.97
CA ASP F 160 -3.45 -14.41 -15.36
C ASP F 160 -2.41 -15.27 -16.06
N SER F 161 -2.30 -15.14 -17.39
CA SER F 161 -1.29 -15.91 -18.13
C SER F 161 0.11 -15.48 -17.72
N VAL F 162 0.36 -14.17 -17.60
CA VAL F 162 1.65 -13.68 -17.17
C VAL F 162 1.93 -14.13 -15.74
N ALA F 163 0.90 -14.15 -14.89
CA ALA F 163 1.08 -14.61 -13.51
C ALA F 163 1.47 -16.07 -13.48
N LYS F 164 0.79 -16.91 -14.27
CA LYS F 164 1.09 -18.34 -14.26
C LYS F 164 2.45 -18.63 -14.86
N CYS F 165 2.87 -17.87 -15.88
CA CYS F 165 4.17 -18.11 -16.48
C CYS F 165 5.29 -17.64 -15.57
N CYS F 166 5.18 -16.42 -15.03
CA CYS F 166 6.27 -15.84 -14.26
C CYS F 166 6.43 -16.51 -12.91
N SER F 167 5.32 -16.90 -12.27
CA SER F 167 5.39 -17.54 -10.96
C SER F 167 5.80 -19.00 -11.04
N LYS F 168 6.10 -19.51 -12.23
CA LYS F 168 6.50 -20.91 -12.43
C LYS F 168 5.46 -21.89 -11.90
N THR F 169 4.18 -21.49 -11.90
CA THR F 169 3.11 -22.35 -11.44
C THR F 169 2.37 -23.05 -12.57
N ASN F 170 2.50 -22.57 -13.80
CA ASN F 170 1.84 -23.20 -14.94
C ASN F 170 2.57 -22.86 -16.23
N THR F 171 3.82 -23.32 -16.35
CA THR F 171 4.63 -23.00 -17.52
C THR F 171 4.34 -23.94 -18.69
N LYS F 172 3.08 -24.04 -19.07
CA LYS F 172 2.70 -24.91 -20.19
C LYS F 172 2.80 -24.11 -21.49
N HIS F 173 1.90 -23.16 -21.69
CA HIS F 173 1.91 -22.29 -22.86
C HIS F 173 2.52 -20.96 -22.43
N CYS F 174 3.85 -20.88 -22.49
CA CYS F 174 4.59 -19.70 -22.05
C CYS F 174 5.76 -19.45 -22.97
N PRO F 175 5.84 -18.28 -23.60
CA PRO F 175 6.99 -17.98 -24.46
C PRO F 175 8.26 -17.85 -23.64
N LYS F 176 9.38 -17.82 -24.34
CA LYS F 176 10.68 -17.76 -23.67
C LYS F 176 10.85 -16.45 -22.90
N ILE F 177 10.21 -15.37 -23.36
CA ILE F 177 10.37 -14.08 -22.71
C ILE F 177 9.74 -14.10 -21.32
N PHE F 178 8.72 -14.92 -21.11
CA PHE F 178 8.08 -15.06 -19.80
C PHE F 178 8.39 -16.41 -19.15
N ASN F 179 9.44 -17.09 -19.61
CA ASN F 179 9.79 -18.40 -19.09
C ASN F 179 11.27 -18.66 -19.32
N ASN F 180 12.14 -17.96 -18.56
CA ASN F 180 13.58 -18.13 -18.73
C ASN F 180 14.33 -17.95 -17.42
N ASN F 181 13.72 -18.33 -16.30
CA ASN F 181 14.36 -18.25 -14.98
C ASN F 181 14.80 -16.82 -14.67
N TYR F 182 14.00 -15.84 -15.09
CA TYR F 182 14.25 -14.42 -14.82
C TYR F 182 15.62 -13.99 -15.35
N LYS F 183 15.79 -14.12 -16.66
CA LYS F 183 16.97 -13.62 -17.34
C LYS F 183 16.66 -12.48 -18.31
N THR F 184 15.40 -12.03 -18.35
CA THR F 184 15.00 -10.88 -19.14
C THR F 184 14.12 -9.97 -18.29
N GLU F 185 14.05 -8.70 -18.69
CA GLU F 185 13.28 -7.70 -17.95
C GLU F 185 11.82 -7.69 -18.39
N HIS F 186 11.21 -8.87 -18.33
CA HIS F 186 9.80 -9.05 -18.67
C HIS F 186 8.92 -9.31 -17.47
N CYS F 187 9.27 -10.32 -16.66
CA CYS F 187 8.45 -10.70 -15.51
C CYS F 187 8.65 -9.79 -14.31
N ASP F 188 9.55 -8.80 -14.38
CA ASP F 188 9.89 -8.01 -13.21
C ASP F 188 8.68 -7.24 -12.69
N ASP F 189 7.88 -6.67 -13.59
CA ASP F 189 6.72 -5.89 -13.17
C ASP F 189 5.76 -6.74 -12.34
N PHE F 190 5.50 -7.97 -12.79
CA PHE F 190 4.64 -8.86 -12.01
C PHE F 190 5.31 -9.29 -10.72
N MET F 191 6.60 -9.66 -10.79
CA MET F 191 7.28 -10.21 -9.63
C MET F 191 7.39 -9.20 -8.50
N THR F 192 7.46 -7.90 -8.82
CA THR F 192 7.51 -6.88 -7.78
C THR F 192 6.32 -7.01 -6.83
N GLY F 193 5.11 -7.08 -7.37
CA GLY F 193 3.94 -7.26 -6.53
C GLY F 193 3.75 -8.67 -6.04
N PHE F 194 4.21 -9.66 -6.80
CA PHE F 194 4.01 -11.05 -6.42
C PHE F 194 4.84 -11.43 -5.19
N CYS F 195 6.08 -10.96 -5.13
CA CYS F 195 6.98 -11.33 -4.04
C CYS F 195 6.70 -10.55 -2.76
N ARG F 196 5.93 -9.46 -2.82
CA ARG F 196 5.56 -8.76 -1.61
C ARG F 196 4.58 -9.56 -0.76
N ASN F 197 3.87 -10.51 -1.37
CA ASN F 197 2.99 -11.41 -0.61
C ASN F 197 3.70 -12.70 -0.21
N ASP F 198 4.73 -13.11 -0.95
CA ASP F 198 5.54 -14.27 -0.60
C ASP F 198 7.00 -13.93 -0.81
N PRO F 199 7.69 -13.49 0.24
CA PRO F 199 9.09 -13.09 0.09
C PRO F 199 10.05 -14.28 0.15
N GLY F 200 9.66 -15.32 0.89
CA GLY F 200 10.47 -16.51 1.00
C GLY F 200 10.36 -17.49 -0.14
N ASN F 201 9.67 -17.12 -1.22
CA ASN F 201 9.51 -18.02 -2.36
C ASN F 201 10.86 -18.28 -3.01
N PRO F 202 11.19 -19.55 -3.30
CA PRO F 202 12.47 -19.83 -3.97
C PRO F 202 12.59 -19.14 -5.32
N ASN F 203 11.50 -19.07 -6.08
CA ASN F 203 11.54 -18.34 -7.34
C ASN F 203 11.70 -16.84 -7.12
N CYS F 204 11.11 -16.31 -6.04
CA CYS F 204 11.31 -14.91 -5.72
C CYS F 204 12.77 -14.64 -5.34
N LEU F 205 13.38 -15.54 -4.57
CA LEU F 205 14.80 -15.37 -4.25
C LEU F 205 15.68 -15.53 -5.48
N GLU F 206 15.27 -16.38 -6.43
CA GLU F 206 16.00 -16.49 -7.69
C GLU F 206 15.91 -15.19 -8.49
N TRP F 207 14.70 -14.63 -8.58
CA TRP F 207 14.52 -13.34 -9.24
C TRP F 207 15.31 -12.24 -8.54
N LEU F 208 15.48 -12.36 -7.22
CA LEU F 208 16.32 -11.42 -6.48
C LEU F 208 17.79 -11.62 -6.83
N ARG F 209 18.21 -12.87 -7.04
CA ARG F 209 19.58 -13.14 -7.44
C ARG F 209 19.90 -12.66 -8.85
N ALA F 210 18.89 -12.28 -9.64
CA ALA F 210 19.16 -11.61 -10.90
C ALA F 210 19.81 -10.25 -10.69
N LYS F 211 19.66 -9.68 -9.50
CA LYS F 211 20.34 -8.44 -9.10
C LYS F 211 19.99 -7.29 -10.02
N ARG F 212 18.71 -7.20 -10.39
CA ARG F 212 18.22 -6.03 -11.09
C ARG F 212 17.71 -5.01 -10.08
N LYS F 213 17.59 -3.76 -10.54
CA LYS F 213 17.17 -2.68 -9.65
C LYS F 213 15.76 -2.90 -9.10
N PRO F 214 14.74 -3.24 -9.91
CA PRO F 214 13.40 -3.40 -9.33
C PRO F 214 13.31 -4.48 -8.27
N ALA F 215 14.02 -5.60 -8.46
CA ALA F 215 13.93 -6.68 -7.49
C ALA F 215 14.61 -6.31 -6.17
N MET F 216 15.79 -5.68 -6.25
CA MET F 216 16.50 -5.30 -5.03
C MET F 216 15.79 -4.18 -4.30
N SER F 217 15.16 -3.24 -5.03
CA SER F 217 14.42 -2.18 -4.34
C SER F 217 13.12 -2.72 -3.75
N THR F 218 12.46 -3.65 -4.44
CA THR F 218 11.28 -4.29 -3.86
C THR F 218 11.64 -5.04 -2.58
N TYR F 219 12.76 -5.77 -2.60
CA TYR F 219 13.15 -6.48 -1.38
C TYR F 219 13.67 -5.55 -0.31
N SER F 220 14.19 -4.38 -0.67
CA SER F 220 14.50 -3.38 0.35
C SER F 220 13.23 -2.85 1.00
N ASP F 221 12.19 -2.61 0.20
CA ASP F 221 10.89 -2.25 0.77
C ASP F 221 10.35 -3.35 1.67
N ILE F 222 10.58 -4.60 1.29
CA ILE F 222 10.10 -5.73 2.08
C ILE F 222 10.84 -5.79 3.42
N CYS F 223 12.16 -5.65 3.38
CA CYS F 223 12.98 -5.80 4.59
C CYS F 223 12.99 -4.55 5.45
N SER F 224 12.52 -3.42 4.94
CA SER F 224 12.31 -2.27 5.81
C SER F 224 11.20 -2.53 6.81
N LYS F 225 10.30 -3.46 6.52
CA LYS F 225 9.22 -3.84 7.42
C LYS F 225 9.39 -5.20 8.06
N HIS F 226 10.08 -6.13 7.39
CA HIS F 226 10.23 -7.50 7.86
C HIS F 226 11.69 -7.94 7.83
N MET F 227 12.57 -7.09 8.35
CA MET F 227 13.98 -7.44 8.40
C MET F 227 14.23 -8.65 9.31
N ASP F 228 13.37 -8.86 10.30
CA ASP F 228 13.56 -9.95 11.25
C ASP F 228 13.51 -11.32 10.58
N ALA F 229 12.88 -11.43 9.41
CA ALA F 229 12.74 -12.71 8.74
C ALA F 229 14.09 -13.20 8.20
N ARG F 230 14.07 -14.42 7.66
CA ARG F 230 15.27 -15.05 7.14
C ARG F 230 15.46 -14.83 5.64
N TYR F 231 14.37 -14.59 4.91
CA TYR F 231 14.53 -14.21 3.51
C TYR F 231 15.23 -12.86 3.39
N CYS F 232 15.14 -12.00 4.42
CA CYS F 232 15.93 -10.79 4.42
C CYS F 232 17.40 -11.06 4.75
N SER F 233 17.67 -12.09 5.55
CA SER F 233 19.05 -12.55 5.68
C SER F 233 19.62 -12.96 4.33
N GLU F 234 18.85 -13.72 3.56
CA GLU F 234 19.31 -14.12 2.24
C GLU F 234 19.43 -12.92 1.30
N PHE F 235 18.50 -11.97 1.40
CA PHE F 235 18.58 -10.75 0.60
C PHE F 235 19.85 -9.96 0.89
N ILE F 236 20.21 -9.85 2.17
CA ILE F 236 21.43 -9.13 2.54
C ILE F 236 22.66 -9.88 2.04
N ARG F 237 22.65 -11.21 2.13
CA ARG F 237 23.79 -11.97 1.59
C ARG F 237 23.86 -11.88 0.07
N ILE F 238 22.72 -11.67 -0.59
CA ILE F 238 22.71 -11.55 -2.05
C ILE F 238 23.28 -10.20 -2.48
N ILE F 239 22.82 -9.12 -1.85
CA ILE F 239 23.18 -7.79 -2.37
C ILE F 239 24.61 -7.41 -1.99
N ARG F 240 25.10 -7.85 -0.84
CA ARG F 240 26.43 -7.44 -0.44
C ARG F 240 27.50 -8.26 -1.15
N PRO F 241 28.64 -7.65 -1.48
CA PRO F 241 28.99 -6.23 -1.28
C PRO F 241 28.69 -5.38 -2.50
N ASP F 242 27.90 -5.89 -3.44
CA ASP F 242 27.70 -5.20 -4.71
C ASP F 242 26.62 -4.14 -4.63
N TYR F 243 25.56 -4.35 -3.84
CA TYR F 243 24.45 -3.43 -3.74
C TYR F 243 23.98 -3.32 -2.29
N PHE F 244 24.90 -2.95 -1.40
CA PHE F 244 24.59 -2.88 0.03
C PHE F 244 23.62 -1.77 0.37
N THR F 245 23.46 -0.78 -0.50
CA THR F 245 22.73 0.44 -0.14
C THR F 245 21.25 0.15 0.15
N PHE F 246 20.63 -0.73 -0.63
CA PHE F 246 19.22 -1.06 -0.41
C PHE F 246 19.04 -1.71 0.96
N GLY F 247 19.94 -2.64 1.31
CA GLY F 247 19.86 -3.28 2.61
C GLY F 247 20.15 -2.32 3.75
N ASP F 248 21.04 -1.35 3.52
CA ASP F 248 21.32 -0.37 4.57
C ASP F 248 20.14 0.56 4.81
N THR F 249 19.49 1.02 3.73
CA THR F 249 18.31 1.86 3.91
C THR F 249 17.18 1.08 4.58
N ALA F 250 16.98 -0.17 4.16
CA ALA F 250 15.95 -1.00 4.80
C ALA F 250 16.26 -1.24 6.27
N LEU F 251 17.54 -1.44 6.60
CA LEU F 251 17.94 -1.64 7.99
C LEU F 251 17.68 -0.39 8.81
N TYR F 252 18.00 0.78 8.25
CA TYR F 252 17.74 2.03 8.97
C TYR F 252 16.25 2.20 9.24
N VAL F 253 15.42 1.95 8.22
CA VAL F 253 13.97 2.11 8.41
C VAL F 253 13.46 1.13 9.45
N PHE F 254 13.88 -0.13 9.36
CA PHE F 254 13.37 -1.14 10.28
C PHE F 254 13.80 -0.87 11.71
N CYS F 255 15.06 -0.47 11.92
CA CYS F 255 15.53 -0.18 13.26
C CYS F 255 15.06 1.18 13.77
N ASN F 256 14.60 2.07 12.90
CA ASN F 256 13.98 3.29 13.35
C ASN F 256 12.51 3.07 13.73
N ASP F 257 11.87 2.06 13.15
CA ASP F 257 10.51 1.72 13.57
C ASP F 257 10.50 0.73 14.73
N HIS F 258 11.36 -0.29 14.69
CA HIS F 258 11.47 -1.26 15.78
C HIS F 258 12.75 -0.94 16.55
N LYS F 259 12.63 -0.08 17.56
CA LYS F 259 13.78 0.32 18.36
C LYS F 259 13.97 -0.53 19.60
N GLY F 260 12.93 -1.25 20.02
CA GLY F 260 13.05 -2.13 21.17
C GLY F 260 13.67 -3.47 20.90
N ASN F 261 13.93 -3.78 19.63
CA ASN F 261 14.53 -5.07 19.29
C ASN F 261 15.97 -5.14 19.78
N ARG F 262 16.33 -6.28 20.38
CA ARG F 262 17.70 -6.51 20.80
C ARG F 262 18.67 -6.56 19.63
N ASN F 263 18.17 -6.79 18.41
CA ASN F 263 19.03 -6.89 17.25
C ASN F 263 19.41 -5.53 16.68
N CYS F 264 18.56 -4.53 16.86
CA CYS F 264 18.83 -3.19 16.34
C CYS F 264 19.74 -2.35 17.23
N TRP F 265 20.38 -2.97 18.23
CA TRP F 265 21.20 -2.19 19.17
C TRP F 265 22.49 -1.70 18.51
N CYS F 266 23.01 -2.43 17.54
CA CYS F 266 24.24 -2.00 16.88
C CYS F 266 23.94 -0.99 15.78
N ALA F 267 22.84 -1.18 15.05
CA ALA F 267 22.47 -0.24 14.00
C ALA F 267 21.74 0.98 14.51
N ASN F 268 21.29 0.96 15.77
CA ASN F 268 20.55 2.10 16.35
C ASN F 268 20.59 1.93 17.87
N TYR F 269 21.61 2.50 18.49
CA TYR F 269 21.77 2.41 19.94
C TYR F 269 20.60 3.08 20.64
N PRO F 270 19.78 2.35 21.38
CA PRO F 270 18.55 2.96 21.92
C PRO F 270 18.78 3.96 23.03
N LYS F 271 19.74 3.71 23.92
CA LYS F 271 19.94 4.59 25.05
C LYS F 271 20.47 5.95 24.60
N SER F 272 19.99 7.00 25.27
CA SER F 272 20.37 8.38 25.00
C SER F 272 19.87 8.82 23.63
N ASN F 273 20.43 9.91 23.10
CA ASN F 273 20.09 10.42 21.78
C ASN F 273 21.19 10.16 20.77
N SER F 274 22.12 9.26 21.09
CA SER F 274 23.23 8.91 20.21
C SER F 274 23.01 7.49 19.71
N GLY F 275 22.21 7.35 18.66
CA GLY F 275 22.00 6.05 18.05
C GLY F 275 23.12 5.59 17.15
N ASP F 276 24.11 6.46 16.93
CA ASP F 276 25.30 6.14 16.15
C ASP F 276 26.50 5.82 17.05
N LYS F 277 26.25 5.37 18.28
CA LYS F 277 27.34 5.12 19.23
C LYS F 277 28.32 4.08 18.70
N TYR F 278 27.84 3.12 17.91
CA TYR F 278 28.72 2.08 17.39
C TYR F 278 28.66 2.00 15.87
N LEU F 279 28.76 3.15 15.19
CA LEU F 279 28.81 3.21 13.75
C LEU F 279 30.25 3.28 13.27
N GLY F 280 30.48 2.79 12.06
CA GLY F 280 31.80 2.76 11.48
C GLY F 280 32.80 2.03 12.35
N PRO F 281 33.94 2.67 12.62
CA PRO F 281 34.97 2.00 13.44
C PRO F 281 34.48 1.65 14.83
N ARG F 282 33.61 2.47 15.40
CA ARG F 282 33.07 2.21 16.73
C ARG F 282 32.21 0.95 16.77
N VAL F 283 31.94 0.31 15.62
CA VAL F 283 31.26 -0.97 15.66
C VAL F 283 32.16 -2.05 16.23
N CYS F 284 33.47 -1.84 16.22
CA CYS F 284 34.38 -2.84 16.78
C CYS F 284 34.56 -2.69 18.28
N TRP F 285 33.86 -1.75 18.91
CA TRP F 285 33.98 -1.54 20.35
C TRP F 285 33.11 -2.54 21.12
N LEU F 286 31.80 -2.44 20.96
CA LEU F 286 30.89 -3.37 21.62
C LEU F 286 31.07 -4.76 21.03
N HIS F 287 31.44 -5.72 21.88
CA HIS F 287 31.71 -7.07 21.40
C HIS F 287 30.48 -7.76 20.85
N GLU F 288 29.28 -7.30 21.23
CA GLU F 288 28.05 -7.89 20.72
C GLU F 288 27.87 -7.65 19.23
N CYS F 289 28.53 -6.65 18.67
CA CYS F 289 28.40 -6.30 17.27
C CYS F 289 29.48 -6.93 16.40
N THR F 290 30.35 -7.77 16.97
CA THR F 290 31.44 -8.38 16.21
C THR F 290 31.34 -9.91 16.24
N ASP F 291 31.66 -10.55 17.36
CA ASP F 291 31.70 -12.00 17.43
C ASP F 291 30.52 -12.55 18.21
N GLU F 292 29.30 -12.25 17.75
CA GLU F 292 28.09 -12.76 18.37
C GLU F 292 27.25 -13.46 17.31
N SER F 293 26.37 -14.35 17.77
CA SER F 293 25.51 -15.14 16.89
C SER F 293 24.35 -14.26 16.39
N ARG F 294 24.72 -13.25 15.60
CA ARG F 294 23.76 -12.36 14.97
C ARG F 294 24.13 -12.17 13.52
N ASP F 295 23.13 -12.22 12.65
CA ASP F 295 23.36 -12.12 11.21
C ASP F 295 23.88 -10.73 10.85
N ARG F 296 24.59 -10.67 9.72
CA ARG F 296 25.14 -9.42 9.23
C ARG F 296 24.07 -8.44 8.76
N LYS F 297 22.82 -8.90 8.62
CA LYS F 297 21.74 -8.02 8.20
C LYS F 297 21.45 -6.93 9.24
N TRP F 298 21.81 -7.15 10.51
CA TRP F 298 21.55 -6.18 11.55
C TRP F 298 22.60 -5.08 11.64
N LEU F 299 23.72 -5.23 10.93
CA LEU F 299 24.77 -4.23 10.89
C LEU F 299 24.79 -3.57 9.52
N TYR F 300 25.16 -2.28 9.50
CA TYR F 300 25.36 -1.61 8.22
C TYR F 300 26.58 -2.18 7.51
N TYR F 301 26.71 -1.84 6.22
CA TYR F 301 27.79 -2.40 5.42
C TYR F 301 29.16 -1.98 5.95
N ASN F 302 29.32 -0.69 6.26
CA ASN F 302 30.57 -0.21 6.84
C ASN F 302 30.84 -0.90 8.18
N GLN F 303 29.79 -1.12 8.97
CA GLN F 303 29.96 -1.87 10.21
C GLN F 303 30.43 -3.29 9.93
N ASP F 304 29.86 -3.93 8.90
CA ASP F 304 30.25 -5.31 8.58
C ASP F 304 31.70 -5.39 8.14
N VAL F 305 32.17 -4.38 7.40
CA VAL F 305 33.56 -4.38 6.95
C VAL F 305 34.50 -4.11 8.13
N GLN F 306 34.16 -3.12 8.96
CA GLN F 306 34.98 -2.82 10.13
C GLN F 306 35.00 -3.97 11.12
N ARG F 307 33.97 -4.82 11.11
CA ARG F 307 33.99 -6.00 11.97
C ARG F 307 35.09 -6.96 11.54
N THR F 308 35.35 -7.06 10.23
CA THR F 308 36.37 -7.98 9.75
C THR F 308 37.75 -7.38 9.85
N ARG F 309 37.92 -6.12 9.46
CA ARG F 309 39.26 -5.55 9.52
C ARG F 309 39.71 -5.22 10.94
N CYS F 310 38.85 -5.42 11.94
CA CYS F 310 39.22 -5.15 13.32
C CYS F 310 38.85 -6.31 14.24
N VAL G 24 -28.79 -24.87 -64.01
CA VAL G 24 -27.77 -25.89 -63.83
C VAL G 24 -27.46 -26.08 -62.34
N GLU G 25 -27.23 -27.33 -61.94
CA GLU G 25 -26.95 -27.67 -60.55
C GLU G 25 -25.45 -27.54 -60.30
N LEU G 26 -25.08 -26.57 -59.46
CA LEU G 26 -23.67 -26.36 -59.16
C LEU G 26 -23.23 -27.27 -58.01
N PRO G 27 -22.02 -27.82 -58.06
CA PRO G 27 -21.54 -28.65 -56.95
C PRO G 27 -21.22 -27.81 -55.72
N LYS G 28 -22.25 -27.50 -54.93
CA LYS G 28 -22.05 -26.67 -53.75
C LYS G 28 -21.37 -27.46 -52.65
N ARG G 29 -20.51 -26.77 -51.88
CA ARG G 29 -19.83 -27.40 -50.76
C ARG G 29 -19.31 -26.30 -49.84
N ASP G 30 -19.95 -26.15 -48.68
CA ASP G 30 -19.51 -25.15 -47.72
C ASP G 30 -18.21 -25.59 -47.05
N PRO G 31 -17.38 -24.65 -46.62
CA PRO G 31 -16.08 -25.01 -46.01
C PRO G 31 -16.28 -25.70 -44.68
N PRO G 32 -15.28 -26.41 -44.19
CA PRO G 32 -15.37 -27.07 -42.88
C PRO G 32 -15.57 -26.04 -41.78
N PRO G 33 -16.08 -26.45 -40.62
CA PRO G 33 -16.28 -25.50 -39.52
C PRO G 33 -14.94 -24.94 -39.02
N GLY G 34 -14.90 -23.63 -38.83
CA GLY G 34 -13.68 -22.98 -38.42
C GLY G 34 -13.37 -23.16 -36.95
N VAL G 35 -12.08 -23.28 -36.65
CA VAL G 35 -11.59 -23.38 -35.28
C VAL G 35 -10.55 -22.29 -35.04
N PRO G 36 -10.85 -21.31 -34.20
CA PRO G 36 -9.88 -20.22 -33.96
C PRO G 36 -8.68 -20.70 -33.16
N THR G 37 -7.61 -19.91 -33.25
CA THR G 37 -6.37 -20.16 -32.52
C THR G 37 -6.22 -19.16 -31.37
N ASP G 38 -5.16 -19.34 -30.58
CA ASP G 38 -4.90 -18.44 -29.47
C ASP G 38 -4.70 -17.00 -29.96
N GLU G 39 -4.06 -16.84 -31.12
CA GLU G 39 -3.86 -15.50 -31.68
C GLU G 39 -5.19 -14.83 -31.96
N MET G 40 -6.16 -15.59 -32.48
CA MET G 40 -7.43 -15.03 -32.91
C MET G 40 -8.39 -14.75 -31.75
N LEU G 41 -8.12 -15.28 -30.57
CA LEU G 41 -8.95 -15.03 -29.40
C LEU G 41 -8.36 -13.98 -28.48
N LEU G 42 -7.32 -13.27 -28.93
CA LEU G 42 -6.70 -12.24 -28.11
C LEU G 42 -7.56 -10.98 -28.10
N ASN G 43 -7.52 -10.27 -26.97
CA ASN G 43 -8.23 -9.01 -26.81
C ASN G 43 -7.24 -7.98 -26.27
N VAL G 44 -6.99 -6.93 -27.04
CA VAL G 44 -6.04 -5.90 -26.64
C VAL G 44 -6.49 -5.18 -25.37
N ASP G 45 -7.79 -5.18 -25.07
CA ASP G 45 -8.30 -4.54 -23.86
C ASP G 45 -7.94 -5.29 -22.58
N LYS G 46 -7.22 -6.40 -22.67
CA LYS G 46 -6.83 -7.18 -21.51
C LYS G 46 -5.33 -7.36 -21.39
N MET G 47 -4.55 -6.89 -22.36
CA MET G 47 -3.12 -7.18 -22.44
C MET G 47 -2.25 -6.02 -21.98
N HIS G 48 -2.75 -5.19 -21.07
CA HIS G 48 -1.94 -4.08 -20.58
C HIS G 48 -0.75 -4.57 -19.75
N ASP G 49 -0.84 -5.76 -19.17
CA ASP G 49 0.28 -6.38 -18.48
C ASP G 49 1.13 -7.25 -19.39
N VAL G 50 0.81 -7.31 -20.68
CA VAL G 50 1.61 -8.04 -21.64
C VAL G 50 2.31 -7.11 -22.64
N ILE G 51 1.68 -5.98 -23.00
CA ILE G 51 2.30 -5.05 -23.93
C ILE G 51 3.33 -4.18 -23.22
N ALA G 52 3.05 -3.80 -21.96
CA ALA G 52 3.95 -2.90 -21.24
C ALA G 52 5.34 -3.47 -21.05
N PRO G 53 5.54 -4.71 -20.58
CA PRO G 53 6.91 -5.22 -20.41
C PRO G 53 7.61 -5.62 -21.70
N ALA G 54 7.04 -5.31 -22.86
CA ALA G 54 7.68 -5.65 -24.12
C ALA G 54 8.91 -4.78 -24.35
N LYS G 55 9.96 -5.38 -24.89
CA LYS G 55 11.19 -4.66 -25.17
C LYS G 55 11.14 -4.06 -26.58
N LEU G 56 12.21 -3.35 -26.92
CA LEU G 56 12.27 -2.65 -28.20
C LEU G 56 12.32 -3.66 -29.35
N LEU G 57 11.52 -3.41 -30.39
CA LEU G 57 11.45 -4.28 -31.56
C LEU G 57 11.03 -5.71 -31.20
N GLU G 58 9.98 -5.81 -30.38
CA GLU G 58 9.36 -7.08 -30.05
C GLU G 58 7.89 -7.00 -30.42
N TYR G 59 7.46 -7.87 -31.33
CA TYR G 59 6.07 -7.89 -31.75
C TYR G 59 5.19 -8.51 -30.66
N VAL G 60 4.06 -7.86 -30.40
CA VAL G 60 3.09 -8.32 -29.42
C VAL G 60 1.77 -8.44 -30.15
N HIS G 61 1.40 -9.65 -30.55
CA HIS G 61 0.14 -9.87 -31.25
C HIS G 61 -1.03 -9.62 -30.30
N ILE G 62 -1.97 -8.80 -30.75
CA ILE G 62 -3.12 -8.40 -29.95
C ILE G 62 -4.41 -8.99 -30.49
N GLY G 63 -4.32 -9.89 -31.45
CA GLY G 63 -5.49 -10.53 -32.01
C GLY G 63 -6.18 -9.66 -33.05
N PRO G 64 -7.42 -10.00 -33.38
CA PRO G 64 -8.18 -9.17 -34.31
C PRO G 64 -8.61 -7.86 -33.66
N LEU G 65 -8.53 -6.77 -34.41
CA LEU G 65 -8.90 -5.45 -33.93
C LEU G 65 -9.70 -4.73 -35.00
N ALA G 66 -10.86 -4.23 -34.61
CA ALA G 66 -11.69 -3.48 -35.54
C ALA G 66 -11.12 -2.10 -35.77
N LYS G 67 -11.46 -1.52 -36.93
CA LYS G 67 -10.97 -0.18 -37.24
C LYS G 67 -11.53 0.85 -36.27
N ASP G 68 -12.79 0.66 -35.85
CA ASP G 68 -13.43 1.60 -34.91
C ASP G 68 -12.68 1.70 -33.60
N LYS G 69 -11.84 0.72 -33.28
CA LYS G 69 -11.06 0.72 -32.05
C LYS G 69 -9.57 0.92 -32.30
N GLU G 70 -9.18 1.33 -33.51
CA GLU G 70 -7.75 1.51 -33.80
C GLU G 70 -7.16 2.65 -32.97
N ASP G 71 -7.71 3.87 -33.13
CA ASP G 71 -7.15 5.03 -32.46
C ASP G 71 -7.09 4.84 -30.94
N LYS G 72 -8.12 4.23 -30.36
CA LYS G 72 -8.13 3.99 -28.92
C LYS G 72 -6.88 3.24 -28.48
N VAL G 73 -6.43 2.28 -29.29
CA VAL G 73 -5.18 1.59 -28.99
C VAL G 73 -3.99 2.50 -29.25
N LYS G 74 -4.01 3.18 -30.40
CA LYS G 74 -2.89 4.05 -30.76
C LYS G 74 -2.69 5.16 -29.74
N LYS G 75 -3.79 5.72 -29.23
CA LYS G 75 -3.69 6.74 -28.19
C LYS G 75 -3.35 6.15 -26.83
N ARG G 76 -3.61 4.86 -26.61
CA ARG G 76 -3.27 4.25 -25.33
C ARG G 76 -1.79 3.87 -25.27
N TYR G 77 -1.23 3.42 -26.39
CA TYR G 77 0.17 3.01 -26.48
C TYR G 77 0.86 3.85 -27.54
N PRO G 78 1.40 5.03 -27.18
CA PRO G 78 2.08 5.86 -28.17
C PRO G 78 3.50 5.41 -28.46
N GLU G 79 4.12 4.65 -27.55
CA GLU G 79 5.45 4.12 -27.79
C GLU G 79 5.45 2.96 -28.78
N PHE G 80 4.27 2.47 -29.16
CA PHE G 80 4.15 1.30 -30.01
C PHE G 80 3.54 1.67 -31.35
N ARG G 81 4.00 1.01 -32.41
CA ARG G 81 3.41 1.13 -33.73
C ARG G 81 2.41 -0.02 -33.91
N LEU G 82 1.21 0.33 -34.38
CA LEU G 82 0.17 -0.65 -34.65
C LEU G 82 0.33 -1.14 -36.08
N VAL G 83 0.61 -2.44 -36.23
CA VAL G 83 0.81 -3.05 -37.54
C VAL G 83 -0.27 -4.09 -37.78
N ASN G 84 -0.69 -4.21 -39.04
CA ASN G 84 -1.71 -5.17 -39.44
C ASN G 84 -1.00 -6.42 -39.94
N THR G 85 -0.90 -7.42 -39.07
CA THR G 85 -0.13 -8.63 -39.38
C THR G 85 -0.89 -9.55 -40.32
N GLY G 86 -2.15 -9.83 -39.99
CA GLY G 86 -2.93 -10.76 -40.78
C GLY G 86 -4.30 -10.22 -41.16
N PRO G 87 -5.09 -11.05 -41.83
CA PRO G 87 -6.43 -10.63 -42.25
C PRO G 87 -7.39 -10.64 -41.06
N GLY G 88 -8.61 -10.18 -41.32
CA GLY G 88 -9.61 -10.13 -40.28
C GLY G 88 -9.26 -9.23 -39.11
N GLY G 89 -8.39 -8.25 -39.32
CA GLY G 89 -8.01 -7.33 -38.27
C GLY G 89 -6.90 -7.79 -37.36
N LEU G 90 -6.26 -8.92 -37.67
CA LEU G 90 -5.15 -9.40 -36.85
C LEU G 90 -4.03 -8.38 -36.82
N SER G 91 -3.80 -7.78 -35.65
CA SER G 91 -2.85 -6.69 -35.51
C SER G 91 -1.84 -7.01 -34.42
N ALA G 92 -0.83 -6.16 -34.32
CA ALA G 92 0.21 -6.31 -33.31
C ALA G 92 0.79 -4.94 -32.99
N LEU G 93 1.47 -4.86 -31.85
CA LEU G 93 2.12 -3.64 -31.40
C LEU G 93 3.62 -3.87 -31.34
N LEU G 94 4.38 -3.01 -32.02
CA LEU G 94 5.83 -3.09 -32.07
C LEU G 94 6.40 -1.89 -31.33
N ARG G 95 7.16 -2.14 -30.26
CA ARG G 95 7.69 -1.04 -29.46
C ARG G 95 8.68 -0.23 -30.28
N GLN G 96 8.54 1.10 -30.24
CA GLN G 96 9.39 2.01 -30.98
C GLN G 96 10.00 3.12 -30.12
N SER G 97 9.67 3.19 -28.84
CA SER G 97 10.12 4.31 -28.02
C SER G 97 9.97 3.98 -26.55
N TYR G 98 10.68 4.75 -25.73
CA TYR G 98 10.56 4.72 -24.27
C TYR G 98 10.35 6.17 -23.83
N ALA G 99 9.07 6.59 -23.76
CA ALA G 99 8.73 7.98 -23.49
C ALA G 99 8.67 8.29 -22.00
N GLY G 100 9.27 7.45 -21.15
CA GLY G 100 9.26 7.70 -19.73
C GLY G 100 10.06 8.93 -19.37
N THR G 101 9.42 9.93 -18.77
CA THR G 101 10.11 11.16 -18.42
C THR G 101 11.06 10.92 -17.24
N ALA G 102 12.09 11.78 -17.16
CA ALA G 102 13.10 11.64 -16.13
C ALA G 102 12.56 11.77 -14.71
N PRO G 103 11.67 12.72 -14.38
CA PRO G 103 11.18 12.78 -12.99
C PRO G 103 10.41 11.55 -12.58
N ASN G 104 9.67 10.92 -13.49
CA ASN G 104 8.88 9.74 -13.17
C ASN G 104 9.66 8.45 -13.25
N CYS G 105 10.89 8.48 -13.76
CA CYS G 105 11.69 7.27 -13.95
C CYS G 105 12.95 7.22 -13.11
N CYS G 106 13.55 8.36 -12.79
CA CYS G 106 14.83 8.39 -12.11
C CYS G 106 14.71 8.41 -10.60
N ARG G 107 13.64 9.00 -10.06
CA ARG G 107 13.46 9.12 -8.62
C ARG G 107 12.85 7.87 -8.00
N THR G 108 12.80 6.77 -8.75
CA THR G 108 12.36 5.48 -8.24
C THR G 108 13.30 4.41 -8.74
N PHE G 109 13.29 3.27 -8.03
CA PHE G 109 14.16 2.14 -8.38
C PHE G 109 13.37 0.89 -8.75
N GLN G 110 12.04 0.99 -8.87
CA GLN G 110 11.23 -0.16 -9.22
C GLN G 110 10.03 0.16 -10.09
N ARG G 111 9.74 1.43 -10.36
CA ARG G 111 8.61 1.81 -11.21
C ARG G 111 9.15 2.00 -12.62
N THR G 112 9.06 0.95 -13.43
CA THR G 112 9.60 0.95 -14.78
C THR G 112 8.60 1.45 -15.81
N HIS G 113 7.37 1.76 -15.41
CA HIS G 113 6.35 2.24 -16.32
C HIS G 113 5.29 2.97 -15.52
N TYR G 114 4.43 3.70 -16.23
CA TYR G 114 3.31 4.38 -15.59
C TYR G 114 2.29 4.73 -16.65
N TRP G 115 1.13 5.19 -16.19
CA TRP G 115 0.06 5.65 -17.05
C TRP G 115 -0.24 7.11 -16.72
N LYS G 116 -0.67 7.85 -17.73
CA LYS G 116 -0.95 9.28 -17.59
C LYS G 116 -2.33 9.57 -18.16
N LYS G 117 -3.24 9.99 -17.31
CA LYS G 117 -4.58 10.40 -17.75
C LYS G 117 -4.75 11.89 -17.49
N ASP G 118 -5.33 12.58 -18.48
CA ASP G 118 -5.45 14.04 -18.45
C ASP G 118 -4.06 14.64 -18.24
N GLY G 119 -3.78 15.09 -17.02
CA GLY G 119 -2.44 15.59 -16.70
C GLY G 119 -1.75 14.79 -15.62
N LYS G 120 -2.50 13.98 -14.89
CA LYS G 120 -1.97 13.28 -13.73
C LYS G 120 -1.40 11.91 -14.12
N ILE G 121 -0.47 11.44 -13.29
CA ILE G 121 0.27 10.20 -13.52
C ILE G 121 -0.08 9.21 -12.41
N SER G 122 -0.45 8.00 -12.80
CA SER G 122 -0.67 6.88 -11.90
C SER G 122 0.28 5.75 -12.25
N ASP G 123 0.49 4.85 -11.30
CA ASP G 123 1.34 3.69 -11.54
C ASP G 123 0.55 2.46 -11.98
N LYS G 124 -0.74 2.41 -11.71
CA LYS G 124 -1.61 1.34 -12.18
C LYS G 124 -2.47 1.85 -13.32
N TYR G 125 -2.95 0.92 -14.15
CA TYR G 125 -3.72 1.28 -15.33
C TYR G 125 -5.06 1.89 -14.94
N GLU G 126 -5.53 2.82 -15.77
CA GLU G 126 -6.86 3.38 -15.65
C GLU G 126 -7.42 3.61 -17.05
N GLU G 127 -8.75 3.69 -17.13
CA GLU G 127 -9.40 3.89 -18.42
C GLU G 127 -9.11 5.29 -18.95
N GLY G 128 -8.73 5.38 -20.22
CA GLY G 128 -8.36 6.64 -20.83
C GLY G 128 -6.93 7.08 -20.59
N ALA G 129 -6.16 6.33 -19.82
CA ALA G 129 -4.78 6.69 -19.55
C ALA G 129 -3.87 6.28 -20.72
N VAL G 130 -2.66 6.83 -20.72
CA VAL G 130 -1.69 6.64 -21.78
C VAL G 130 -0.44 6.02 -21.17
N LEU G 131 0.09 4.97 -21.80
CA LEU G 131 1.22 4.24 -21.24
C LEU G 131 2.52 4.94 -21.58
N GLU G 132 3.39 5.08 -20.59
CA GLU G 132 4.74 5.60 -20.79
C GLU G 132 5.72 4.72 -20.02
N SER G 133 6.71 4.18 -20.72
CA SER G 133 7.64 3.22 -20.16
C SER G 133 9.03 3.85 -19.98
N CYS G 134 9.68 3.49 -18.89
CA CYS G 134 11.03 3.96 -18.62
C CYS G 134 12.06 3.09 -19.35
N TRP G 135 13.27 3.61 -19.43
CA TRP G 135 14.35 2.86 -20.07
C TRP G 135 14.59 1.56 -19.29
N PRO G 136 14.91 0.46 -19.99
CA PRO G 136 15.07 -0.84 -19.32
C PRO G 136 15.98 -0.78 -18.10
N ASP G 137 17.27 -0.53 -18.32
CA ASP G 137 18.21 -0.29 -17.22
C ASP G 137 18.59 1.19 -17.29
N VAL G 138 17.81 2.02 -16.60
CA VAL G 138 18.03 3.45 -16.65
C VAL G 138 18.96 3.91 -15.53
N HIS G 139 19.04 3.16 -14.44
CA HIS G 139 19.99 3.41 -13.38
C HIS G 139 21.34 2.76 -13.64
N ASP G 140 21.57 2.30 -14.87
CA ASP G 140 22.86 1.73 -15.27
C ASP G 140 23.39 2.34 -16.55
N THR G 141 22.77 3.42 -17.06
CA THR G 141 23.22 4.06 -18.28
C THR G 141 23.78 5.46 -18.07
N GLY G 142 23.46 6.11 -16.96
CA GLY G 142 23.84 7.49 -16.74
C GLY G 142 22.82 8.51 -17.18
N LYS G 143 21.69 8.07 -17.76
CA LYS G 143 20.65 9.01 -18.17
C LYS G 143 20.04 9.75 -16.98
N CYS G 144 20.12 9.18 -15.79
CA CYS G 144 19.53 9.76 -14.59
C CYS G 144 20.53 10.58 -13.78
N ASP G 145 21.77 10.73 -14.24
CA ASP G 145 22.77 11.45 -13.47
C ASP G 145 22.45 12.95 -13.42
N VAL G 146 22.05 13.53 -14.55
CA VAL G 146 21.81 14.96 -14.61
C VAL G 146 20.58 15.35 -13.81
N ASP G 147 19.50 14.56 -13.94
CA ASP G 147 18.26 14.88 -13.24
C ASP G 147 18.43 14.70 -11.73
N LEU G 148 19.06 13.60 -11.31
CA LEU G 148 19.20 13.33 -9.88
C LEU G 148 20.30 14.15 -9.23
N PHE G 149 21.22 14.71 -10.02
CA PHE G 149 22.21 15.62 -9.43
C PHE G 149 21.55 16.88 -8.91
N ASP G 150 20.61 17.44 -9.69
CA ASP G 150 19.89 18.63 -9.24
C ASP G 150 18.76 18.27 -8.28
N TRP G 151 18.12 17.11 -8.47
CA TRP G 151 17.01 16.74 -7.60
C TRP G 151 17.48 16.45 -6.18
N CYS G 152 18.66 15.88 -6.02
CA CYS G 152 19.19 15.53 -4.70
C CYS G 152 19.87 16.70 -4.00
N GLN G 153 19.61 17.94 -4.44
CA GLN G 153 20.12 19.13 -3.80
C GLN G 153 18.95 19.99 -3.35
N GLY G 154 18.94 20.33 -2.06
CA GLY G 154 17.90 21.20 -1.53
C GLY G 154 16.78 20.45 -0.84
N ASP G 155 15.57 21.00 -0.91
CA ASP G 155 14.42 20.42 -0.23
C ASP G 155 13.89 19.16 -0.90
N THR G 156 14.31 18.87 -2.14
CA THR G 156 13.87 17.68 -2.85
C THR G 156 14.75 16.48 -2.59
N PHE G 157 15.72 16.59 -1.69
CA PHE G 157 16.60 15.47 -1.38
C PHE G 157 15.80 14.33 -0.75
N ASP G 158 16.17 13.10 -1.11
CA ASP G 158 15.56 11.89 -0.57
C ASP G 158 16.62 11.08 0.15
N ARG G 159 16.34 10.74 1.41
CA ARG G 159 17.30 9.98 2.22
C ARG G 159 17.57 8.60 1.64
N ASN G 160 16.63 8.05 0.89
CA ASN G 160 16.75 6.69 0.35
C ASN G 160 17.11 6.68 -1.14
N ILE G 161 16.39 7.44 -1.96
CA ILE G 161 16.62 7.39 -3.40
C ILE G 161 18.00 7.93 -3.75
N CYS G 162 18.40 9.04 -3.13
CA CYS G 162 19.68 9.66 -3.48
C CYS G 162 20.85 8.83 -2.98
N HIS G 163 20.73 8.25 -1.78
CA HIS G 163 21.77 7.37 -1.28
C HIS G 163 21.94 6.16 -2.20
N GLN G 164 20.83 5.60 -2.66
CA GLN G 164 20.88 4.46 -3.58
C GLN G 164 21.42 4.89 -4.95
N TRP G 165 21.20 6.13 -5.35
CA TRP G 165 21.75 6.60 -6.62
C TRP G 165 23.26 6.77 -6.55
N ILE G 166 23.75 7.36 -5.45
CA ILE G 166 25.19 7.46 -5.27
C ILE G 166 25.81 6.07 -5.19
N GLY G 167 25.10 5.11 -4.59
CA GLY G 167 25.59 3.74 -4.60
C GLY G 167 25.57 3.11 -5.98
N SER G 168 24.56 3.43 -6.78
CA SER G 168 24.46 2.91 -8.14
C SER G 168 25.56 3.47 -9.02
N ALA G 169 26.06 4.66 -8.69
CA ALA G 169 27.16 5.22 -9.46
C ALA G 169 28.43 4.38 -9.33
N PHE G 170 28.68 3.84 -8.14
CA PHE G 170 29.86 3.00 -7.92
C PHE G 170 29.73 1.62 -8.57
N ASN G 171 28.51 1.19 -8.89
CA ASN G 171 28.29 -0.13 -9.46
C ASN G 171 27.61 -0.04 -10.82
N ARG G 172 27.80 1.09 -11.51
CA ARG G 172 27.20 1.29 -12.83
C ARG G 172 27.90 0.37 -13.83
N ALA G 173 27.23 -0.73 -14.18
CA ALA G 173 27.80 -1.72 -15.09
C ALA G 173 27.61 -1.29 -16.55
N ASP G 174 28.08 -0.10 -16.85
CA ASP G 174 28.02 0.46 -18.20
C ASP G 174 29.45 0.65 -18.67
N ARG G 175 29.86 -0.13 -19.67
CA ARG G 175 31.18 0.00 -20.25
C ARG G 175 31.12 0.58 -21.66
N THR G 176 29.97 1.13 -22.04
CA THR G 176 29.91 1.94 -23.25
C THR G 176 30.56 3.29 -22.95
N VAL G 177 31.40 3.76 -23.87
CA VAL G 177 32.23 4.94 -23.61
C VAL G 177 31.41 6.09 -23.08
N GLU G 178 30.19 6.26 -23.62
CA GLU G 178 29.32 7.36 -23.18
C GLU G 178 28.97 7.24 -21.71
N GLY G 179 28.66 6.02 -21.24
CA GLY G 179 28.24 5.85 -19.86
C GLY G 179 29.35 6.11 -18.86
N GLN G 180 30.53 5.55 -19.13
CA GLN G 180 31.65 5.79 -18.23
C GLN G 180 32.13 7.23 -18.30
N GLN G 181 31.95 7.90 -19.44
CA GLN G 181 32.26 9.32 -19.51
C GLN G 181 31.29 10.13 -18.68
N SER G 182 30.00 9.79 -18.73
CA SER G 182 29.00 10.49 -17.92
C SER G 182 29.28 10.29 -16.44
N LEU G 183 29.66 9.08 -16.03
CA LEU G 183 29.92 8.87 -14.61
C LEU G 183 31.24 9.52 -14.19
N ILE G 184 32.19 9.68 -15.11
CA ILE G 184 33.40 10.45 -14.80
C ILE G 184 33.05 11.92 -14.57
N ASN G 185 32.21 12.49 -15.45
CA ASN G 185 31.77 13.87 -15.27
C ASN G 185 31.01 14.03 -13.95
N LEU G 186 30.18 13.05 -13.60
CA LEU G 186 29.47 13.11 -12.33
C LEU G 186 30.43 13.05 -11.15
N TYR G 187 31.47 12.21 -11.25
CA TYR G 187 32.48 12.13 -10.20
C TYR G 187 33.18 13.47 -10.01
N ASN G 188 33.52 14.14 -11.10
CA ASN G 188 34.18 15.44 -11.01
C ASN G 188 33.25 16.49 -10.41
N LYS G 189 31.99 16.52 -10.87
CA LYS G 189 31.02 17.47 -10.31
C LYS G 189 30.82 17.23 -8.82
N MET G 190 30.80 15.96 -8.39
CA MET G 190 30.66 15.67 -6.98
C MET G 190 31.88 16.13 -6.19
N GLN G 191 33.08 15.91 -6.72
CA GLN G 191 34.27 16.39 -6.03
C GLN G 191 34.22 17.90 -5.84
N THR G 192 33.84 18.63 -6.89
CA THR G 192 33.76 20.09 -6.80
C THR G 192 32.70 20.52 -5.80
N LEU G 193 31.48 19.97 -5.93
CA LEU G 193 30.37 20.38 -5.07
C LEU G 193 30.68 20.10 -3.60
N CYS G 194 31.28 18.95 -3.30
CA CYS G 194 31.61 18.62 -1.93
C CYS G 194 32.85 19.36 -1.43
N SER G 195 33.70 19.84 -2.33
CA SER G 195 34.76 20.75 -1.92
C SER G 195 34.17 22.11 -1.54
N LYS G 196 33.08 22.50 -2.16
CA LYS G 196 32.39 23.73 -1.74
C LYS G 196 31.82 23.58 -0.34
N ASP G 197 30.96 22.58 -0.14
CA ASP G 197 30.32 22.36 1.15
C ASP G 197 30.02 20.88 1.29
N ALA G 198 30.72 20.20 2.20
CA ALA G 198 30.54 18.77 2.41
C ALA G 198 29.47 18.43 3.44
N SER G 199 28.90 19.43 4.12
CA SER G 199 27.89 19.16 5.14
C SER G 199 26.53 18.85 4.56
N VAL G 200 26.30 19.18 3.29
CA VAL G 200 25.03 18.91 2.62
C VAL G 200 24.79 17.41 2.61
N PRO G 201 23.53 16.95 2.55
CA PRO G 201 23.30 15.50 2.68
C PRO G 201 23.84 14.69 1.52
N ILE G 202 23.73 15.18 0.30
CA ILE G 202 24.21 14.42 -0.86
C ILE G 202 25.72 14.18 -0.75
N CYS G 203 26.45 15.16 -0.23
CA CYS G 203 27.89 14.99 -0.07
C CYS G 203 28.23 14.10 1.11
N GLU G 204 27.43 14.12 2.17
CA GLU G 204 27.64 13.17 3.26
C GLU G 204 27.42 11.74 2.79
N SER G 205 26.41 11.53 1.93
CA SER G 205 26.20 10.21 1.35
C SER G 205 27.33 9.83 0.40
N PHE G 206 27.84 10.80 -0.37
CA PHE G 206 28.98 10.54 -1.25
C PHE G 206 30.19 10.11 -0.44
N LEU G 207 30.47 10.78 0.67
CA LEU G 207 31.59 10.39 1.53
C LEU G 207 31.34 9.03 2.18
N HIS G 208 30.09 8.74 2.53
CA HIS G 208 29.76 7.44 3.10
C HIS G 208 30.06 6.33 2.10
N HIS G 209 29.65 6.51 0.85
CA HIS G 209 29.93 5.50 -0.17
C HIS G 209 31.41 5.40 -0.47
N LEU G 210 32.13 6.53 -0.44
CA LEU G 210 33.57 6.49 -0.61
C LEU G 210 34.25 5.71 0.51
N ARG G 211 33.76 5.88 1.75
CA ARG G 211 34.27 5.09 2.85
C ARG G 211 33.98 3.62 2.66
N ALA G 212 32.79 3.30 2.16
CA ALA G 212 32.43 1.90 1.92
C ALA G 212 33.28 1.28 0.81
N HIS G 213 33.76 2.09 -0.14
CA HIS G 213 34.57 1.55 -1.23
C HIS G 213 35.87 0.97 -0.70
N ASN G 214 36.45 1.58 0.34
CA ASN G 214 37.59 1.04 1.07
C ASN G 214 38.83 0.84 0.19
N THR G 215 39.04 1.74 -0.77
CA THR G 215 40.25 1.76 -1.58
C THR G 215 40.98 3.08 -1.36
N GLU G 216 42.28 3.07 -1.68
CA GLU G 216 43.09 4.27 -1.50
C GLU G 216 42.57 5.42 -2.34
N ASP G 217 42.08 5.13 -3.55
CA ASP G 217 41.53 6.18 -4.41
C ASP G 217 40.34 6.87 -3.76
N SER G 218 39.62 6.16 -2.88
CA SER G 218 38.48 6.73 -2.18
C SER G 218 38.87 7.33 -0.84
N LYS G 219 39.78 6.68 -0.11
CA LYS G 219 40.23 7.22 1.17
C LYS G 219 40.93 8.57 0.97
N GLU G 220 41.77 8.67 -0.06
CA GLU G 220 42.48 9.92 -0.30
C GLU G 220 41.52 11.03 -0.72
N MET G 221 40.49 10.69 -1.50
CA MET G 221 39.51 11.72 -1.86
C MET G 221 38.67 12.14 -0.68
N ILE G 222 38.36 11.21 0.23
CA ILE G 222 37.69 11.57 1.47
C ILE G 222 38.54 12.57 2.25
N ASP G 223 39.82 12.25 2.44
CA ASP G 223 40.71 13.14 3.19
C ASP G 223 40.85 14.49 2.50
N TYR G 224 40.89 14.50 1.17
CA TYR G 224 41.02 15.76 0.44
C TYR G 224 39.77 16.62 0.61
N ILE G 225 38.59 16.05 0.36
CA ILE G 225 37.35 16.80 0.48
C ILE G 225 37.18 17.33 1.90
N LEU G 226 37.52 16.52 2.90
CA LEU G 226 37.38 16.97 4.28
C LEU G 226 38.41 18.04 4.63
N ARG G 227 39.58 18.00 3.99
CA ARG G 227 40.61 19.01 4.27
C ARG G 227 40.38 20.31 3.53
N GLN G 228 39.58 20.31 2.46
CA GLN G 228 39.26 21.52 1.72
C GLN G 228 38.07 22.28 2.31
N GLN G 229 37.66 21.94 3.53
CA GLN G 229 36.47 22.54 4.13
C GLN G 229 36.84 23.78 4.93
N SER G 230 35.83 24.63 5.15
CA SER G 230 36.02 25.86 5.89
C SER G 230 36.30 25.57 7.37
N ALA G 231 36.77 26.61 8.07
CA ALA G 231 36.99 26.47 9.50
C ALA G 231 35.69 26.23 10.25
N ASP G 232 34.59 26.81 9.78
CA ASP G 232 33.30 26.58 10.42
C ASP G 232 32.87 25.12 10.30
N PHE G 233 33.12 24.50 9.15
CA PHE G 233 32.81 23.09 8.99
C PHE G 233 33.61 22.24 9.95
N LYS G 234 34.90 22.55 10.10
CA LYS G 234 35.76 21.73 10.95
C LYS G 234 35.50 21.98 12.43
N GLN G 235 35.17 23.21 12.82
CA GLN G 235 34.89 23.48 14.23
C GLN G 235 33.57 22.91 14.70
N LYS G 236 32.77 22.31 13.81
CA LYS G 236 31.48 21.74 14.18
C LYS G 236 31.35 20.25 13.90
N TYR G 237 31.96 19.75 12.82
CA TYR G 237 31.88 18.34 12.45
C TYR G 237 33.18 17.59 12.64
N MET G 238 34.32 18.21 12.35
CA MET G 238 35.61 17.55 12.44
C MET G 238 36.39 18.11 13.62
N ARG G 239 35.95 17.72 14.82
CA ARG G 239 36.66 18.09 16.04
C ARG G 239 37.50 16.94 16.57
N CYS G 240 37.32 15.74 16.01
CA CYS G 240 38.20 14.62 16.31
C CYS G 240 39.49 14.72 15.49
N SER G 241 39.36 14.99 14.19
CA SER G 241 40.54 15.08 13.34
C SER G 241 41.38 16.31 13.66
N TYR G 242 40.73 17.42 14.05
CA TYR G 242 41.42 18.67 14.37
C TYR G 242 41.17 18.99 15.84
N PRO G 243 41.96 18.45 16.75
CA PRO G 243 41.76 18.73 18.18
C PRO G 243 42.26 20.11 18.57
N THR G 244 41.79 20.56 19.73
CA THR G 244 42.27 21.82 20.27
C THR G 244 43.69 21.64 20.82
N ARG G 245 44.32 22.77 21.13
CA ARG G 245 45.69 22.72 21.67
C ARG G 245 45.73 22.01 23.02
N ASP G 246 44.70 22.23 23.85
CA ASP G 246 44.69 21.61 25.17
C ASP G 246 44.45 20.11 25.08
N LYS G 247 43.48 19.68 24.26
CA LYS G 247 43.23 18.26 24.10
C LYS G 247 44.41 17.56 23.46
N LEU G 248 45.05 18.19 22.48
CA LEU G 248 46.23 17.59 21.86
C LEU G 248 47.38 17.50 22.85
N GLU G 249 47.55 18.54 23.69
CA GLU G 249 48.61 18.51 24.69
C GLU G 249 48.38 17.42 25.72
N GLU G 250 47.13 17.25 26.17
CA GLU G 250 46.83 16.23 27.17
C GLU G 250 46.81 14.82 26.58
N SER G 251 46.58 14.68 25.28
CA SER G 251 46.58 13.35 24.67
C SER G 251 47.96 12.72 24.74
N LEU G 252 49.02 13.52 24.70
CA LEU G 252 50.37 12.99 24.82
C LEU G 252 50.62 12.38 26.19
N LYS G 253 49.87 12.80 27.21
CA LYS G 253 50.03 12.27 28.56
C LYS G 253 49.49 10.86 28.70
N TYR G 254 48.85 10.31 27.67
CA TYR G 254 48.30 8.97 27.68
C TYR G 254 48.95 8.14 26.59
N ALA G 255 49.21 6.87 26.89
CA ALA G 255 49.87 5.99 25.92
C ALA G 255 48.94 5.60 24.78
N GLU G 256 47.64 5.52 25.04
CA GLU G 256 46.69 5.14 24.00
C GLU G 256 46.52 6.28 23.00
N PRO G 257 46.03 5.97 21.80
CA PRO G 257 45.73 7.03 20.84
C PRO G 257 44.64 7.95 21.36
N ARG G 258 44.70 9.22 20.94
CA ARG G 258 43.72 10.20 21.38
C ARG G 258 42.31 9.82 20.95
N GLU G 259 42.17 9.13 19.81
CA GLU G 259 40.85 8.77 19.32
C GLU G 259 40.10 7.87 20.30
N CYS G 260 40.82 7.01 21.03
CA CYS G 260 40.21 6.16 22.04
C CYS G 260 39.99 6.88 23.36
N TRP G 261 40.09 8.21 23.38
CA TRP G 261 40.11 8.96 24.62
C TRP G 261 39.31 10.25 24.49
N ASP G 262 39.40 10.89 23.34
CA ASP G 262 38.73 12.16 23.12
C ASP G 262 37.22 11.94 22.96
N PRO G 263 36.39 12.59 23.78
CA PRO G 263 34.94 12.48 23.56
C PRO G 263 34.49 13.03 22.21
N GLU G 264 35.26 13.95 21.63
CA GLU G 264 34.92 14.46 20.31
C GLU G 264 35.08 13.41 19.22
N CYS G 265 35.84 12.34 19.49
CA CYS G 265 35.96 11.24 18.55
C CYS G 265 34.85 10.22 18.74
N SER G 266 34.52 9.90 20.00
CA SER G 266 33.45 8.95 20.28
C SER G 266 32.10 9.46 19.83
N ASN G 267 31.96 10.76 19.61
CA ASN G 267 30.68 11.36 19.25
C ASN G 267 30.64 11.94 17.84
N ALA G 268 31.77 12.07 17.17
CA ALA G 268 31.77 12.60 15.81
C ALA G 268 31.20 11.57 14.85
N ASN G 269 30.42 12.03 13.87
CA ASN G 269 29.87 11.12 12.89
C ASN G 269 30.98 10.57 11.99
N VAL G 270 30.83 9.31 11.60
CA VAL G 270 31.89 8.62 10.87
C VAL G 270 32.07 9.18 9.46
N ASN G 271 31.06 9.86 8.91
CA ASN G 271 31.16 10.31 7.52
C ASN G 271 32.09 11.50 7.36
N PHE G 272 32.42 12.20 8.44
CA PHE G 272 33.29 13.37 8.38
C PHE G 272 34.61 13.16 9.10
N LEU G 273 35.00 11.91 9.33
CA LEU G 273 36.28 11.60 9.94
C LEU G 273 37.33 11.39 8.86
N LEU G 274 38.54 11.87 9.13
CA LEU G 274 39.65 11.58 8.24
C LEU G 274 40.00 10.10 8.32
N THR G 275 40.62 9.59 7.24
CA THR G 275 41.00 8.19 7.20
C THR G 275 41.93 7.82 8.34
N ARG G 276 42.81 8.74 8.75
CA ARG G 276 43.69 8.49 9.88
C ARG G 276 42.89 8.18 11.14
N ASN G 277 41.98 9.07 11.51
CA ASN G 277 41.20 8.86 12.73
C ASN G 277 40.20 7.73 12.57
N TYR G 278 39.64 7.56 11.37
CA TYR G 278 38.75 6.43 11.11
C TYR G 278 39.48 5.10 11.33
N ASN G 279 40.77 5.05 10.98
CA ASN G 279 41.54 3.84 11.18
C ASN G 279 41.98 3.69 12.63
N ASN G 280 42.37 4.79 13.27
CA ASN G 280 42.83 4.73 14.66
C ASN G 280 41.69 4.36 15.61
N LEU G 281 40.46 4.75 15.30
CA LEU G 281 39.34 4.37 16.16
C LEU G 281 39.15 2.86 16.19
N GLY G 282 39.56 2.16 15.13
CA GLY G 282 39.49 0.71 15.12
C GLY G 282 40.52 0.04 16.00
N LEU G 283 41.53 0.77 16.47
CA LEU G 283 42.57 0.21 17.31
C LEU G 283 42.16 0.14 18.78
N CYS G 284 41.05 0.76 19.16
CA CYS G 284 40.63 0.77 20.55
C CYS G 284 40.10 -0.60 20.96
N ASN G 285 40.51 -1.05 22.14
CA ASN G 285 40.12 -2.36 22.68
C ASN G 285 40.48 -3.49 21.72
N GLU H 3 72.86 5.59 28.63
CA GLU H 3 72.33 6.94 28.78
C GLU H 3 71.36 7.28 27.66
N VAL H 4 70.22 7.87 28.03
CA VAL H 4 69.21 8.26 27.06
C VAL H 4 69.68 9.51 26.32
N GLN H 5 69.62 9.46 24.99
CA GLN H 5 70.02 10.58 24.15
C GLN H 5 69.17 10.60 22.91
N LEU H 6 68.77 11.80 22.48
CA LEU H 6 67.94 11.98 21.28
C LEU H 6 68.59 13.07 20.42
N GLN H 7 69.33 12.65 19.40
CA GLN H 7 69.94 13.60 18.48
C GLN H 7 68.89 14.14 17.51
N ALA H 8 69.21 15.26 16.88
CA ALA H 8 68.29 15.90 15.94
C ALA H 8 69.08 16.52 14.79
N SER H 9 68.60 16.29 13.57
CA SER H 9 69.25 16.83 12.38
C SER H 9 68.24 16.80 11.23
N GLY H 10 68.63 17.38 10.10
CA GLY H 10 67.81 17.39 8.91
C GLY H 10 67.27 18.76 8.53
N GLY H 11 67.47 19.78 9.36
CA GLY H 11 66.98 21.10 9.04
C GLY H 11 67.82 21.82 8.00
N GLY H 12 67.30 22.94 7.53
CA GLY H 12 68.00 23.71 6.53
C GLY H 12 67.17 24.90 6.09
N LEU H 13 67.61 25.52 5.00
CA LEU H 13 66.95 26.70 4.44
C LEU H 13 66.20 26.30 3.17
N VAL H 14 64.95 26.75 3.07
CA VAL H 14 64.08 26.48 1.94
C VAL H 14 63.21 27.71 1.69
N GLN H 15 62.39 27.63 0.64
CA GLN H 15 61.49 28.69 0.24
C GLN H 15 60.04 28.31 0.54
N PRO H 16 59.11 29.28 0.53
CA PRO H 16 57.69 28.93 0.70
C PRO H 16 57.22 27.89 -0.30
N GLY H 17 56.94 26.69 0.19
CA GLY H 17 56.57 25.57 -0.65
C GLY H 17 57.61 24.47 -0.73
N GLY H 18 58.69 24.56 0.03
CA GLY H 18 59.73 23.56 0.02
C GLY H 18 59.37 22.36 0.89
N SER H 19 60.35 21.47 1.04
CA SER H 19 60.17 20.25 1.81
C SER H 19 61.46 19.92 2.55
N LEU H 20 61.31 19.33 3.73
CA LEU H 20 62.44 18.91 4.55
C LEU H 20 62.15 17.56 5.16
N ARG H 21 63.17 16.98 5.78
CA ARG H 21 63.01 15.69 6.47
C ARG H 21 63.94 15.69 7.67
N LEU H 22 63.34 15.75 8.86
CA LEU H 22 64.08 15.74 10.11
C LEU H 22 64.22 14.30 10.61
N SER H 23 65.38 13.99 11.18
CA SER H 23 65.66 12.67 11.72
C SER H 23 66.01 12.78 13.19
N CYS H 24 65.81 11.67 13.92
CA CYS H 24 66.17 11.61 15.33
C CYS H 24 66.46 10.17 15.69
N ALA H 25 67.71 9.88 16.03
CA ALA H 25 68.11 8.55 16.46
C ALA H 25 67.97 8.41 17.97
N ALA H 26 67.74 7.18 18.42
CA ALA H 26 67.50 6.89 19.82
C ALA H 26 68.60 6.00 20.37
N SER H 27 68.81 6.10 21.69
CA SER H 27 69.79 5.28 22.38
C SER H 27 69.27 4.98 23.77
N GLY H 28 69.08 3.69 24.07
CA GLY H 28 68.52 3.31 25.35
C GLY H 28 67.04 3.54 25.50
N ILE H 29 66.32 3.76 24.39
CA ILE H 29 64.88 3.98 24.41
C ILE H 29 64.26 3.15 23.29
N VAL H 30 63.37 2.23 23.64
CA VAL H 30 62.70 1.37 22.68
C VAL H 30 61.35 1.99 22.34
N PHE H 31 61.04 2.03 21.05
CA PHE H 31 59.77 2.59 20.58
C PHE H 31 58.57 1.69 20.89
N SER H 32 58.81 0.51 21.47
CA SER H 32 57.72 -0.42 21.79
C SER H 32 56.94 0.00 23.04
N ASN H 33 57.53 0.80 23.91
CA ASN H 33 56.87 1.24 25.14
C ASN H 33 57.11 2.74 25.36
N ASN H 34 57.13 3.51 24.28
CA ASN H 34 57.35 4.95 24.37
C ASN H 34 56.46 5.67 23.37
N ARG H 35 56.06 6.88 23.72
CA ARG H 35 55.31 7.78 22.87
C ARG H 35 56.25 8.88 22.40
N MET H 36 56.49 8.94 21.09
CA MET H 36 57.38 9.92 20.50
C MET H 36 56.60 11.14 20.05
N SER H 37 57.26 12.30 20.09
CA SER H 37 56.60 13.54 19.71
C SER H 37 57.63 14.49 19.11
N TRP H 38 57.23 15.18 18.05
CA TRP H 38 58.00 16.26 17.46
C TRP H 38 57.35 17.58 17.84
N TYR H 39 58.09 18.40 18.59
CA TYR H 39 57.69 19.73 19.03
C TYR H 39 58.44 20.78 18.22
N ARG H 40 57.84 21.97 18.11
CA ARG H 40 58.52 23.11 17.51
C ARG H 40 58.39 24.35 18.40
N LYS H 45 58.51 32.14 21.90
CA LYS H 45 57.12 31.69 22.02
C LYS H 45 57.01 30.40 22.81
N GLN H 46 55.79 30.09 23.24
CA GLN H 46 55.53 28.85 23.95
C GLN H 46 55.66 27.67 23.02
N ARG H 47 56.30 26.60 23.51
CA ARG H 47 56.48 25.41 22.69
C ARG H 47 55.13 24.74 22.40
N GLU H 48 55.00 24.19 21.20
CA GLU H 48 53.80 23.49 20.79
C GLU H 48 54.19 22.17 20.14
N VAL H 49 53.32 21.18 20.32
CA VAL H 49 53.55 19.86 19.74
C VAL H 49 53.13 19.87 18.28
N VAL H 50 53.99 19.40 17.40
CA VAL H 50 53.67 19.30 15.98
C VAL H 50 53.06 17.95 15.65
N ALA H 51 53.70 16.88 16.09
CA ALA H 51 53.21 15.54 15.75
C ALA H 51 53.51 14.58 16.89
N THR H 52 52.69 13.55 17.02
CA THR H 52 52.94 12.50 18.01
C THR H 52 52.66 11.14 17.39
N ILE H 53 53.35 10.13 17.90
CA ILE H 53 53.17 8.75 17.47
C ILE H 53 53.27 7.85 18.70
N THR H 54 52.29 6.95 18.85
CA THR H 54 52.23 6.05 19.99
C THR H 54 53.21 4.89 19.79
N SER H 55 53.24 3.98 20.77
CA SER H 55 54.06 2.79 20.66
C SER H 55 53.55 1.85 19.58
N GLY H 56 52.27 1.94 19.21
CA GLY H 56 51.66 1.09 18.21
C GLY H 56 51.55 1.69 16.83
N GLY H 57 52.18 2.83 16.57
CA GLY H 57 52.15 3.44 15.26
C GLY H 57 50.98 4.36 14.98
N ALA H 58 50.19 4.70 15.99
CA ALA H 58 49.09 5.64 15.81
C ALA H 58 49.62 7.06 15.86
N THR H 59 49.33 7.83 14.82
CA THR H 59 49.87 9.18 14.67
C THR H 59 48.77 10.22 14.88
N ASP H 60 49.20 11.41 15.30
CA ASP H 60 48.30 12.55 15.45
C ASP H 60 49.09 13.82 15.16
N TYR H 61 48.37 14.83 14.65
CA TYR H 61 49.00 16.06 14.19
C TYR H 61 48.22 17.26 14.69
N GLN H 62 48.89 18.41 14.71
CA GLN H 62 48.24 19.66 15.06
C GLN H 62 47.39 20.15 13.88
N ASP H 63 46.32 20.87 14.20
CA ASP H 63 45.36 21.30 13.19
C ASP H 63 46.01 22.15 12.10
N SER H 64 47.08 22.88 12.45
CA SER H 64 47.73 23.74 11.46
C SER H 64 48.65 22.94 10.54
N VAL H 65 49.49 22.08 11.11
CA VAL H 65 50.42 21.28 10.33
C VAL H 65 49.79 20.02 9.75
N GLU H 66 48.51 19.80 9.99
CA GLU H 66 47.85 18.60 9.50
C GLU H 66 47.72 18.63 7.98
N GLY H 67 47.84 17.47 7.36
CA GLY H 67 47.79 17.36 5.92
C GLY H 67 49.08 17.70 5.20
N ARG H 68 50.05 18.26 5.90
CA ARG H 68 51.34 18.62 5.31
C ARG H 68 52.49 17.83 5.91
N PHE H 69 52.62 17.84 7.23
CA PHE H 69 53.69 17.09 7.90
C PHE H 69 53.25 15.66 8.15
N THR H 70 54.22 14.76 8.14
CA THR H 70 53.95 13.34 8.37
C THR H 70 55.04 12.75 9.26
N ILE H 71 54.64 12.08 10.34
CA ILE H 71 55.58 11.50 11.29
C ILE H 71 55.62 9.99 11.09
N SER H 72 56.83 9.44 11.02
CA SER H 72 57.04 8.00 10.87
C SER H 72 58.13 7.56 11.82
N ARG H 73 58.29 6.25 11.96
CA ARG H 73 59.28 5.70 12.89
C ARG H 73 59.92 4.45 12.29
N ASP H 74 61.02 4.03 12.92
CA ASP H 74 61.71 2.79 12.57
C ASP H 74 62.38 2.30 13.84
N MET H 75 61.75 1.34 14.52
CA MET H 75 62.28 0.83 15.78
C MET H 75 63.38 -0.20 15.58
N ALA H 76 63.46 -0.81 14.39
CA ALA H 76 64.60 -1.66 14.07
C ALA H 76 65.89 -0.87 14.02
N LYS H 77 65.81 0.44 13.77
CA LYS H 77 66.96 1.32 13.79
C LYS H 77 66.88 2.40 14.87
N ASN H 78 65.79 2.42 15.64
CA ASN H 78 65.58 3.42 16.69
C ASN H 78 65.72 4.84 16.14
N THR H 79 64.95 5.13 15.09
CA THR H 79 65.02 6.43 14.43
C THR H 79 63.61 6.88 14.09
N VAL H 80 63.21 8.03 14.63
CA VAL H 80 61.94 8.65 14.31
C VAL H 80 62.19 9.77 13.31
N TYR H 81 61.26 9.97 12.39
CA TYR H 81 61.42 10.93 11.32
C TYR H 81 60.29 11.94 11.33
N LEU H 82 60.43 12.97 10.50
CA LEU H 82 59.37 13.95 10.27
C LEU H 82 59.54 14.49 8.86
N GLN H 83 58.52 14.29 8.02
CA GLN H 83 58.55 14.73 6.63
C GLN H 83 57.70 15.97 6.52
N MET H 84 58.35 17.12 6.27
CA MET H 84 57.70 18.41 6.24
C MET H 84 57.52 18.80 4.78
N ASN H 85 56.34 18.49 4.24
CA ASN H 85 55.99 18.81 2.87
C ASN H 85 55.13 20.07 2.84
N SER H 86 55.26 20.84 1.75
CA SER H 86 54.54 22.10 1.57
C SER H 86 54.77 23.03 2.75
N LEU H 87 56.04 23.40 2.94
CA LEU H 87 56.42 24.22 4.08
C LEU H 87 55.87 25.63 3.95
N LYS H 88 55.78 26.32 5.09
CA LYS H 88 55.25 27.66 5.19
C LYS H 88 56.17 28.50 6.06
N PRO H 89 56.18 29.83 5.86
CA PRO H 89 57.04 30.68 6.70
C PRO H 89 56.65 30.70 8.16
N GLU H 90 55.46 30.23 8.51
CA GLU H 90 55.04 30.16 9.91
C GLU H 90 55.60 28.94 10.62
N ASP H 91 56.18 27.99 9.89
CA ASP H 91 56.74 26.78 10.48
C ASP H 91 58.19 26.94 10.92
N THR H 92 58.78 28.11 10.73
CA THR H 92 60.17 28.35 11.12
C THR H 92 60.28 28.37 12.63
N ALA H 93 60.96 27.37 13.19
CA ALA H 93 61.14 27.25 14.63
C ALA H 93 62.22 26.20 14.87
N VAL H 94 62.54 25.98 16.14
CA VAL H 94 63.47 24.92 16.55
C VAL H 94 62.66 23.66 16.79
N TYR H 95 62.94 22.62 16.02
CA TYR H 95 62.20 21.36 16.10
C TYR H 95 63.01 20.35 16.91
N PHE H 96 62.36 19.76 17.92
CA PHE H 96 63.03 18.81 18.79
C PHE H 96 62.11 17.65 19.11
N CYS H 97 62.71 16.54 19.51
CA CYS H 97 61.99 15.30 19.78
C CYS H 97 61.84 15.08 21.28
N ASN H 98 60.75 14.40 21.66
CA ASN H 98 60.41 14.13 23.04
C ASN H 98 59.88 12.71 23.16
N ALA H 99 60.40 11.95 24.11
CA ALA H 99 59.98 10.57 24.32
C ALA H 99 59.42 10.43 25.73
N ARG H 100 58.20 9.91 25.84
CA ARG H 100 57.57 9.72 27.14
C ARG H 100 57.15 8.27 27.33
N ARG H 101 57.51 7.70 28.47
CA ARG H 101 57.26 6.28 28.71
C ARG H 101 55.76 6.00 28.83
N ASP H 102 55.37 4.81 28.36
CA ASP H 102 53.99 4.38 28.49
C ASP H 102 53.68 4.02 29.95
N ASN H 103 52.59 4.58 30.47
CA ASN H 103 52.11 4.37 31.83
C ASN H 103 53.05 4.94 32.89
N PHE H 104 54.02 5.76 32.49
CA PHE H 104 54.95 6.41 33.43
C PHE H 104 55.07 7.87 33.02
N ALA H 105 54.24 8.72 33.63
CA ALA H 105 54.27 10.15 33.31
C ALA H 105 55.50 10.84 33.83
N THR H 106 56.15 10.29 34.87
CA THR H 106 57.35 10.90 35.43
C THR H 106 58.61 10.53 34.65
N ALA H 107 58.54 9.57 33.74
CA ALA H 107 59.69 9.15 32.94
C ALA H 107 59.56 9.74 31.54
N ILE H 108 60.04 10.97 31.38
CA ILE H 108 59.96 11.71 30.12
C ILE H 108 61.32 12.31 29.83
N TYR H 109 61.76 12.20 28.58
CA TYR H 109 63.08 12.66 28.17
C TYR H 109 62.97 13.53 26.93
N TRP H 110 63.77 14.60 26.90
CA TRP H 110 63.83 15.51 25.77
C TRP H 110 65.14 15.34 25.03
N GLY H 111 65.17 15.83 23.79
CA GLY H 111 66.34 15.68 22.95
C GLY H 111 66.85 16.96 22.34
N GLN H 112 67.82 16.84 21.44
CA GLN H 112 68.40 18.02 20.80
C GLN H 112 67.42 18.63 19.81
N GLY H 113 67.76 19.83 19.34
CA GLY H 113 66.91 20.54 18.40
C GLY H 113 67.61 20.86 17.10
N THR H 114 66.82 21.16 16.06
CA THR H 114 67.34 21.52 14.76
C THR H 114 66.61 22.76 14.27
N GLN H 115 67.35 23.61 13.55
CA GLN H 115 66.83 24.88 13.04
C GLN H 115 66.34 24.71 11.61
N VAL H 116 65.16 25.26 11.33
CA VAL H 116 64.61 25.32 9.98
C VAL H 116 64.15 26.74 9.72
N THR H 117 64.13 27.11 8.44
CA THR H 117 63.74 28.47 8.06
C THR H 117 63.13 28.46 6.67
N VAL H 118 62.25 29.42 6.43
CA VAL H 118 61.54 29.55 5.15
C VAL H 118 61.46 31.03 4.81
N SER H 119 61.90 31.39 3.61
CA SER H 119 61.83 32.77 3.15
C SER H 119 61.80 32.85 1.63
N VAL I 4 10.65 16.98 14.25
CA VAL I 4 11.63 17.66 15.07
C VAL I 4 11.11 19.04 15.46
N GLN I 5 11.05 19.28 16.78
CA GLN I 5 10.56 20.54 17.32
C GLN I 5 11.54 21.05 18.36
N LEU I 6 11.72 22.36 18.41
CA LEU I 6 12.64 23.02 19.35
C LEU I 6 11.85 24.06 20.15
N ALA I 7 11.53 23.74 21.40
CA ALA I 7 10.77 24.65 22.25
C ALA I 7 11.74 25.60 22.94
N GLU I 8 11.55 26.90 22.71
CA GLU I 8 12.46 27.92 23.22
C GLU I 8 11.77 28.76 24.30
N SER I 9 12.58 29.23 25.25
CA SER I 9 12.08 30.08 26.32
C SER I 9 13.26 30.84 26.92
N GLY I 10 12.94 31.81 27.78
CA GLY I 10 13.94 32.58 28.47
C GLY I 10 14.22 33.95 27.88
N GLY I 11 13.66 34.26 26.71
CA GLY I 11 13.87 35.56 26.11
C GLY I 11 12.93 36.61 26.66
N GLY I 12 13.32 37.87 26.47
CA GLY I 12 12.52 38.97 26.95
C GLY I 12 13.19 40.29 26.73
N LEU I 13 12.81 41.27 27.55
CA LEU I 13 13.32 42.63 27.47
C LEU I 13 14.09 42.96 28.74
N VAL I 14 15.32 43.46 28.59
CA VAL I 14 16.14 43.84 29.73
C VAL I 14 17.03 45.01 29.31
N GLU I 15 17.45 45.79 30.30
CA GLU I 15 18.33 46.93 30.06
C GLU I 15 19.77 46.47 29.84
N PRO I 16 20.60 47.31 29.21
CA PRO I 16 22.00 46.93 29.01
C PRO I 16 22.72 46.71 30.33
N GLY I 17 23.68 45.79 30.29
CA GLY I 17 24.40 45.37 31.47
C GLY I 17 23.74 44.28 32.29
N GLY I 18 22.58 43.79 31.84
CA GLY I 18 21.86 42.74 32.55
C GLY I 18 22.31 41.36 32.14
N SER I 19 21.47 40.37 32.43
CA SER I 19 21.76 38.98 32.11
C SER I 19 20.48 38.24 31.84
N LEU I 20 20.56 37.24 30.97
CA LEU I 20 19.44 36.38 30.63
C LEU I 20 19.94 34.96 30.39
N ARG I 21 19.00 34.01 30.41
CA ARG I 21 19.29 32.62 30.07
C ARG I 21 18.26 32.13 29.08
N LEU I 22 18.71 31.82 27.87
CA LEU I 22 17.86 31.17 26.89
C LEU I 22 17.93 29.66 27.08
N SER I 23 16.81 28.99 26.84
CA SER I 23 16.71 27.54 27.02
C SER I 23 15.95 26.95 25.85
N CYS I 24 16.47 25.84 25.31
CA CYS I 24 15.87 25.17 24.18
C CYS I 24 15.78 23.67 24.46
N ALA I 25 14.57 23.13 24.34
CA ALA I 25 14.29 21.71 24.54
C ALA I 25 14.01 21.09 23.18
N ALA I 26 14.82 20.09 22.83
CA ALA I 26 14.65 19.37 21.56
C ALA I 26 13.73 18.18 21.76
N SER I 27 12.58 18.21 21.09
CA SER I 27 11.61 17.12 21.14
C SER I 27 11.45 16.54 19.74
N GLY I 28 11.17 15.24 19.69
CA GLY I 28 10.94 14.56 18.44
C GLY I 28 11.94 13.45 18.19
N ARG I 29 11.67 12.68 17.14
CA ARG I 29 12.48 11.53 16.74
C ARG I 29 13.80 12.01 16.18
N ILE I 30 14.86 11.91 16.98
CA ILE I 30 16.21 12.32 16.58
C ILE I 30 17.12 11.11 16.66
N PHE I 31 17.78 10.79 15.54
CA PHE I 31 18.70 9.67 15.52
C PHE I 31 19.96 9.98 16.32
N SER I 32 20.63 11.08 16.00
CA SER I 32 21.80 11.53 16.74
C SER I 32 21.98 13.02 16.48
N ILE I 33 23.01 13.60 17.10
CA ILE I 33 23.25 15.04 17.06
C ILE I 33 24.69 15.30 16.69
N ASN I 34 24.91 16.19 15.71
CA ASN I 34 26.26 16.67 15.41
C ASN I 34 26.65 17.76 16.40
N TYR I 35 25.99 18.91 16.32
CA TYR I 35 26.19 20.01 17.26
C TYR I 35 24.86 20.65 17.57
N MET I 36 24.84 21.42 18.66
CA MET I 36 23.68 22.19 19.07
C MET I 36 24.13 23.64 19.24
N GLY I 37 23.36 24.58 18.68
CA GLY I 37 23.80 25.96 18.66
C GLY I 37 22.67 26.94 18.82
N TRP I 38 23.05 28.20 19.04
CA TRP I 38 22.13 29.31 19.12
C TRP I 38 22.43 30.31 18.00
N GLY I 39 21.38 30.81 17.39
CA GLY I 39 21.53 31.78 16.30
C GLY I 39 20.58 32.94 16.47
N ARG I 40 21.07 34.12 16.10
CA ARG I 40 20.28 35.35 16.19
C ARG I 40 20.19 36.00 14.81
N GLN I 41 19.18 36.86 14.65
CA GLN I 41 18.97 37.54 13.38
C GLN I 41 18.43 38.93 13.66
N ALA I 42 19.21 39.95 13.33
CA ALA I 42 18.73 41.32 13.46
C ALA I 42 17.80 41.65 12.29
N PRO I 43 16.85 42.57 12.50
CA PRO I 43 15.94 42.94 11.41
C PRO I 43 16.70 43.52 10.23
N GLY I 44 16.44 42.96 9.04
CA GLY I 44 17.12 43.39 7.83
C GLY I 44 18.47 42.77 7.59
N LYS I 45 19.00 42.00 8.53
CA LYS I 45 20.29 41.34 8.41
C LYS I 45 20.09 39.84 8.26
N GLN I 46 21.19 39.12 8.07
CA GLN I 46 21.15 37.69 7.87
C GLN I 46 21.25 36.96 9.20
N ARG I 47 20.66 35.76 9.24
CA ARG I 47 20.74 34.92 10.44
C ARG I 47 22.18 34.44 10.64
N GLU I 48 22.67 34.60 11.87
CA GLU I 48 24.06 34.26 12.19
C GLU I 48 24.10 33.38 13.44
N LEU I 49 24.98 32.39 13.40
CA LEU I 49 25.17 31.44 14.49
C LEU I 49 26.21 32.00 15.46
N VAL I 50 25.81 32.22 16.71
CA VAL I 50 26.67 32.95 17.65
C VAL I 50 27.40 32.01 18.59
N ALA I 51 26.81 30.84 18.87
CA ALA I 51 27.43 29.90 19.79
C ALA I 51 26.99 28.48 19.43
N THR I 52 27.92 27.54 19.53
CA THR I 52 27.63 26.14 19.22
C THR I 52 28.37 25.23 20.20
N ILE I 53 27.82 24.03 20.39
CA ILE I 53 28.46 22.99 21.20
C ILE I 53 28.22 21.66 20.51
N THR I 54 29.28 20.87 20.35
CA THR I 54 29.16 19.58 19.67
C THR I 54 28.73 18.51 20.65
N SER I 55 28.54 17.29 20.13
CA SER I 55 28.14 16.16 20.96
C SER I 55 29.19 15.79 21.99
N GLY I 56 30.45 16.17 21.77
CA GLY I 56 31.51 15.91 22.71
C GLY I 56 31.75 17.01 23.73
N GLY I 57 30.93 18.06 23.71
CA GLY I 57 31.06 19.12 24.69
C GLY I 57 32.06 20.20 24.35
N SER I 58 32.36 20.40 23.06
CA SER I 58 33.30 21.43 22.63
C SER I 58 32.51 22.64 22.13
N THR I 59 32.80 23.80 22.69
CA THR I 59 32.06 25.02 22.40
C THR I 59 32.84 25.92 21.46
N ASN I 60 32.10 26.67 20.64
CA ASN I 60 32.66 27.60 19.67
C ASN I 60 31.78 28.83 19.60
N TYR I 61 32.39 30.00 19.77
CA TYR I 61 31.67 31.26 19.79
C TYR I 61 32.19 32.18 18.69
N VAL I 62 31.38 33.19 18.36
CA VAL I 62 31.76 34.22 17.40
C VAL I 62 32.44 35.36 18.16
N ASP I 63 33.34 36.06 17.47
CA ASP I 63 34.13 37.10 18.11
C ASP I 63 33.25 38.19 18.71
N SER I 64 32.18 38.56 18.02
CA SER I 64 31.26 39.58 18.52
C SER I 64 30.54 39.17 19.80
N VAL I 65 30.67 37.91 20.22
CA VAL I 65 29.94 37.38 21.36
C VAL I 65 30.93 36.79 22.35
N LYS I 66 32.07 36.33 21.85
CA LYS I 66 33.06 35.63 22.67
C LYS I 66 33.44 36.45 23.90
N GLY I 67 33.35 35.83 25.06
CA GLY I 67 33.68 36.48 26.31
C GLY I 67 32.47 36.76 27.18
N ARG I 68 31.34 37.08 26.55
CA ARG I 68 30.11 37.42 27.26
C ARG I 68 29.17 36.23 27.41
N PHE I 69 28.77 35.63 26.30
CA PHE I 69 27.78 34.56 26.32
C PHE I 69 28.47 33.21 26.44
N THR I 70 27.77 32.26 27.05
CA THR I 70 28.28 30.90 27.19
C THR I 70 27.17 29.90 26.87
N ILE I 71 27.45 28.97 25.97
CA ILE I 71 26.49 27.94 25.58
C ILE I 71 26.83 26.65 26.31
N SER I 72 25.80 25.96 26.79
CA SER I 72 25.98 24.73 27.54
C SER I 72 24.86 23.76 27.20
N ARG I 73 25.00 22.51 27.66
CA ARG I 73 24.01 21.48 27.39
C ARG I 73 23.87 20.57 28.60
N ASP I 74 22.62 20.30 28.98
CA ASP I 74 22.29 19.34 30.01
C ASP I 74 21.81 18.05 29.35
N ASN I 75 22.54 16.96 29.62
CA ASN I 75 22.16 15.66 29.05
C ASN I 75 20.80 15.21 29.59
N ALA I 76 20.56 15.39 30.88
CA ALA I 76 19.23 15.16 31.44
C ALA I 76 18.26 16.19 30.88
N LYS I 77 17.07 15.73 30.49
CA LYS I 77 16.06 16.54 29.81
C LYS I 77 16.52 16.94 28.41
N ASN I 78 17.81 16.71 28.10
CA ASN I 78 18.38 17.00 26.79
C ASN I 78 18.12 18.46 26.37
N THR I 79 18.52 19.37 27.24
CA THR I 79 18.27 20.80 27.03
C THR I 79 19.56 21.52 26.70
N VAL I 80 19.45 22.64 25.97
CA VAL I 80 20.60 23.46 25.64
C VAL I 80 20.34 24.88 26.15
N TYR I 81 21.31 25.42 26.88
CA TYR I 81 21.18 26.74 27.49
C TYR I 81 22.18 27.72 26.88
N LEU I 82 21.80 28.99 26.91
CA LEU I 82 22.64 30.10 26.48
C LEU I 82 22.60 31.15 27.58
N GLN I 83 23.65 31.20 28.40
CA GLN I 83 23.79 32.21 29.45
C GLN I 83 24.38 33.46 28.83
N MET I 84 23.52 34.47 28.60
CA MET I 84 23.95 35.74 28.04
C MET I 84 24.20 36.71 29.20
N ASN I 85 25.46 37.07 29.41
CA ASN I 85 25.84 38.01 30.45
C ASN I 85 26.50 39.22 29.82
N SER I 86 26.49 40.33 30.57
CA SER I 86 27.06 41.60 30.12
C SER I 86 26.46 42.01 28.78
N LEU I 87 25.13 42.13 28.79
CA LEU I 87 24.39 42.40 27.57
C LEU I 87 24.66 43.82 27.07
N LYS I 88 24.48 44.01 25.77
CA LYS I 88 24.75 45.26 25.09
C LYS I 88 23.61 45.53 24.12
N PRO I 89 23.23 46.80 23.92
CA PRO I 89 22.12 47.11 23.02
C PRO I 89 22.30 46.65 21.58
N GLU I 90 23.51 46.24 21.19
CA GLU I 90 23.69 45.71 19.83
C GLU I 90 23.18 44.29 19.69
N ASP I 91 22.83 43.62 20.79
CA ASP I 91 22.35 42.24 20.77
C ASP I 91 20.85 42.14 20.50
N THR I 92 20.18 43.27 20.21
CA THR I 92 18.75 43.25 19.93
C THR I 92 18.45 42.41 18.69
N ALA I 93 17.90 41.22 18.89
CA ALA I 93 17.64 40.32 17.77
C ALA I 93 16.65 39.25 18.18
N VAL I 94 16.17 38.51 17.19
CA VAL I 94 15.36 37.32 17.42
C VAL I 94 16.31 36.13 17.47
N TYR I 95 16.46 35.54 18.66
CA TYR I 95 17.38 34.42 18.85
C TYR I 95 16.65 33.12 18.56
N TYR I 96 17.19 32.33 17.65
CA TYR I 96 16.64 31.04 17.27
C TYR I 96 17.49 29.92 17.87
N CYS I 97 16.89 28.75 17.97
CA CYS I 97 17.57 27.55 18.46
C CYS I 97 17.97 26.69 17.27
N ASN I 98 19.27 26.42 17.15
CA ASN I 98 19.80 25.64 16.05
C ASN I 98 20.11 24.22 16.52
N ALA I 99 19.60 23.24 15.79
CA ALA I 99 19.83 21.82 16.08
C ALA I 99 20.28 21.15 14.79
N ASN I 100 21.57 20.81 14.72
CA ASN I 100 22.09 20.05 13.59
C ASN I 100 22.07 18.58 13.98
N ILE I 101 21.00 17.90 13.57
CA ILE I 101 20.83 16.48 13.88
C ILE I 101 21.41 15.66 12.75
N ARG I 102 21.57 14.37 12.98
CA ARG I 102 21.97 13.40 11.96
C ARG I 102 20.73 12.56 11.67
N SER I 103 19.99 12.93 10.63
CA SER I 103 18.74 12.26 10.31
C SER I 103 18.97 10.77 10.06
N THR I 104 19.91 10.45 9.18
CA THR I 104 20.25 9.06 8.86
C THR I 104 21.73 8.83 9.14
N PRO I 105 22.18 7.57 9.18
CA PRO I 105 23.63 7.33 9.31
C PRO I 105 24.45 7.87 8.15
N TRP I 106 23.81 8.39 7.10
CA TRP I 106 24.52 8.94 5.96
C TRP I 106 24.12 10.36 5.61
N SER I 107 23.25 10.99 6.41
CA SER I 107 22.79 12.35 6.12
C SER I 107 22.54 13.09 7.42
N SER I 108 22.48 14.41 7.32
CA SER I 108 22.21 15.28 8.46
C SER I 108 21.13 16.29 8.09
N GLU I 109 20.59 16.96 9.11
CA GLU I 109 19.55 17.96 8.93
C GLU I 109 19.80 19.13 9.87
N ASP I 110 19.55 20.34 9.39
CA ASP I 110 19.75 21.56 10.16
C ASP I 110 18.37 22.14 10.48
N SER I 111 17.80 21.74 11.62
CA SER I 111 16.49 22.19 12.04
C SER I 111 16.63 23.39 12.96
N TRP I 112 15.77 24.39 12.77
CA TRP I 112 15.79 25.61 13.57
C TRP I 112 14.54 25.69 14.43
N GLY I 113 14.48 26.74 15.25
CA GLY I 113 13.37 26.98 16.14
C GLY I 113 12.51 28.15 15.70
N GLN I 114 11.49 28.43 16.52
CA GLN I 114 10.57 29.51 16.22
C GLN I 114 11.24 30.87 16.43
N GLY I 115 11.97 31.03 17.53
CA GLY I 115 12.68 32.27 17.78
C GLY I 115 12.05 33.11 18.88
N THR I 116 12.87 33.59 19.81
CA THR I 116 12.41 34.45 20.89
C THR I 116 13.06 35.82 20.76
N GLN I 117 12.27 36.87 20.99
CA GLN I 117 12.75 38.23 20.84
C GLN I 117 13.58 38.63 22.05
N VAL I 118 14.74 39.23 21.82
CA VAL I 118 15.61 39.72 22.89
C VAL I 118 16.03 41.13 22.53
N THR I 119 15.50 42.11 23.25
CA THR I 119 15.84 43.51 23.06
C THR I 119 16.59 44.02 24.28
N VAL I 120 17.62 44.82 24.03
CA VAL I 120 18.47 45.35 25.09
C VAL I 120 18.60 46.86 24.96
N ASP J 3 -41.72 -5.51 29.42
CA ASP J 3 -42.36 -5.92 28.17
C ASP J 3 -43.51 -4.99 27.80
N VAL J 4 -44.38 -5.47 26.93
CA VAL J 4 -45.54 -4.71 26.46
C VAL J 4 -46.81 -5.48 26.81
N GLN J 5 -47.82 -4.77 27.29
CA GLN J 5 -49.10 -5.36 27.64
C GLN J 5 -50.20 -4.69 26.84
N LEU J 6 -51.02 -5.48 26.17
CA LEU J 6 -52.17 -4.99 25.43
C LEU J 6 -53.45 -5.42 26.12
N VAL J 7 -54.39 -4.49 26.23
CA VAL J 7 -55.68 -4.76 26.86
C VAL J 7 -56.79 -4.46 25.86
N GLU J 8 -57.60 -5.47 25.56
CA GLU J 8 -58.74 -5.33 24.67
C GLU J 8 -60.02 -5.04 25.47
N SER J 9 -60.97 -4.39 24.80
CA SER J 9 -62.27 -4.12 25.41
C SER J 9 -63.25 -3.70 24.33
N GLY J 10 -64.49 -4.16 24.45
CA GLY J 10 -65.56 -3.71 23.57
C GLY J 10 -66.32 -4.78 22.83
N GLY J 11 -65.97 -6.06 22.95
CA GLY J 11 -66.67 -7.11 22.25
C GLY J 11 -67.86 -7.65 23.02
N GLY J 12 -68.83 -8.18 22.29
CA GLY J 12 -70.01 -8.75 22.92
C GLY J 12 -71.01 -9.34 21.93
N LEU J 13 -72.29 -9.10 22.16
CA LEU J 13 -73.35 -9.63 21.32
C LEU J 13 -73.95 -8.48 20.49
N VAL J 14 -74.07 -8.70 19.19
CA VAL J 14 -74.63 -7.70 18.29
C VAL J 14 -75.51 -8.40 17.26
N GLN J 15 -76.50 -7.67 16.76
CA GLN J 15 -77.41 -8.21 15.76
C GLN J 15 -76.79 -8.12 14.37
N ALA J 16 -77.47 -8.71 13.39
CA ALA J 16 -77.01 -8.64 12.01
C ALA J 16 -77.12 -7.22 11.48
N GLY J 17 -76.08 -6.78 10.76
CA GLY J 17 -76.05 -5.41 10.29
C GLY J 17 -75.85 -4.37 11.36
N GLY J 18 -75.52 -4.78 12.58
CA GLY J 18 -75.31 -3.85 13.67
C GLY J 18 -73.92 -3.24 13.64
N SER J 19 -73.49 -2.77 14.80
CA SER J 19 -72.19 -2.14 14.92
C SER J 19 -71.61 -2.42 16.30
N LEU J 20 -70.28 -2.33 16.39
CA LEU J 20 -69.58 -2.60 17.63
C LEU J 20 -68.19 -2.00 17.57
N GLY J 21 -67.70 -1.52 18.71
CA GLY J 21 -66.39 -0.91 18.75
C GLY J 21 -65.42 -1.64 19.64
N LEU J 22 -64.21 -1.87 19.13
CA LEU J 22 -63.14 -2.52 19.87
C LEU J 22 -62.05 -1.50 20.17
N SER J 23 -61.41 -1.67 21.33
CA SER J 23 -60.34 -0.79 21.77
C SER J 23 -59.21 -1.64 22.33
N CYS J 24 -57.98 -1.24 22.04
CA CYS J 24 -56.79 -1.93 22.51
C CYS J 24 -55.84 -0.88 23.06
N ALA J 25 -55.44 -1.04 24.31
CA ALA J 25 -54.57 -0.11 25.00
C ALA J 25 -53.21 -0.78 25.23
N ALA J 26 -52.15 -0.13 24.76
CA ALA J 26 -50.78 -0.61 24.92
C ALA J 26 -50.12 0.10 26.09
N SER J 27 -49.43 -0.68 26.93
CA SER J 27 -48.75 -0.13 28.10
C SER J 27 -47.43 -0.84 28.30
N GLY J 28 -46.38 -0.07 28.57
CA GLY J 28 -45.09 -0.65 28.84
C GLY J 28 -43.94 0.04 28.13
N THR J 29 -43.07 -0.74 27.51
CA THR J 29 -41.89 -0.22 26.83
C THR J 29 -42.20 0.02 25.36
N ILE J 30 -42.98 1.08 25.12
CA ILE J 30 -43.27 1.50 23.75
C ILE J 30 -42.06 2.25 23.19
N PHE J 31 -41.95 2.25 21.86
CA PHE J 31 -40.85 2.91 21.17
C PHE J 31 -41.37 3.61 19.90
N ALA J 32 -42.35 4.49 20.09
CA ALA J 32 -42.87 5.34 19.02
C ALA J 32 -43.31 4.55 17.81
N VAL J 33 -42.54 4.65 16.72
CA VAL J 33 -42.86 4.01 15.44
C VAL J 33 -43.13 2.52 15.61
N ASN J 34 -44.32 2.09 15.23
CA ASN J 34 -44.74 0.71 15.38
C ASN J 34 -45.97 0.51 14.51
N THR J 35 -46.47 -0.72 14.46
CA THR J 35 -47.68 -1.04 13.73
C THR J 35 -48.62 -1.81 14.64
N MET J 36 -49.81 -1.25 14.89
CA MET J 36 -50.78 -1.90 15.76
C MET J 36 -52.02 -2.24 14.95
N GLY J 37 -52.59 -3.40 15.23
CA GLY J 37 -53.73 -3.81 14.43
C GLY J 37 -54.61 -4.82 15.12
N TRP J 38 -55.71 -5.14 14.45
CA TRP J 38 -56.68 -6.12 14.89
C TRP J 38 -56.70 -7.31 13.95
N TYR J 39 -56.73 -8.50 14.54
CA TYR J 39 -56.77 -9.78 13.85
C TYR J 39 -57.91 -10.59 14.45
N ARG J 40 -58.56 -11.39 13.61
CA ARG J 40 -59.65 -12.25 14.06
C ARG J 40 -59.24 -13.71 14.00
N GLN J 41 -59.89 -14.51 14.82
CA GLN J 41 -59.75 -15.97 14.77
C GLN J 41 -61.12 -16.59 14.98
N ALA J 42 -61.63 -17.26 13.95
CA ALA J 42 -62.86 -18.03 13.97
C ALA J 42 -62.58 -19.44 14.46
N PRO J 43 -63.61 -20.17 14.91
CA PRO J 43 -63.39 -21.56 15.34
C PRO J 43 -62.84 -22.42 14.22
N GLY J 44 -61.73 -23.10 14.50
CA GLY J 44 -61.14 -24.00 13.54
C GLY J 44 -60.35 -23.34 12.43
N LYS J 45 -60.34 -22.02 12.37
CA LYS J 45 -59.60 -21.29 11.35
C LYS J 45 -58.32 -20.73 11.94
N GLN J 46 -57.50 -20.15 11.06
CA GLN J 46 -56.25 -19.55 11.47
C GLN J 46 -56.44 -18.05 11.74
N ARG J 47 -55.57 -17.51 12.58
CA ARG J 47 -55.60 -16.09 12.88
C ARG J 47 -55.29 -15.27 11.64
N GLU J 48 -56.27 -14.53 11.13
CA GLU J 48 -56.13 -13.75 9.92
C GLU J 48 -56.23 -12.27 10.26
N MET J 49 -55.87 -11.43 9.29
CA MET J 49 -55.79 -9.99 9.51
C MET J 49 -57.14 -9.34 9.30
N VAL J 50 -57.49 -8.42 10.20
CA VAL J 50 -58.69 -7.61 10.04
C VAL J 50 -58.26 -6.24 9.51
N ALA J 51 -57.49 -5.51 10.32
CA ALA J 51 -57.04 -4.19 9.89
C ALA J 51 -55.86 -3.73 10.73
N THR J 52 -54.80 -3.28 10.07
CA THR J 52 -53.60 -2.79 10.74
C THR J 52 -53.39 -1.33 10.41
N SER J 53 -52.73 -0.62 11.33
CA SER J 53 -52.42 0.79 11.14
C SER J 53 -51.04 1.09 11.71
N SER J 54 -50.31 1.97 11.03
CA SER J 54 -48.98 2.36 11.44
C SER J 54 -49.06 3.50 12.46
N TYR J 55 -47.89 3.99 12.88
CA TYR J 55 -47.84 5.08 13.85
C TYR J 55 -48.41 6.38 13.27
N TYR J 56 -48.40 6.54 11.94
CA TYR J 56 -48.89 7.74 11.29
C TYR J 56 -50.17 7.50 10.50
N GLY J 57 -50.81 6.35 10.68
CA GLY J 57 -52.10 6.10 10.08
C GLY J 57 -52.11 5.37 8.75
N ARG J 58 -51.02 4.69 8.39
CA ARG J 58 -51.02 3.87 7.17
C ARG J 58 -51.92 2.67 7.36
N THR J 59 -53.19 2.80 6.95
CA THR J 59 -54.18 1.76 7.20
C THR J 59 -54.10 0.68 6.12
N ASN J 60 -54.30 -0.57 6.54
CA ASN J 60 -54.33 -1.72 5.65
C ASN J 60 -55.52 -2.58 6.04
N TYR J 61 -56.55 -2.59 5.19
CA TYR J 61 -57.78 -3.32 5.47
C TYR J 61 -57.80 -4.64 4.71
N ALA J 62 -58.31 -5.68 5.37
CA ALA J 62 -58.58 -6.91 4.67
C ALA J 62 -59.80 -6.74 3.76
N ASP J 63 -59.89 -7.61 2.75
CA ASP J 63 -60.99 -7.52 1.80
C ASP J 63 -62.34 -7.71 2.49
N SER J 64 -62.38 -8.51 3.55
CA SER J 64 -63.61 -8.69 4.31
C SER J 64 -63.96 -7.45 5.13
N ALA J 65 -62.97 -6.62 5.46
CA ALA J 65 -63.20 -5.45 6.29
C ALA J 65 -63.45 -4.17 5.50
N LYS J 66 -63.05 -4.14 4.23
CA LYS J 66 -63.19 -2.92 3.44
C LYS J 66 -64.66 -2.55 3.26
N GLY J 67 -64.96 -1.27 3.45
CA GLY J 67 -66.30 -0.76 3.30
C GLY J 67 -67.15 -0.82 4.56
N ARG J 68 -66.81 -1.70 5.50
CA ARG J 68 -67.57 -1.85 6.74
C ARG J 68 -66.80 -1.38 7.97
N PHE J 69 -65.56 -1.83 8.14
CA PHE J 69 -64.79 -1.55 9.34
C PHE J 69 -63.89 -0.34 9.11
N THR J 70 -63.50 0.29 10.23
CA THR J 70 -62.64 1.46 10.16
C THR J 70 -61.72 1.47 11.38
N ILE J 71 -60.41 1.47 11.15
CA ILE J 71 -59.43 1.49 12.22
C ILE J 71 -59.00 2.92 12.48
N SER J 72 -58.84 3.27 13.74
CA SER J 72 -58.37 4.59 14.17
C SER J 72 -57.29 4.39 15.22
N ARG J 73 -56.59 5.48 15.53
CA ARG J 73 -55.45 5.38 16.44
C ARG J 73 -55.26 6.70 17.18
N ASP J 74 -54.98 6.60 18.47
CA ASP J 74 -54.65 7.75 19.32
C ASP J 74 -53.30 7.43 19.97
N ASN J 75 -52.24 7.99 19.39
CA ASN J 75 -50.89 7.74 19.91
C ASN J 75 -50.63 8.44 21.24
N ALA J 76 -51.41 9.47 21.56
CA ALA J 76 -51.23 10.16 22.84
C ALA J 76 -51.49 9.22 24.01
N LYS J 77 -52.46 8.33 23.87
CA LYS J 77 -52.76 7.32 24.88
C LYS J 77 -52.32 5.93 24.47
N ASN J 78 -51.64 5.80 23.32
CA ASN J 78 -51.17 4.50 22.81
C ASN J 78 -52.32 3.51 22.67
N THR J 79 -53.39 3.96 22.01
CA THR J 79 -54.60 3.17 21.87
C THR J 79 -54.95 3.03 20.39
N VAL J 80 -55.46 1.85 20.03
CA VAL J 80 -55.94 1.59 18.67
C VAL J 80 -57.40 1.15 18.76
N TYR J 81 -58.24 1.74 17.93
CA TYR J 81 -59.67 1.48 17.95
C TYR J 81 -60.12 0.91 16.61
N LEU J 82 -61.18 0.11 16.65
CA LEU J 82 -61.76 -0.48 15.45
C LEU J 82 -63.27 -0.36 15.53
N GLN J 83 -63.85 0.48 14.69
CA GLN J 83 -65.29 0.61 14.59
C GLN J 83 -65.78 -0.33 13.50
N MET J 84 -66.46 -1.40 13.90
CA MET J 84 -66.98 -2.40 12.97
C MET J 84 -68.46 -2.12 12.74
N ASN J 85 -68.84 -1.87 11.49
CA ASN J 85 -70.21 -1.55 11.13
C ASN J 85 -70.73 -2.59 10.14
N SER J 86 -72.06 -2.72 10.10
CA SER J 86 -72.74 -3.67 9.24
C SER J 86 -72.20 -5.08 9.45
N LEU J 87 -72.21 -5.51 10.70
CA LEU J 87 -71.65 -6.80 11.07
C LEU J 87 -72.52 -7.94 10.54
N LYS J 88 -71.88 -9.07 10.30
CA LYS J 88 -72.51 -10.27 9.76
C LYS J 88 -72.14 -11.45 10.62
N PRO J 89 -72.92 -12.54 10.57
CA PRO J 89 -72.60 -13.70 11.42
C PRO J 89 -71.24 -14.30 11.17
N GLU J 90 -70.67 -14.14 9.97
CA GLU J 90 -69.36 -14.68 9.67
C GLU J 90 -68.25 -13.97 10.45
N ASP J 91 -68.53 -12.79 10.99
CA ASP J 91 -67.55 -12.03 11.75
C ASP J 91 -67.43 -12.52 13.19
N THR J 92 -68.21 -13.52 13.59
CA THR J 92 -68.16 -14.05 14.95
C THR J 92 -66.81 -14.71 15.18
N ALA J 93 -65.99 -14.11 16.04
CA ALA J 93 -64.63 -14.60 16.25
C ALA J 93 -64.05 -13.97 17.50
N VAL J 94 -62.88 -14.47 17.90
CA VAL J 94 -62.09 -13.85 18.95
C VAL J 94 -61.13 -12.89 18.29
N TYR J 95 -61.24 -11.61 18.65
CA TYR J 95 -60.43 -10.55 18.05
C TYR J 95 -59.30 -10.19 18.99
N TYR J 96 -58.06 -10.32 18.52
CA TYR J 96 -56.88 -9.93 19.24
C TYR J 96 -56.29 -8.69 18.60
N CYS J 97 -55.54 -7.92 19.39
CA CYS J 97 -54.77 -6.82 18.85
C CYS J 97 -53.29 -7.14 18.98
N ASN J 98 -52.53 -6.69 17.99
CA ASN J 98 -51.09 -6.92 17.94
C ASN J 98 -50.34 -5.59 17.87
N TYR J 99 -49.14 -5.62 18.41
CA TYR J 99 -48.19 -4.51 18.43
C TYR J 99 -46.90 -5.04 17.85
N GLU J 100 -46.60 -4.66 16.60
CA GLU J 100 -45.46 -5.16 15.87
C GLU J 100 -44.42 -4.06 15.70
N ARG J 101 -43.15 -4.43 15.89
CA ARG J 101 -42.03 -3.51 15.75
C ARG J 101 -40.94 -4.24 14.96
N VAL J 102 -40.64 -3.74 13.77
CA VAL J 102 -39.64 -4.34 12.88
C VAL J 102 -38.37 -3.53 12.97
N ALA J 103 -37.28 -4.20 13.35
CA ALA J 103 -35.96 -3.58 13.47
C ALA J 103 -35.12 -4.01 12.28
N PHE J 104 -34.61 -3.02 11.53
CA PHE J 104 -33.71 -3.20 10.40
C PHE J 104 -34.30 -4.09 9.31
N GLY J 105 -35.64 -4.20 9.27
CA GLY J 105 -36.31 -5.04 8.30
C GLY J 105 -35.94 -6.51 8.44
N SER J 106 -35.30 -6.84 9.56
CA SER J 106 -34.80 -8.18 9.82
C SER J 106 -35.43 -8.82 11.04
N ALA J 107 -35.41 -8.14 12.19
CA ALA J 107 -35.99 -8.68 13.41
C ALA J 107 -37.40 -8.17 13.58
N ARG J 108 -38.28 -9.01 14.10
CA ARG J 108 -39.66 -8.61 14.35
C ARG J 108 -40.01 -8.92 15.80
N GLU J 109 -40.72 -7.99 16.42
CA GLU J 109 -41.21 -8.15 17.79
C GLU J 109 -42.72 -7.92 17.77
N THR J 110 -43.49 -8.98 17.96
CA THR J 110 -44.93 -8.91 17.93
C THR J 110 -45.49 -9.29 19.30
N TYR J 111 -46.31 -8.42 19.86
CA TYR J 111 -46.97 -8.66 21.14
C TYR J 111 -48.47 -8.71 20.93
N TRP J 112 -49.10 -9.76 21.43
CA TRP J 112 -50.53 -9.98 21.26
C TRP J 112 -51.28 -9.77 22.57
N GLY J 113 -52.58 -9.51 22.45
CA GLY J 113 -53.45 -9.40 23.59
C GLY J 113 -54.25 -10.67 23.81
N GLN J 114 -54.94 -10.72 24.95
CA GLN J 114 -55.72 -11.91 25.28
C GLN J 114 -56.90 -12.10 24.35
N GLY J 115 -57.47 -11.01 23.83
CA GLY J 115 -58.54 -11.11 22.86
C GLY J 115 -59.93 -10.94 23.44
N THR J 116 -60.80 -10.29 22.69
CA THR J 116 -62.18 -10.07 23.08
C THR J 116 -63.11 -10.84 22.14
N GLN J 117 -64.18 -11.40 22.68
CA GLN J 117 -65.10 -12.23 21.91
C GLN J 117 -66.16 -11.38 21.25
N VAL J 118 -66.31 -11.51 19.93
CA VAL J 118 -67.37 -10.83 19.19
C VAL J 118 -68.29 -11.90 18.62
N THR J 119 -69.58 -11.82 18.96
CA THR J 119 -70.56 -12.83 18.57
C THR J 119 -71.71 -12.10 17.88
N VAL J 120 -71.75 -12.19 16.55
CA VAL J 120 -72.76 -11.54 15.74
C VAL J 120 -73.87 -12.54 15.43
N SER J 121 -75.09 -12.23 15.85
CA SER J 121 -76.25 -13.06 15.58
C SER J 121 -77.08 -12.44 14.45
N SER J 122 -78.07 -13.20 13.99
CA SER J 122 -78.93 -12.75 12.91
C SER J 122 -80.17 -12.05 13.44
K K K . -40.43 -3.81 7.34
P PO4 L . 0.07 -13.07 6.99
O1 PO4 L . -0.17 -13.54 5.52
O2 PO4 L . 1.56 -12.60 7.15
O3 PO4 L . -0.91 -11.88 7.32
O4 PO4 L . -0.23 -14.25 7.98
P PO4 M . 72.91 12.78 -23.44
O1 PO4 M . 74.36 12.96 -23.97
O2 PO4 M . 72.16 14.16 -23.52
O3 PO4 M . 72.15 11.71 -24.32
O4 PO4 M . 72.94 12.29 -21.95
K K N . -3.04 -39.06 -51.70
K K O . 25.04 -14.20 7.04
P PO4 P . 1.06 -24.95 -53.09
O1 PO4 P . 1.55 -26.44 -53.02
O2 PO4 P . 1.95 -24.07 -52.16
O3 PO4 P . 1.17 -24.44 -54.57
O4 PO4 P . -0.44 -24.87 -52.62
K K Q . 40.10 2.04 -7.32
#